data_7K4J
#
_entry.id   7K4J
#
_cell.length_a   53.430
_cell.length_b   287.060
_cell.length_c   67.380
_cell.angle_alpha   90.000
_cell.angle_beta   90.110
_cell.angle_gamma   90.000
#
_symmetry.space_group_name_H-M   'P 1 21 1'
#
loop_
_entity.id
_entity.type
_entity.pdbx_description
1 polymer Arginase-1
2 non-polymer 'MANGANESE (II) ION'
3 non-polymer 3-[(1~{S},2~{S},5~{R})-2-carboxy-3,6-diazabicyclo[3.2.0]heptan-1-yl]propyl-$l^{3}-oxidanyl-bis(oxidanyl)boranuide
4 water water
#
_entity_poly.entity_id   1
_entity_poly.type   'polypeptide(L)'
_entity_poly.pdbx_seq_one_letter_code
;MSAKSRTIGIIGAPFSKGQPRGGVEEGPTVLRKAGLLEKLKEQECDVKDYGDLPFADIPNDSPFQIVKNPRSVGKASEQL
AGKVAEVKKNGRISLVLGGDHSLAIGSISGHARVHPDLGVIWVDAHTDINTPLTTTSGNLHGQPVSFLLKELKGKIPDVP
GFSWVTPCISAKDIVYIGLRDVDPGEHYILKTLGIKYFSMTEVDRLGIGKVMEETLSYLLGRKKRPIHLSFDVDGLDPSF
TPATGTPVVGGLTYREGLYITEEIYKTGLLSGLDIMEVNPSLGKTPEEVTRTVNTAVAITLACFGLAREGNHKPIDYLNP
PK
;
_entity_poly.pdbx_strand_id   A,B,C,D,E,F
#
# COMPACT_ATOMS: atom_id res chain seq x y z
N ALA A 3 6.08 29.19 -39.49
CA ALA A 3 6.58 28.52 -38.29
C ALA A 3 6.01 27.13 -38.20
N LYS A 4 6.80 26.16 -37.68
CA LYS A 4 6.40 24.74 -37.54
C LYS A 4 5.02 24.54 -36.88
N SER A 5 4.67 25.37 -35.87
CA SER A 5 3.38 25.29 -35.16
C SER A 5 2.19 25.76 -36.03
N ARG A 6 2.48 26.45 -37.14
CA ARG A 6 1.47 26.95 -38.07
C ARG A 6 1.72 26.45 -39.50
N THR A 7 2.33 25.25 -39.64
CA THR A 7 2.59 24.62 -40.94
C THR A 7 1.76 23.36 -40.93
N ILE A 8 0.75 23.30 -41.81
CA ILE A 8 -0.28 22.27 -41.81
C ILE A 8 -0.51 21.50 -43.13
N GLY A 9 -0.70 20.19 -42.98
CA GLY A 9 -1.11 19.27 -44.02
C GLY A 9 -2.52 18.79 -43.72
N ILE A 10 -3.51 19.23 -44.54
CA ILE A 10 -4.96 18.93 -44.45
C ILE A 10 -5.27 17.60 -45.08
N ILE A 11 -5.97 16.74 -44.35
CA ILE A 11 -6.40 15.44 -44.83
C ILE A 11 -7.91 15.25 -44.58
N GLY A 12 -8.68 15.17 -45.66
CA GLY A 12 -10.10 14.86 -45.58
C GLY A 12 -10.28 13.35 -45.45
N ALA A 13 -11.05 12.92 -44.43
CA ALA A 13 -11.27 11.48 -44.22
C ALA A 13 -12.81 11.23 -44.16
N PRO A 14 -13.46 11.18 -45.35
CA PRO A 14 -14.93 11.07 -45.39
C PRO A 14 -15.43 9.65 -45.19
N PHE A 15 -15.27 9.13 -43.98
CA PHE A 15 -15.60 7.74 -43.63
C PHE A 15 -16.60 7.63 -42.46
N SER A 16 -17.64 6.79 -42.61
CA SER A 16 -18.67 6.64 -41.59
C SER A 16 -18.88 5.19 -41.04
N LYS A 17 -18.24 4.18 -41.63
CA LYS A 17 -18.45 2.76 -41.29
C LYS A 17 -17.95 2.27 -39.92
N GLY A 18 -17.42 3.15 -39.08
CA GLY A 18 -17.00 2.79 -37.73
C GLY A 18 -18.13 2.93 -36.73
N GLN A 19 -19.29 3.39 -37.25
CA GLN A 19 -20.52 3.60 -36.48
C GLN A 19 -21.81 3.43 -37.36
N PRO A 20 -23.03 3.30 -36.78
CA PRO A 20 -24.20 3.07 -37.65
C PRO A 20 -24.89 4.33 -38.21
N ARG A 21 -24.65 5.53 -37.65
CA ARG A 21 -25.37 6.74 -38.06
C ARG A 21 -24.80 7.46 -39.31
N GLY A 22 -25.62 7.57 -40.35
CA GLY A 22 -25.24 8.23 -41.59
C GLY A 22 -25.07 9.72 -41.47
N GLY A 23 -24.12 10.26 -42.23
CA GLY A 23 -23.85 11.69 -42.35
C GLY A 23 -22.48 12.17 -41.93
N VAL A 24 -21.79 11.41 -41.05
CA VAL A 24 -20.50 11.83 -40.49
C VAL A 24 -19.41 11.86 -41.59
N GLU A 25 -19.60 11.08 -42.68
CA GLU A 25 -18.68 11.12 -43.84
C GLU A 25 -18.76 12.51 -44.53
N GLU A 26 -19.78 13.31 -44.20
CA GLU A 26 -19.90 14.66 -44.77
C GLU A 26 -19.20 15.72 -43.93
N GLY A 27 -18.51 15.30 -42.89
CA GLY A 27 -17.72 16.16 -42.01
C GLY A 27 -16.67 16.95 -42.77
N PRO A 28 -15.81 16.31 -43.60
CA PRO A 28 -14.84 17.11 -44.39
C PRO A 28 -15.49 18.19 -45.26
N THR A 29 -16.64 17.88 -45.92
CA THR A 29 -17.39 18.79 -46.78
C THR A 29 -17.84 20.09 -46.08
N VAL A 30 -18.56 19.98 -44.94
CA VAL A 30 -19.08 21.16 -44.25
C VAL A 30 -17.95 21.94 -43.54
N LEU A 31 -16.93 21.26 -42.97
CA LEU A 31 -15.79 21.98 -42.35
C LEU A 31 -15.08 22.84 -43.41
N ARG A 32 -14.90 22.28 -44.66
CA ARG A 32 -14.31 22.93 -45.84
C ARG A 32 -15.21 24.08 -46.28
N LYS A 33 -16.57 23.82 -46.45
CA LYS A 33 -17.53 24.84 -46.90
C LYS A 33 -17.55 26.04 -45.97
N ALA A 34 -17.40 25.81 -44.63
CA ALA A 34 -17.38 26.89 -43.63
C ALA A 34 -16.08 27.75 -43.73
N GLY A 35 -15.20 27.38 -44.65
CA GLY A 35 -13.98 28.12 -44.97
C GLY A 35 -12.81 27.93 -44.02
N LEU A 36 -12.65 26.72 -43.49
CA LEU A 36 -11.58 26.33 -42.57
C LEU A 36 -10.17 26.62 -43.09
N LEU A 37 -9.89 26.24 -44.36
CA LEU A 37 -8.58 26.43 -44.98
C LEU A 37 -8.20 27.88 -45.19
N GLU A 38 -9.17 28.68 -45.62
CA GLU A 38 -9.04 30.12 -45.88
C GLU A 38 -8.77 30.88 -44.58
N LYS A 39 -9.52 30.59 -43.50
CA LYS A 39 -9.36 31.20 -42.17
C LYS A 39 -7.99 30.85 -41.56
N LEU A 40 -7.55 29.57 -41.69
CA LEU A 40 -6.24 29.12 -41.22
C LEU A 40 -5.15 29.95 -41.95
N LYS A 41 -5.27 30.10 -43.30
CA LYS A 41 -4.36 30.91 -44.13
C LYS A 41 -4.33 32.40 -43.71
N GLU A 42 -5.47 32.91 -43.23
CA GLU A 42 -5.65 34.28 -42.72
C GLU A 42 -5.00 34.46 -41.33
N GLN A 43 -4.64 33.34 -40.69
CA GLN A 43 -4.02 33.28 -39.36
C GLN A 43 -2.50 33.04 -39.51
N GLU A 44 -1.97 33.35 -40.70
CA GLU A 44 -0.58 33.22 -41.13
C GLU A 44 -0.07 31.76 -41.04
N CYS A 45 -0.93 30.81 -41.40
CA CYS A 45 -0.56 29.40 -41.48
C CYS A 45 -0.10 29.08 -42.91
N ASP A 46 0.77 28.06 -43.06
CA ASP A 46 1.26 27.55 -44.33
C ASP A 46 0.44 26.28 -44.50
N VAL A 47 -0.67 26.41 -45.22
CA VAL A 47 -1.62 25.33 -45.39
C VAL A 47 -1.43 24.59 -46.72
N LYS A 48 -1.20 23.26 -46.66
CA LYS A 48 -1.13 22.38 -47.83
C LYS A 48 -2.31 21.41 -47.69
N ASP A 49 -3.01 21.18 -48.78
CA ASP A 49 -4.21 20.34 -48.78
C ASP A 49 -3.94 19.03 -49.52
N TYR A 50 -3.85 17.93 -48.78
CA TYR A 50 -3.59 16.62 -49.35
C TYR A 50 -4.89 15.95 -49.90
N GLY A 51 -5.98 16.70 -49.89
CA GLY A 51 -7.26 16.24 -50.44
C GLY A 51 -8.06 15.34 -49.53
N ASP A 52 -9.21 14.86 -50.05
CA ASP A 52 -10.09 13.95 -49.31
C ASP A 52 -9.79 12.54 -49.81
N LEU A 53 -9.42 11.63 -48.89
CA LEU A 53 -9.09 10.26 -49.21
C LEU A 53 -10.26 9.53 -49.86
N PRO A 54 -10.01 8.81 -50.96
CA PRO A 54 -11.11 8.05 -51.58
C PRO A 54 -11.26 6.72 -50.81
N PHE A 55 -12.43 6.45 -50.23
CA PHE A 55 -12.66 5.19 -49.52
C PHE A 55 -13.55 4.24 -50.35
N ALA A 56 -12.89 3.25 -50.97
CA ALA A 56 -13.52 2.26 -51.82
C ALA A 56 -14.46 1.36 -51.04
N ASP A 57 -15.68 1.15 -51.60
CA ASP A 57 -16.73 0.32 -51.04
C ASP A 57 -16.25 -1.14 -50.96
N ILE A 58 -16.37 -1.76 -49.78
CA ILE A 58 -15.92 -3.14 -49.65
C ILE A 58 -17.13 -4.08 -49.73
N PRO A 59 -17.31 -4.77 -50.88
CA PRO A 59 -18.42 -5.73 -50.98
C PRO A 59 -18.10 -6.96 -50.12
N ASN A 60 -19.14 -7.56 -49.53
CA ASN A 60 -19.05 -8.78 -48.68
C ASN A 60 -18.18 -8.59 -47.43
N ASP A 61 -18.24 -7.38 -46.83
CA ASP A 61 -17.48 -7.08 -45.62
C ASP A 61 -18.26 -7.63 -44.41
N SER A 62 -18.21 -8.96 -44.28
CA SER A 62 -18.85 -9.78 -43.25
C SER A 62 -18.38 -9.35 -41.86
N PRO A 63 -19.24 -9.38 -40.83
CA PRO A 63 -18.77 -8.97 -39.49
C PRO A 63 -17.87 -10.00 -38.82
N PHE A 64 -16.93 -9.49 -38.01
CA PHE A 64 -16.06 -10.32 -37.21
C PHE A 64 -16.86 -10.39 -35.92
N GLN A 65 -17.38 -11.57 -35.54
CA GLN A 65 -18.25 -11.74 -34.35
C GLN A 65 -19.42 -10.68 -34.40
N ILE A 66 -19.42 -9.66 -33.54
CA ILE A 66 -20.47 -8.61 -33.57
C ILE A 66 -19.95 -7.28 -34.20
N VAL A 67 -18.64 -7.24 -34.50
CA VAL A 67 -17.91 -6.09 -35.01
C VAL A 67 -18.27 -5.83 -36.48
N LYS A 68 -18.94 -4.69 -36.72
CA LYS A 68 -19.47 -4.29 -38.03
C LYS A 68 -18.44 -3.62 -38.89
N ASN A 69 -18.47 -3.97 -40.21
CA ASN A 69 -17.61 -3.45 -41.29
C ASN A 69 -16.10 -3.51 -40.94
N PRO A 70 -15.54 -4.68 -40.54
CA PRO A 70 -14.14 -4.71 -40.13
C PRO A 70 -13.11 -4.44 -41.23
N ARG A 71 -13.30 -4.98 -42.48
CA ARG A 71 -12.35 -4.72 -43.57
C ARG A 71 -12.40 -3.27 -43.99
N SER A 72 -13.60 -2.68 -44.04
CA SER A 72 -13.79 -1.25 -44.43
C SER A 72 -13.12 -0.28 -43.48
N VAL A 73 -13.30 -0.48 -42.15
CA VAL A 73 -12.70 0.33 -41.08
C VAL A 73 -11.17 0.17 -41.09
N GLY A 74 -10.68 -1.06 -41.14
CA GLY A 74 -9.26 -1.38 -41.19
C GLY A 74 -8.57 -0.79 -42.41
N LYS A 75 -9.20 -0.93 -43.59
CA LYS A 75 -8.67 -0.42 -44.87
C LYS A 75 -8.59 1.08 -44.87
N ALA A 76 -9.65 1.76 -44.37
CA ALA A 76 -9.72 3.21 -44.30
C ALA A 76 -8.64 3.77 -43.37
N SER A 77 -8.37 3.08 -42.23
CA SER A 77 -7.31 3.50 -41.28
C SER A 77 -5.95 3.20 -41.84
N GLU A 78 -5.83 2.10 -42.62
CA GLU A 78 -4.57 1.75 -43.29
C GLU A 78 -4.20 2.82 -44.30
N GLN A 79 -5.19 3.31 -45.03
CA GLN A 79 -5.05 4.35 -46.05
C GLN A 79 -4.62 5.66 -45.36
N LEU A 80 -5.32 5.99 -44.26
CA LEU A 80 -5.09 7.19 -43.46
C LEU A 80 -3.70 7.19 -42.83
N ALA A 81 -3.25 6.04 -42.33
CA ALA A 81 -1.93 5.87 -41.78
C ALA A 81 -0.86 6.22 -42.82
N GLY A 82 -1.02 5.72 -44.05
CA GLY A 82 -0.10 6.00 -45.15
C GLY A 82 0.01 7.48 -45.45
N LYS A 83 -1.15 8.16 -45.59
CA LYS A 83 -1.27 9.62 -45.85
C LYS A 83 -0.70 10.50 -44.72
N VAL A 84 -1.08 10.22 -43.44
CA VAL A 84 -0.60 10.95 -42.26
C VAL A 84 0.94 10.89 -42.22
N ALA A 85 1.55 9.70 -42.45
CA ALA A 85 3.00 9.52 -42.47
C ALA A 85 3.70 10.40 -43.54
N GLU A 86 3.10 10.54 -44.74
CA GLU A 86 3.59 11.38 -45.83
C GLU A 86 3.53 12.87 -45.43
N VAL A 87 2.45 13.29 -44.76
CA VAL A 87 2.27 14.67 -44.27
C VAL A 87 3.35 14.97 -43.22
N LYS A 88 3.58 14.00 -42.31
CA LYS A 88 4.57 14.15 -41.26
C LYS A 88 5.98 14.20 -41.82
N LYS A 89 6.28 13.39 -42.85
CA LYS A 89 7.57 13.41 -43.54
C LYS A 89 7.85 14.79 -44.22
N ASN A 90 6.79 15.55 -44.55
CA ASN A 90 6.90 16.89 -45.15
C ASN A 90 7.09 18.04 -44.15
N GLY A 91 7.28 17.70 -42.86
CA GLY A 91 7.48 18.67 -41.77
C GLY A 91 6.30 19.59 -41.54
N ARG A 92 5.10 19.03 -41.64
CA ARG A 92 3.84 19.74 -41.43
C ARG A 92 3.06 19.03 -40.36
N ILE A 93 2.15 19.76 -39.68
CA ILE A 93 1.23 19.19 -38.70
C ILE A 93 0.07 18.57 -39.49
N SER A 94 -0.20 17.28 -39.27
CA SER A 94 -1.33 16.60 -39.94
C SER A 94 -2.64 17.03 -39.30
N LEU A 95 -3.64 17.38 -40.13
CA LEU A 95 -4.94 17.82 -39.68
C LEU A 95 -5.98 16.95 -40.37
N VAL A 96 -6.54 15.98 -39.61
CA VAL A 96 -7.51 15.04 -40.14
C VAL A 96 -8.92 15.56 -39.89
N LEU A 97 -9.70 15.69 -40.96
CA LEU A 97 -11.09 16.11 -40.91
C LEU A 97 -11.94 14.87 -41.10
N GLY A 98 -12.60 14.42 -40.03
CA GLY A 98 -13.42 13.23 -40.02
C GLY A 98 -14.89 13.52 -40.25
N GLY A 99 -15.72 12.49 -40.36
CA GLY A 99 -15.35 11.08 -40.26
C GLY A 99 -15.46 10.57 -38.84
N ASP A 100 -15.85 9.30 -38.68
CA ASP A 100 -16.01 8.72 -37.35
C ASP A 100 -14.65 8.51 -36.67
N HIS A 101 -14.64 8.30 -35.33
CA HIS A 101 -13.41 8.18 -34.55
C HIS A 101 -12.59 6.88 -34.74
N SER A 102 -13.09 5.89 -35.52
CA SER A 102 -12.27 4.67 -35.78
C SER A 102 -11.01 5.04 -36.61
N LEU A 103 -11.04 6.21 -37.25
CA LEU A 103 -9.96 6.73 -38.07
C LEU A 103 -8.70 7.07 -37.25
N ALA A 104 -8.84 7.21 -35.92
CA ALA A 104 -7.73 7.47 -35.01
C ALA A 104 -6.67 6.35 -35.07
N ILE A 105 -7.09 5.09 -35.35
CA ILE A 105 -6.19 3.95 -35.53
C ILE A 105 -5.11 4.36 -36.55
N GLY A 106 -5.53 4.81 -37.74
CA GLY A 106 -4.60 5.20 -38.79
C GLY A 106 -3.90 6.50 -38.53
N SER A 107 -4.65 7.54 -38.11
CA SER A 107 -4.11 8.86 -37.84
C SER A 107 -2.91 8.82 -36.85
N ILE A 108 -3.09 8.15 -35.68
CA ILE A 108 -2.02 7.96 -34.69
C ILE A 108 -0.93 7.03 -35.22
N SER A 109 -1.32 5.86 -35.82
CA SER A 109 -0.32 4.91 -36.34
C SER A 109 0.62 5.57 -37.35
N GLY A 110 0.04 6.34 -38.26
CA GLY A 110 0.76 7.10 -39.29
C GLY A 110 1.72 8.10 -38.69
N HIS A 111 1.27 8.79 -37.64
CA HIS A 111 2.05 9.80 -36.90
C HIS A 111 3.21 9.16 -36.15
N ALA A 112 2.96 8.02 -35.46
CA ALA A 112 3.99 7.27 -34.71
C ALA A 112 5.12 6.73 -35.61
N ARG A 113 4.83 6.45 -36.90
CA ARG A 113 5.81 5.97 -37.89
C ARG A 113 6.95 6.99 -38.11
N VAL A 114 6.61 8.29 -38.03
CA VAL A 114 7.56 9.39 -38.19
C VAL A 114 8.02 9.89 -36.78
N HIS A 115 7.09 9.93 -35.80
CA HIS A 115 7.40 10.41 -34.44
C HIS A 115 7.02 9.37 -33.36
N PRO A 116 7.79 8.27 -33.17
CA PRO A 116 7.39 7.25 -32.19
C PRO A 116 7.36 7.69 -30.71
N ASP A 117 7.91 8.85 -30.39
CA ASP A 117 7.92 9.40 -29.04
C ASP A 117 6.67 10.28 -28.76
N LEU A 118 5.68 10.32 -29.71
CA LEU A 118 4.47 11.14 -29.56
C LEU A 118 3.66 10.84 -28.28
N GLY A 119 3.06 11.89 -27.74
CA GLY A 119 2.16 11.84 -26.58
C GLY A 119 0.78 12.20 -27.08
N VAL A 120 -0.26 11.47 -26.63
CA VAL A 120 -1.65 11.63 -27.10
C VAL A 120 -2.60 12.28 -26.08
N ILE A 121 -3.25 13.37 -26.50
CA ILE A 121 -4.35 13.95 -25.71
C ILE A 121 -5.65 13.48 -26.44
N TRP A 122 -6.58 12.84 -25.72
CA TRP A 122 -7.83 12.32 -26.28
C TRP A 122 -8.96 13.10 -25.64
N VAL A 123 -9.51 14.08 -26.40
CA VAL A 123 -10.62 14.92 -25.92
C VAL A 123 -11.94 14.35 -26.46
N ASP A 124 -12.73 13.76 -25.55
CA ASP A 124 -13.94 13.02 -25.89
C ASP A 124 -14.79 12.79 -24.63
N ALA A 125 -16.08 12.52 -24.82
CA ALA A 125 -17.00 12.16 -23.74
C ALA A 125 -16.71 10.69 -23.37
N HIS A 126 -16.09 9.98 -24.30
CA HIS A 126 -15.82 8.54 -24.28
C HIS A 126 -14.36 8.14 -24.30
N THR A 127 -14.06 6.93 -23.80
CA THR A 127 -12.70 6.42 -23.82
C THR A 127 -12.33 5.76 -25.13
N ASP A 128 -13.31 5.21 -25.89
CA ASP A 128 -13.10 4.51 -27.18
C ASP A 128 -12.06 3.40 -27.05
N ILE A 129 -12.10 2.69 -25.92
CA ILE A 129 -11.08 1.69 -25.65
C ILE A 129 -11.61 0.28 -25.53
N ASN A 130 -12.84 0.05 -25.99
CA ASN A 130 -13.36 -1.31 -26.01
C ASN A 130 -12.51 -2.12 -26.97
N THR A 131 -12.33 -3.41 -26.69
CA THR A 131 -11.60 -4.28 -27.60
C THR A 131 -12.67 -4.95 -28.49
N PRO A 132 -12.32 -5.59 -29.62
CA PRO A 132 -13.35 -6.32 -30.41
C PRO A 132 -14.18 -7.35 -29.62
N LEU A 133 -13.69 -7.80 -28.44
CA LEU A 133 -14.37 -8.76 -27.57
C LEU A 133 -15.14 -8.11 -26.40
N THR A 134 -14.67 -6.96 -25.86
CA THR A 134 -15.42 -6.28 -24.78
C THR A 134 -16.60 -5.48 -25.32
N THR A 135 -16.52 -5.01 -26.58
CA THR A 135 -17.59 -4.21 -27.20
C THR A 135 -18.96 -4.89 -27.10
N THR A 136 -20.04 -4.09 -26.98
CA THR A 136 -21.41 -4.62 -26.91
C THR A 136 -22.28 -4.19 -28.10
N SER A 137 -21.75 -3.25 -28.93
CA SER A 137 -22.44 -2.71 -30.10
C SER A 137 -21.77 -3.10 -31.40
N GLY A 138 -20.49 -3.46 -31.32
CA GLY A 138 -19.66 -3.84 -32.47
C GLY A 138 -19.30 -2.66 -33.35
N ASN A 139 -19.48 -1.42 -32.84
CA ASN A 139 -19.17 -0.21 -33.62
C ASN A 139 -17.72 0.12 -33.36
N LEU A 140 -16.87 0.07 -34.41
CA LEU A 140 -15.43 0.24 -34.23
C LEU A 140 -14.95 1.62 -33.77
N HIS A 141 -15.75 2.69 -33.92
CA HIS A 141 -15.36 4.03 -33.49
C HIS A 141 -15.21 4.12 -31.96
N GLY A 142 -15.70 3.11 -31.24
CA GLY A 142 -15.59 3.02 -29.79
C GLY A 142 -14.51 2.04 -29.38
N GLN A 143 -13.64 1.66 -30.33
CA GLN A 143 -12.55 0.73 -30.04
C GLN A 143 -11.11 1.18 -30.51
N PRO A 144 -10.86 2.36 -31.15
CA PRO A 144 -9.52 2.62 -31.69
C PRO A 144 -8.37 2.67 -30.68
N VAL A 145 -8.64 3.02 -29.42
CA VAL A 145 -7.54 3.05 -28.44
C VAL A 145 -7.05 1.62 -28.14
N SER A 146 -7.95 0.64 -28.19
CA SER A 146 -7.58 -0.76 -27.90
C SER A 146 -6.55 -1.32 -28.89
N PHE A 147 -6.62 -0.87 -30.15
CA PHE A 147 -5.76 -1.35 -31.24
C PHE A 147 -4.36 -0.76 -31.19
N LEU A 148 -4.27 0.46 -30.61
CA LEU A 148 -3.07 1.28 -30.52
C LEU A 148 -2.20 1.03 -29.31
N LEU A 149 -2.81 0.58 -28.17
CA LEU A 149 -2.11 0.34 -26.91
C LEU A 149 -1.25 -0.91 -26.93
N LYS A 150 0.03 -0.76 -26.54
CA LYS A 150 1.02 -1.85 -26.46
C LYS A 150 0.65 -2.88 -25.38
N GLU A 151 0.11 -2.39 -24.26
CA GLU A 151 -0.30 -3.21 -23.11
C GLU A 151 -1.55 -4.07 -23.40
N LEU A 152 -2.16 -3.91 -24.59
CA LEU A 152 -3.31 -4.69 -24.98
C LEU A 152 -2.97 -5.69 -26.09
N LYS A 153 -1.69 -5.76 -26.49
CA LYS A 153 -1.18 -6.74 -27.46
C LYS A 153 -1.38 -8.13 -26.82
N GLY A 154 -2.12 -9.00 -27.50
CA GLY A 154 -2.48 -10.32 -26.99
C GLY A 154 -3.92 -10.36 -26.53
N LYS A 155 -4.55 -9.18 -26.37
CA LYS A 155 -5.94 -9.05 -25.94
C LYS A 155 -6.83 -8.66 -27.13
N ILE A 156 -6.21 -8.33 -28.26
CA ILE A 156 -6.93 -7.98 -29.49
C ILE A 156 -6.80 -9.18 -30.43
N PRO A 157 -7.90 -9.86 -30.80
CA PRO A 157 -7.78 -11.00 -31.71
C PRO A 157 -7.52 -10.56 -33.16
N ASP A 158 -7.15 -11.50 -34.02
CA ASP A 158 -6.90 -11.24 -35.45
C ASP A 158 -8.25 -10.87 -36.06
N VAL A 159 -8.46 -9.55 -36.31
CA VAL A 159 -9.70 -9.02 -36.89
C VAL A 159 -9.39 -8.67 -38.35
N PRO A 160 -10.22 -9.12 -39.34
CA PRO A 160 -9.97 -8.78 -40.75
C PRO A 160 -9.85 -7.29 -41.02
N GLY A 161 -8.81 -6.94 -41.80
CA GLY A 161 -8.46 -5.58 -42.15
C GLY A 161 -7.52 -4.93 -41.15
N PHE A 162 -7.16 -5.64 -40.07
CA PHE A 162 -6.31 -5.02 -39.04
C PHE A 162 -4.89 -5.61 -38.90
N SER A 163 -4.52 -6.61 -39.72
CA SER A 163 -3.18 -7.24 -39.69
C SER A 163 -2.00 -6.27 -39.88
N TRP A 164 -2.21 -5.13 -40.59
CA TRP A 164 -1.19 -4.09 -40.78
C TRP A 164 -0.86 -3.37 -39.45
N VAL A 165 -1.84 -3.28 -38.54
CA VAL A 165 -1.76 -2.58 -37.25
C VAL A 165 -0.75 -3.20 -36.32
N THR A 166 0.04 -2.34 -35.72
CA THR A 166 1.02 -2.67 -34.69
C THR A 166 0.72 -1.69 -33.53
N PRO A 167 0.57 -2.16 -32.27
CA PRO A 167 0.36 -1.21 -31.15
C PRO A 167 1.56 -0.25 -31.04
N CYS A 168 1.30 1.07 -31.09
CA CYS A 168 2.38 2.03 -31.13
C CYS A 168 2.45 2.95 -29.91
N ILE A 169 1.45 2.91 -29.01
CA ILE A 169 1.48 3.80 -27.86
C ILE A 169 1.33 3.04 -26.53
N SER A 170 2.16 3.40 -25.52
CA SER A 170 2.05 2.82 -24.19
C SER A 170 0.87 3.46 -23.47
N ALA A 171 0.31 2.76 -22.49
CA ALA A 171 -0.82 3.24 -21.67
C ALA A 171 -0.50 4.55 -20.92
N LYS A 172 0.80 4.80 -20.65
CA LYS A 172 1.33 5.98 -19.97
C LYS A 172 1.52 7.18 -20.90
N ASP A 173 1.32 7.02 -22.21
CA ASP A 173 1.50 8.11 -23.21
C ASP A 173 0.20 8.79 -23.67
N ILE A 174 -0.91 8.59 -22.95
CA ILE A 174 -2.22 9.14 -23.31
C ILE A 174 -2.86 9.81 -22.12
N VAL A 175 -3.48 10.98 -22.36
CA VAL A 175 -4.28 11.70 -21.38
C VAL A 175 -5.69 11.90 -21.97
N TYR A 176 -6.69 11.47 -21.23
CA TYR A 176 -8.08 11.63 -21.58
C TYR A 176 -8.63 12.91 -20.89
N ILE A 177 -9.32 13.76 -21.64
CA ILE A 177 -10.02 14.93 -21.10
C ILE A 177 -11.50 14.88 -21.57
N GLY A 178 -12.46 14.98 -20.64
CA GLY A 178 -13.89 15.04 -20.97
C GLY A 178 -14.81 13.89 -20.67
N LEU A 179 -14.27 12.72 -20.23
CA LEU A 179 -15.01 11.49 -19.99
C LEU A 179 -16.27 11.61 -19.11
N ARG A 180 -17.41 11.05 -19.60
CA ARG A 180 -18.70 11.01 -18.87
C ARG A 180 -19.62 9.83 -19.25
N ASP A 181 -19.22 9.01 -20.26
CA ASP A 181 -19.96 7.84 -20.67
C ASP A 181 -19.01 6.67 -21.02
N VAL A 182 -18.59 5.95 -19.99
CA VAL A 182 -17.59 4.88 -20.07
C VAL A 182 -18.16 3.52 -19.71
N ASP A 183 -17.96 2.53 -20.59
CA ASP A 183 -18.44 1.16 -20.43
C ASP A 183 -17.70 0.40 -19.31
N PRO A 184 -18.31 -0.64 -18.69
CA PRO A 184 -17.60 -1.40 -17.63
C PRO A 184 -16.24 -1.95 -18.07
N GLY A 185 -16.20 -2.60 -19.23
CA GLY A 185 -14.94 -3.12 -19.77
C GLY A 185 -13.90 -2.04 -19.98
N GLU A 186 -14.35 -0.84 -20.43
CA GLU A 186 -13.50 0.32 -20.66
C GLU A 186 -12.98 0.84 -19.33
N HIS A 187 -13.89 1.00 -18.33
CA HIS A 187 -13.56 1.43 -16.98
C HIS A 187 -12.55 0.46 -16.34
N TYR A 188 -12.75 -0.86 -16.54
CA TYR A 188 -11.84 -1.91 -16.07
C TYR A 188 -10.43 -1.68 -16.67
N ILE A 189 -10.32 -1.55 -18.03
CA ILE A 189 -9.08 -1.33 -18.79
C ILE A 189 -8.36 -0.08 -18.29
N LEU A 190 -9.11 1.02 -18.10
CA LEU A 190 -8.66 2.31 -17.63
C LEU A 190 -7.93 2.14 -16.29
N LYS A 191 -8.56 1.41 -15.34
CA LYS A 191 -8.02 1.15 -14.00
C LYS A 191 -6.86 0.17 -13.99
N THR A 192 -6.99 -0.97 -14.70
CA THR A 192 -5.94 -2.00 -14.74
C THR A 192 -4.67 -1.58 -15.47
N LEU A 193 -4.79 -0.68 -16.47
CA LEU A 193 -3.60 -0.23 -17.20
C LEU A 193 -3.02 1.07 -16.65
N GLY A 194 -3.68 1.64 -15.64
CA GLY A 194 -3.26 2.86 -14.94
C GLY A 194 -3.14 4.08 -15.84
N ILE A 195 -4.13 4.24 -16.76
CA ILE A 195 -4.16 5.33 -17.73
C ILE A 195 -4.55 6.63 -17.04
N LYS A 196 -3.87 7.72 -17.38
CA LYS A 196 -4.19 9.05 -16.83
C LYS A 196 -5.44 9.59 -17.53
N TYR A 197 -6.39 10.14 -16.75
CA TYR A 197 -7.60 10.71 -17.29
C TYR A 197 -8.16 11.79 -16.38
N PHE A 198 -8.82 12.76 -16.99
CA PHE A 198 -9.58 13.77 -16.30
C PHE A 198 -10.98 13.60 -16.84
N SER A 199 -11.84 12.88 -16.08
CA SER A 199 -13.24 12.72 -16.50
C SER A 199 -13.90 14.06 -16.13
N MET A 200 -15.18 14.28 -16.46
CA MET A 200 -15.87 15.55 -16.14
C MET A 200 -15.85 15.87 -14.63
N THR A 201 -15.75 14.82 -13.80
CA THR A 201 -15.67 14.87 -12.34
C THR A 201 -14.36 15.57 -11.95
N GLU A 202 -13.25 15.25 -12.65
CA GLU A 202 -11.95 15.86 -12.41
C GLU A 202 -11.96 17.31 -12.90
N VAL A 203 -12.64 17.58 -14.04
CA VAL A 203 -12.79 18.93 -14.63
C VAL A 203 -13.54 19.80 -13.62
N ASP A 204 -14.67 19.31 -13.07
CA ASP A 204 -15.45 20.02 -12.05
C ASP A 204 -14.61 20.29 -10.80
N ARG A 205 -13.88 19.27 -10.33
CA ARG A 205 -13.01 19.29 -9.15
C ARG A 205 -11.84 20.27 -9.25
N LEU A 206 -11.00 20.12 -10.29
CA LEU A 206 -9.77 20.91 -10.41
C LEU A 206 -9.88 22.19 -11.21
N GLY A 207 -10.79 22.22 -12.19
CA GLY A 207 -10.94 23.37 -13.09
C GLY A 207 -10.10 23.13 -14.33
N ILE A 208 -10.54 23.59 -15.51
CA ILE A 208 -9.82 23.37 -16.79
C ILE A 208 -8.33 23.88 -16.74
N GLY A 209 -8.04 24.90 -15.90
CA GLY A 209 -6.70 25.44 -15.68
C GLY A 209 -5.73 24.41 -15.13
N LYS A 210 -6.08 23.80 -13.98
CA LYS A 210 -5.30 22.73 -13.32
C LYS A 210 -5.28 21.46 -14.17
N VAL A 211 -6.38 21.17 -14.89
CA VAL A 211 -6.42 20.02 -15.80
C VAL A 211 -5.33 20.16 -16.87
N MET A 212 -5.26 21.33 -17.53
CA MET A 212 -4.26 21.55 -18.59
C MET A 212 -2.83 21.62 -18.04
N GLU A 213 -2.63 22.15 -16.81
CA GLU A 213 -1.30 22.18 -16.18
C GLU A 213 -0.81 20.73 -16.00
N GLU A 214 -1.66 19.87 -15.42
CA GLU A 214 -1.33 18.46 -15.10
C GLU A 214 -1.16 17.58 -16.33
N THR A 215 -1.94 17.84 -17.37
CA THR A 215 -1.88 17.10 -18.63
C THR A 215 -0.52 17.36 -19.29
N LEU A 216 -0.17 18.65 -19.46
CA LEU A 216 1.10 19.03 -20.11
C LEU A 216 2.34 18.60 -19.31
N SER A 217 2.30 18.71 -17.97
CA SER A 217 3.38 18.25 -17.08
C SER A 217 3.51 16.70 -17.14
N TYR A 218 2.36 15.99 -17.27
CA TYR A 218 2.33 14.52 -17.36
C TYR A 218 2.99 14.01 -18.65
N LEU A 219 2.76 14.71 -19.76
CA LEU A 219 3.34 14.30 -21.04
C LEU A 219 4.71 14.87 -21.33
N LEU A 220 4.95 16.14 -20.99
CA LEU A 220 6.19 16.84 -21.32
C LEU A 220 7.26 16.94 -20.23
N GLY A 221 6.93 16.55 -19.00
CA GLY A 221 7.78 16.65 -17.81
C GLY A 221 9.24 16.33 -17.97
N ARG A 222 9.52 15.15 -18.52
CA ARG A 222 10.84 14.58 -18.79
C ARG A 222 11.62 15.42 -19.80
N LYS A 223 10.96 15.84 -20.91
CA LYS A 223 11.53 16.61 -22.03
C LYS A 223 10.44 16.86 -23.07
N LYS A 224 10.62 17.88 -23.93
CA LYS A 224 9.67 18.15 -25.02
C LYS A 224 9.55 16.93 -25.91
N ARG A 225 8.33 16.62 -26.36
CA ARG A 225 8.01 15.48 -27.22
C ARG A 225 6.77 15.83 -28.07
N PRO A 226 6.63 15.28 -29.30
CA PRO A 226 5.50 15.65 -30.16
C PRO A 226 4.10 15.35 -29.57
N ILE A 227 3.15 16.30 -29.69
CA ILE A 227 1.80 16.09 -29.18
C ILE A 227 0.80 15.74 -30.30
N HIS A 228 0.01 14.65 -30.12
CA HIS A 228 -1.08 14.30 -31.06
C HIS A 228 -2.41 14.57 -30.30
N LEU A 229 -3.21 15.56 -30.73
CA LEU A 229 -4.49 15.80 -30.07
C LEU A 229 -5.61 15.18 -30.90
N SER A 230 -6.39 14.25 -30.32
CA SER A 230 -7.51 13.61 -31.03
C SER A 230 -8.81 14.16 -30.46
N PHE A 231 -9.38 15.14 -31.17
CA PHE A 231 -10.55 15.85 -30.72
C PHE A 231 -11.86 15.28 -31.29
N ASP A 232 -12.66 14.75 -30.40
CA ASP A 232 -13.99 14.24 -30.73
C ASP A 232 -14.92 15.32 -30.29
N VAL A 233 -15.71 15.87 -31.21
CA VAL A 233 -16.57 17.01 -30.87
C VAL A 233 -17.67 16.67 -29.85
N ASP A 234 -17.90 15.35 -29.53
CA ASP A 234 -18.89 15.00 -28.53
C ASP A 234 -18.28 15.23 -27.12
N GLY A 235 -16.99 15.53 -27.06
CA GLY A 235 -16.29 15.89 -25.82
C GLY A 235 -16.86 17.17 -25.24
N LEU A 236 -17.31 18.05 -26.13
CA LEU A 236 -18.01 19.29 -25.78
C LEU A 236 -19.49 18.95 -25.61
N ASP A 237 -20.17 19.76 -24.80
CA ASP A 237 -21.58 19.59 -24.47
C ASP A 237 -22.45 19.70 -25.71
N PRO A 238 -23.55 18.91 -25.81
CA PRO A 238 -24.46 19.02 -26.96
C PRO A 238 -25.13 20.39 -27.12
N SER A 239 -24.96 21.34 -26.16
CA SER A 239 -25.46 22.72 -26.34
C SER A 239 -24.52 23.47 -27.31
N PHE A 240 -23.29 22.95 -27.54
CA PHE A 240 -22.32 23.55 -28.48
C PHE A 240 -22.09 22.73 -29.73
N THR A 241 -22.03 21.39 -29.58
CA THR A 241 -21.84 20.46 -30.69
C THR A 241 -22.99 19.38 -30.76
N PRO A 242 -24.25 19.78 -31.09
CA PRO A 242 -25.34 18.78 -31.13
C PRO A 242 -25.34 17.78 -32.30
N ALA A 243 -24.83 18.21 -33.48
CA ALA A 243 -24.78 17.46 -34.72
C ALA A 243 -23.67 16.42 -34.64
N THR A 244 -23.85 15.46 -33.73
CA THR A 244 -22.92 14.37 -33.43
C THR A 244 -23.74 13.12 -33.16
N GLY A 245 -23.12 11.96 -33.31
CA GLY A 245 -23.77 10.66 -33.18
C GLY A 245 -24.03 10.14 -31.80
N THR A 246 -23.09 10.40 -30.88
CA THR A 246 -23.19 9.90 -29.51
C THR A 246 -23.12 11.09 -28.54
N PRO A 247 -24.17 11.95 -28.51
CA PRO A 247 -24.11 13.12 -27.61
C PRO A 247 -24.43 12.77 -26.18
N VAL A 248 -23.66 13.34 -25.23
CA VAL A 248 -23.84 13.10 -23.80
C VAL A 248 -23.91 14.45 -23.08
N VAL A 249 -25.03 14.70 -22.35
CA VAL A 249 -25.27 15.93 -21.55
C VAL A 249 -24.12 16.16 -20.54
N GLY A 250 -23.92 17.42 -20.13
CA GLY A 250 -22.91 17.81 -19.15
C GLY A 250 -21.47 17.81 -19.64
N GLY A 251 -21.29 18.25 -20.87
CA GLY A 251 -19.97 18.27 -21.51
C GLY A 251 -19.11 19.45 -21.13
N LEU A 252 -17.95 19.53 -21.79
CA LEU A 252 -16.99 20.60 -21.61
C LEU A 252 -17.64 21.80 -22.30
N THR A 253 -17.48 23.02 -21.75
CA THR A 253 -18.11 24.19 -22.37
C THR A 253 -17.41 24.58 -23.68
N TYR A 254 -17.92 25.61 -24.36
CA TYR A 254 -17.29 26.14 -25.57
C TYR A 254 -15.91 26.68 -25.15
N ARG A 255 -15.88 27.39 -23.99
CA ARG A 255 -14.70 28.01 -23.34
C ARG A 255 -13.62 27.00 -22.99
N GLU A 256 -13.98 25.91 -22.30
CA GLU A 256 -13.01 24.89 -21.88
C GLU A 256 -12.27 24.26 -23.04
N GLY A 257 -12.99 24.00 -24.12
CA GLY A 257 -12.44 23.44 -25.36
C GLY A 257 -11.42 24.37 -25.98
N LEU A 258 -11.76 25.68 -26.07
CA LEU A 258 -10.85 26.71 -26.59
C LEU A 258 -9.67 26.78 -25.68
N TYR A 259 -9.91 26.70 -24.34
CA TYR A 259 -8.84 26.73 -23.36
C TYR A 259 -7.85 25.61 -23.56
N ILE A 260 -8.36 24.36 -23.71
CA ILE A 260 -7.51 23.19 -23.95
C ILE A 260 -6.61 23.42 -25.20
N THR A 261 -7.23 23.84 -26.31
CA THR A 261 -6.58 23.98 -27.61
C THR A 261 -5.57 25.15 -27.65
N GLU A 262 -5.89 26.30 -27.01
CA GLU A 262 -4.99 27.46 -26.89
C GLU A 262 -3.72 27.06 -26.12
N GLU A 263 -3.90 26.32 -25.00
CA GLU A 263 -2.82 25.81 -24.15
C GLU A 263 -1.91 24.87 -24.92
N ILE A 264 -2.47 23.96 -25.72
CA ILE A 264 -1.67 23.02 -26.55
C ILE A 264 -0.87 23.80 -27.60
N TYR A 265 -1.48 24.83 -28.21
CA TYR A 265 -0.81 25.63 -29.23
C TYR A 265 0.44 26.24 -28.64
N LYS A 266 0.33 26.84 -27.44
CA LYS A 266 1.37 27.56 -26.71
C LYS A 266 2.69 26.79 -26.48
N THR A 267 2.62 25.44 -26.31
CA THR A 267 3.82 24.58 -26.16
C THR A 267 4.63 24.56 -27.47
N GLY A 268 3.92 24.74 -28.59
CA GLY A 268 4.49 24.72 -29.92
C GLY A 268 4.81 23.29 -30.31
N LEU A 269 4.25 22.32 -29.55
CA LEU A 269 4.52 20.90 -29.80
C LEU A 269 3.39 20.13 -30.48
N LEU A 270 2.31 20.81 -30.96
CA LEU A 270 1.25 20.09 -31.70
C LEU A 270 1.84 19.55 -33.02
N SER A 271 1.69 18.24 -33.22
CA SER A 271 2.29 17.49 -34.30
C SER A 271 1.26 16.71 -35.14
N GLY A 272 0.14 16.38 -34.52
CA GLY A 272 -0.98 15.69 -35.15
C GLY A 272 -2.25 16.13 -34.48
N LEU A 273 -3.34 16.26 -35.27
CA LEU A 273 -4.66 16.67 -34.84
C LEU A 273 -5.72 15.88 -35.59
N ASP A 274 -6.83 15.54 -34.90
CA ASP A 274 -8.03 14.86 -35.42
C ASP A 274 -9.26 15.68 -35.03
N ILE A 275 -10.13 16.02 -36.00
CA ILE A 275 -11.39 16.73 -35.75
C ILE A 275 -12.46 15.72 -36.10
N MET A 276 -13.02 15.05 -35.08
CA MET A 276 -13.89 13.91 -35.33
C MET A 276 -15.31 14.03 -34.85
N GLU A 277 -16.15 13.20 -35.48
CA GLU A 277 -17.54 12.93 -35.16
C GLU A 277 -18.50 14.10 -35.45
N VAL A 278 -18.17 14.99 -36.38
CA VAL A 278 -19.15 16.05 -36.74
C VAL A 278 -20.09 15.38 -37.78
N ASN A 279 -21.39 15.26 -37.46
CA ASN A 279 -22.38 14.66 -38.37
C ASN A 279 -23.40 15.73 -38.70
N PRO A 280 -23.27 16.40 -39.87
CA PRO A 280 -24.22 17.48 -40.22
C PRO A 280 -25.64 16.96 -40.58
N SER A 281 -25.84 15.63 -40.64
CA SER A 281 -27.20 15.13 -40.96
C SER A 281 -27.97 14.94 -39.65
N LEU A 282 -27.27 15.10 -38.53
CA LEU A 282 -27.79 14.93 -37.17
C LEU A 282 -28.11 16.22 -36.45
N GLY A 283 -28.18 17.32 -37.19
CA GLY A 283 -28.61 18.59 -36.64
C GLY A 283 -30.12 18.71 -36.79
N LYS A 284 -30.88 18.69 -35.67
CA LYS A 284 -32.36 18.83 -35.63
C LYS A 284 -32.87 20.03 -36.43
N THR A 285 -32.12 21.14 -36.44
CA THR A 285 -32.44 22.37 -37.18
C THR A 285 -31.20 22.75 -38.00
N PRO A 286 -31.31 23.61 -39.05
CA PRO A 286 -30.09 24.01 -39.78
C PRO A 286 -29.10 24.78 -38.89
N GLU A 287 -29.61 25.55 -37.88
CA GLU A 287 -28.79 26.28 -36.92
C GLU A 287 -27.95 25.35 -36.03
N GLU A 288 -28.47 24.14 -35.72
CA GLU A 288 -27.72 23.17 -34.92
C GLU A 288 -26.50 22.62 -35.65
N VAL A 289 -26.60 22.47 -36.98
CA VAL A 289 -25.47 22.04 -37.82
C VAL A 289 -24.45 23.16 -37.80
N THR A 290 -24.86 24.39 -38.17
CA THR A 290 -23.96 25.54 -38.25
C THR A 290 -23.28 25.81 -36.90
N ARG A 291 -24.02 25.61 -35.80
CA ARG A 291 -23.49 25.80 -34.45
C ARG A 291 -22.36 24.81 -34.20
N THR A 292 -22.55 23.53 -34.60
CA THR A 292 -21.54 22.50 -34.40
C THR A 292 -20.28 22.76 -35.25
N VAL A 293 -20.49 23.03 -36.56
CA VAL A 293 -19.46 23.29 -37.56
C VAL A 293 -18.60 24.48 -37.16
N ASN A 294 -19.24 25.60 -36.77
CA ASN A 294 -18.54 26.80 -36.30
C ASN A 294 -17.72 26.52 -35.05
N THR A 295 -18.22 25.63 -34.15
CA THR A 295 -17.51 25.26 -32.94
C THR A 295 -16.25 24.47 -33.31
N ALA A 296 -16.40 23.47 -34.19
CA ALA A 296 -15.30 22.64 -34.69
C ALA A 296 -14.22 23.49 -35.36
N VAL A 297 -14.64 24.58 -36.04
CA VAL A 297 -13.76 25.53 -36.71
C VAL A 297 -12.94 26.34 -35.68
N ALA A 298 -13.61 26.85 -34.61
CA ALA A 298 -12.98 27.64 -33.53
C ALA A 298 -11.96 26.79 -32.80
N ILE A 299 -12.31 25.53 -32.51
CA ILE A 299 -11.39 24.57 -31.88
C ILE A 299 -10.11 24.45 -32.73
N THR A 300 -10.29 24.22 -34.05
CA THR A 300 -9.19 24.04 -35.02
C THR A 300 -8.29 25.27 -35.07
N LEU A 301 -8.89 26.48 -35.16
CA LEU A 301 -8.20 27.75 -35.23
C LEU A 301 -7.31 28.07 -34.01
N ALA A 302 -7.79 27.67 -32.82
CA ALA A 302 -7.08 27.82 -31.56
C ALA A 302 -5.88 26.87 -31.54
N CYS A 303 -5.99 25.68 -32.19
CA CYS A 303 -4.87 24.71 -32.30
C CYS A 303 -3.68 25.27 -33.09
N PHE A 304 -3.96 26.32 -33.91
CA PHE A 304 -2.94 26.94 -34.75
C PHE A 304 -2.79 28.46 -34.52
N GLY A 305 -2.95 28.87 -33.26
CA GLY A 305 -2.63 30.23 -32.87
C GLY A 305 -3.68 31.27 -32.56
N LEU A 306 -4.95 31.06 -32.97
CA LEU A 306 -6.03 32.02 -32.72
C LEU A 306 -6.30 32.15 -31.22
N ALA A 307 -6.08 33.34 -30.69
CA ALA A 307 -6.16 33.55 -29.26
C ALA A 307 -7.26 34.54 -28.88
N ARG A 308 -7.99 34.21 -27.79
CA ARG A 308 -9.07 35.06 -27.33
C ARG A 308 -8.60 36.43 -26.88
N GLU A 309 -7.38 36.53 -26.31
CA GLU A 309 -6.76 37.79 -25.92
C GLU A 309 -6.40 38.69 -27.13
N GLY A 310 -6.39 38.09 -28.32
CA GLY A 310 -6.05 38.79 -29.55
C GLY A 310 -4.81 38.21 -30.20
N ASN A 311 -4.55 38.67 -31.43
CA ASN A 311 -3.41 38.26 -32.27
C ASN A 311 -2.98 39.43 -33.15
N HIS A 312 -1.67 39.55 -33.43
CA HIS A 312 -1.19 40.62 -34.31
C HIS A 312 0.07 40.24 -35.08
N LYS A 313 0.30 40.91 -36.23
CA LYS A 313 1.49 40.70 -37.07
C LYS A 313 2.70 41.39 -36.39
N PRO A 314 3.93 40.83 -36.47
CA PRO A 314 5.07 41.48 -35.78
C PRO A 314 5.62 42.73 -36.50
N ILE A 315 4.80 43.80 -36.46
CA ILE A 315 5.03 45.12 -37.04
C ILE A 315 4.65 46.16 -35.97
N ASP A 316 4.68 47.46 -36.32
CA ASP A 316 4.29 48.55 -35.43
C ASP A 316 2.96 49.07 -35.97
N TYR A 317 1.86 48.84 -35.22
CA TYR A 317 0.52 49.27 -35.63
C TYR A 317 0.28 50.75 -35.38
N LEU A 318 1.13 51.40 -34.53
CA LEU A 318 1.05 52.84 -34.21
C LEU A 318 1.73 53.74 -35.28
N ASN A 319 2.26 53.12 -36.36
CA ASN A 319 2.87 53.79 -37.51
C ASN A 319 1.99 53.57 -38.75
N ALA B 3 -24.13 -3.50 -0.89
CA ALA B 3 -23.49 -2.66 0.11
C ALA B 3 -24.48 -1.63 0.72
N LYS B 4 -24.13 -1.10 1.91
CA LYS B 4 -24.90 -0.10 2.67
C LYS B 4 -25.23 1.16 1.85
N SER B 5 -24.29 1.62 1.02
CA SER B 5 -24.46 2.81 0.18
C SER B 5 -25.40 2.59 -1.04
N ARG B 6 -25.74 1.32 -1.34
CA ARG B 6 -26.64 0.98 -2.44
C ARG B 6 -27.90 0.23 -1.98
N THR B 7 -28.17 0.20 -0.66
CA THR B 7 -29.41 -0.41 -0.13
C THR B 7 -30.40 0.76 0.06
N ILE B 8 -31.61 0.69 -0.59
CA ILE B 8 -32.60 1.78 -0.66
C ILE B 8 -34.06 1.37 -0.36
N GLY B 9 -34.76 2.27 0.33
CA GLY B 9 -36.18 2.18 0.63
C GLY B 9 -36.84 3.44 0.09
N ILE B 10 -37.59 3.30 -0.99
CA ILE B 10 -38.24 4.42 -1.64
C ILE B 10 -39.56 4.72 -0.97
N ILE B 11 -39.79 6.01 -0.67
CA ILE B 11 -41.04 6.47 -0.09
C ILE B 11 -41.57 7.59 -0.97
N GLY B 12 -42.77 7.42 -1.52
CA GLY B 12 -43.45 8.45 -2.28
C GLY B 12 -44.20 9.35 -1.35
N ALA B 13 -44.11 10.65 -1.55
CA ALA B 13 -44.76 11.60 -0.66
C ALA B 13 -45.51 12.60 -1.52
N PRO B 14 -46.67 12.16 -2.07
CA PRO B 14 -47.41 13.01 -3.01
C PRO B 14 -48.20 14.12 -2.32
N PHE B 15 -47.46 15.13 -1.84
CA PHE B 15 -48.01 16.24 -1.06
C PHE B 15 -47.75 17.58 -1.70
N SER B 16 -48.75 18.48 -1.70
CA SER B 16 -48.63 19.79 -2.35
C SER B 16 -48.99 21.00 -1.51
N LYS B 17 -49.70 20.81 -0.38
CA LYS B 17 -50.24 21.91 0.42
C LYS B 17 -49.21 22.70 1.26
N GLY B 18 -47.91 22.51 0.99
CA GLY B 18 -46.85 23.30 1.60
C GLY B 18 -46.56 24.53 0.76
N GLN B 19 -47.18 24.60 -0.42
CA GLN B 19 -47.04 25.66 -1.41
C GLN B 19 -48.34 25.78 -2.27
N PRO B 20 -48.58 26.90 -2.99
CA PRO B 20 -49.88 27.03 -3.68
C PRO B 20 -50.05 26.39 -5.07
N ARG B 21 -48.96 26.15 -5.80
CA ARG B 21 -49.04 25.67 -7.18
C ARG B 21 -49.38 24.19 -7.27
N GLY B 22 -50.51 23.89 -7.88
CA GLY B 22 -50.97 22.51 -8.05
C GLY B 22 -50.01 21.70 -8.92
N GLY B 23 -49.90 20.42 -8.63
CA GLY B 23 -49.05 19.53 -9.42
C GLY B 23 -47.90 18.83 -8.76
N VAL B 24 -47.24 19.46 -7.76
CA VAL B 24 -46.05 18.88 -7.13
C VAL B 24 -46.30 17.48 -6.57
N GLU B 25 -47.59 17.16 -6.24
CA GLU B 25 -48.00 15.84 -5.74
C GLU B 25 -47.76 14.71 -6.78
N GLU B 26 -47.67 15.05 -8.10
CA GLU B 26 -47.40 14.09 -9.19
C GLU B 26 -45.93 13.72 -9.34
N GLY B 27 -45.05 14.41 -8.62
CA GLY B 27 -43.61 14.15 -8.59
C GLY B 27 -43.27 12.67 -8.40
N PRO B 28 -43.76 11.96 -7.35
CA PRO B 28 -43.42 10.53 -7.21
C PRO B 28 -43.81 9.71 -8.43
N THR B 29 -45.01 9.95 -9.03
CA THR B 29 -45.54 9.27 -10.23
C THR B 29 -44.56 9.37 -11.40
N VAL B 30 -44.31 10.60 -11.87
CA VAL B 30 -43.43 10.94 -13.00
C VAL B 30 -41.98 10.39 -12.83
N LEU B 31 -41.42 10.44 -11.62
CA LEU B 31 -40.07 9.92 -11.35
C LEU B 31 -40.03 8.39 -11.44
N ARG B 32 -41.12 7.72 -11.00
CA ARG B 32 -41.27 6.26 -11.14
C ARG B 32 -41.44 5.93 -12.62
N LYS B 33 -42.30 6.70 -13.34
CA LYS B 33 -42.62 6.53 -14.77
C LYS B 33 -41.38 6.70 -15.64
N ALA B 34 -40.38 7.52 -15.17
CA ALA B 34 -39.09 7.72 -15.86
C ALA B 34 -38.14 6.50 -15.71
N GLY B 35 -38.55 5.51 -14.93
CA GLY B 35 -37.80 4.27 -14.71
C GLY B 35 -36.74 4.30 -13.62
N LEU B 36 -36.92 5.16 -12.60
CA LEU B 36 -35.96 5.31 -11.48
C LEU B 36 -35.65 3.98 -10.75
N LEU B 37 -36.68 3.21 -10.39
CA LEU B 37 -36.50 1.94 -9.67
C LEU B 37 -35.65 0.97 -10.48
N GLU B 38 -35.98 0.82 -11.77
CA GLU B 38 -35.29 -0.05 -12.72
C GLU B 38 -33.85 0.43 -12.93
N LYS B 39 -33.66 1.75 -13.16
CA LYS B 39 -32.32 2.31 -13.37
C LYS B 39 -31.39 2.04 -12.17
N LEU B 40 -31.91 2.21 -10.92
CA LEU B 40 -31.12 1.97 -9.70
C LEU B 40 -30.68 0.49 -9.57
N LYS B 41 -31.55 -0.47 -9.96
CA LYS B 41 -31.27 -1.92 -9.92
C LYS B 41 -30.21 -2.33 -10.95
N GLU B 42 -30.10 -1.57 -12.07
CA GLU B 42 -29.11 -1.76 -13.12
C GLU B 42 -27.71 -1.34 -12.64
N GLN B 43 -27.65 -0.50 -11.60
CA GLN B 43 -26.40 -0.04 -11.02
C GLN B 43 -26.18 -0.71 -9.62
N GLU B 44 -26.55 -2.01 -9.56
CA GLU B 44 -26.37 -2.94 -8.44
C GLU B 44 -26.98 -2.49 -7.09
N CYS B 45 -28.17 -1.87 -7.13
CA CYS B 45 -28.87 -1.47 -5.90
C CYS B 45 -29.88 -2.54 -5.48
N ASP B 46 -30.15 -2.63 -4.18
CA ASP B 46 -31.17 -3.46 -3.54
C ASP B 46 -32.25 -2.44 -3.25
N VAL B 47 -33.35 -2.45 -4.03
CA VAL B 47 -34.41 -1.44 -3.93
C VAL B 47 -35.76 -2.01 -3.49
N LYS B 48 -36.28 -1.50 -2.36
CA LYS B 48 -37.61 -1.83 -1.82
C LYS B 48 -38.48 -0.56 -1.95
N ASP B 49 -39.70 -0.72 -2.47
CA ASP B 49 -40.66 0.36 -2.68
C ASP B 49 -41.82 0.26 -1.69
N TYR B 50 -41.90 1.23 -0.76
CA TYR B 50 -42.89 1.33 0.30
C TYR B 50 -44.18 2.03 -0.17
N GLY B 51 -44.29 2.23 -1.49
CA GLY B 51 -45.42 2.87 -2.14
C GLY B 51 -45.58 4.33 -1.81
N ASP B 52 -46.69 4.93 -2.27
CA ASP B 52 -46.99 6.33 -2.00
C ASP B 52 -47.85 6.45 -0.76
N LEU B 53 -47.45 7.32 0.16
CA LEU B 53 -48.20 7.62 1.36
C LEU B 53 -49.57 8.18 1.02
N PRO B 54 -50.64 7.66 1.67
CA PRO B 54 -51.97 8.22 1.42
C PRO B 54 -52.02 9.52 2.21
N PHE B 55 -52.43 10.59 1.59
CA PHE B 55 -52.48 11.81 2.39
C PHE B 55 -53.93 12.18 2.51
N ALA B 56 -54.66 11.39 3.35
CA ALA B 56 -56.09 11.53 3.61
C ALA B 56 -56.44 13.01 3.79
N ASP B 57 -57.41 13.51 3.01
CA ASP B 57 -57.75 14.93 3.05
C ASP B 57 -58.10 15.42 4.46
N ILE B 58 -57.66 16.65 4.78
CA ILE B 58 -57.95 17.32 6.04
C ILE B 58 -58.76 18.55 5.67
N PRO B 59 -60.08 18.38 5.48
CA PRO B 59 -60.92 19.55 5.19
C PRO B 59 -61.08 20.27 6.54
N ASN B 60 -61.34 21.58 6.53
CA ASN B 60 -61.36 22.37 7.76
C ASN B 60 -59.90 22.48 8.26
N ASP B 61 -59.14 23.26 7.53
CA ASP B 61 -57.73 23.50 7.77
C ASP B 61 -57.46 24.96 7.44
N SER B 62 -58.05 25.81 8.29
CA SER B 62 -58.00 27.25 8.21
C SER B 62 -56.58 27.74 8.59
N PRO B 63 -56.14 28.92 8.11
CA PRO B 63 -54.78 29.36 8.42
C PRO B 63 -54.50 29.68 9.88
N PHE B 64 -53.23 29.45 10.30
CA PHE B 64 -52.69 29.85 11.59
C PHE B 64 -51.97 31.12 11.20
N GLN B 65 -52.59 32.30 11.51
CA GLN B 65 -52.11 33.63 11.10
C GLN B 65 -52.13 33.66 9.55
N ILE B 66 -50.96 33.83 8.89
CA ILE B 66 -50.87 33.81 7.42
C ILE B 66 -50.40 32.42 6.90
N VAL B 67 -50.02 31.51 7.83
CA VAL B 67 -49.53 30.16 7.51
C VAL B 67 -50.66 29.29 6.95
N LYS B 68 -50.52 28.86 5.67
CA LYS B 68 -51.50 28.07 4.93
C LYS B 68 -51.40 26.56 5.16
N ASN B 69 -52.57 25.89 5.23
CA ASN B 69 -52.78 24.44 5.41
C ASN B 69 -51.90 23.84 6.51
N PRO B 70 -51.90 24.38 7.75
CA PRO B 70 -50.98 23.86 8.77
C PRO B 70 -51.21 22.43 9.25
N ARG B 71 -52.49 21.99 9.35
CA ARG B 71 -52.80 20.64 9.82
C ARG B 71 -52.40 19.61 8.78
N SER B 72 -52.63 19.92 7.48
CA SER B 72 -52.27 19.06 6.34
C SER B 72 -50.73 18.92 6.25
N VAL B 73 -50.04 20.05 6.28
CA VAL B 73 -48.56 20.08 6.27
C VAL B 73 -47.98 19.33 7.48
N GLY B 74 -48.55 19.58 8.67
CA GLY B 74 -48.14 18.92 9.90
C GLY B 74 -48.35 17.42 9.92
N LYS B 75 -49.56 16.98 9.53
CA LYS B 75 -49.93 15.58 9.48
C LYS B 75 -49.12 14.85 8.42
N ALA B 76 -48.97 15.45 7.20
CA ALA B 76 -48.14 14.79 6.18
C ALA B 76 -46.70 14.56 6.69
N SER B 77 -46.10 15.59 7.33
CA SER B 77 -44.75 15.43 7.87
C SER B 77 -44.72 14.41 9.02
N GLU B 78 -45.79 14.36 9.87
CA GLU B 78 -45.87 13.36 10.95
C GLU B 78 -45.92 11.95 10.40
N GLN B 79 -46.80 11.70 9.37
CA GLN B 79 -46.94 10.39 8.71
C GLN B 79 -45.61 10.00 8.06
N LEU B 80 -44.97 10.97 7.36
CA LEU B 80 -43.68 10.73 6.70
C LEU B 80 -42.56 10.37 7.68
N ALA B 81 -42.49 11.07 8.81
CA ALA B 81 -41.48 10.79 9.84
C ALA B 81 -41.53 9.35 10.30
N GLY B 82 -42.73 8.82 10.53
CA GLY B 82 -42.93 7.42 10.93
C GLY B 82 -42.52 6.40 9.88
N LYS B 83 -42.75 6.73 8.59
CA LYS B 83 -42.38 5.88 7.45
C LYS B 83 -40.86 5.86 7.23
N VAL B 84 -40.23 7.04 7.26
CA VAL B 84 -38.78 7.18 7.16
C VAL B 84 -38.07 6.39 8.27
N ALA B 85 -38.54 6.48 9.55
CA ALA B 85 -37.95 5.75 10.69
C ALA B 85 -38.05 4.23 10.47
N GLU B 86 -39.23 3.72 10.03
CA GLU B 86 -39.50 2.32 9.66
C GLU B 86 -38.51 1.83 8.59
N VAL B 87 -38.25 2.65 7.55
CA VAL B 87 -37.26 2.36 6.49
C VAL B 87 -35.87 2.33 7.12
N LYS B 88 -35.55 3.35 7.95
CA LYS B 88 -34.25 3.45 8.62
C LYS B 88 -33.97 2.29 9.55
N LYS B 89 -35.01 1.79 10.24
CA LYS B 89 -34.95 0.63 11.14
C LYS B 89 -34.66 -0.65 10.36
N ASN B 90 -35.07 -0.68 9.06
CA ASN B 90 -34.88 -1.79 8.11
C ASN B 90 -33.48 -1.75 7.46
N GLY B 91 -32.63 -0.82 7.89
CA GLY B 91 -31.26 -0.65 7.40
C GLY B 91 -31.17 -0.35 5.93
N ARG B 92 -31.89 0.68 5.48
CA ARG B 92 -31.93 1.08 4.08
C ARG B 92 -31.85 2.59 4.03
N ILE B 93 -31.30 3.13 2.95
CA ILE B 93 -31.24 4.58 2.74
C ILE B 93 -32.64 4.99 2.34
N SER B 94 -33.26 5.87 3.13
CA SER B 94 -34.60 6.35 2.81
C SER B 94 -34.49 7.35 1.67
N LEU B 95 -35.28 7.11 0.60
CA LEU B 95 -35.33 7.97 -0.58
C LEU B 95 -36.74 8.51 -0.68
N VAL B 96 -36.89 9.79 -0.35
CA VAL B 96 -38.20 10.43 -0.36
C VAL B 96 -38.37 11.18 -1.65
N LEU B 97 -39.37 10.80 -2.42
CA LEU B 97 -39.72 11.49 -3.67
C LEU B 97 -40.91 12.37 -3.33
N GLY B 98 -40.68 13.68 -3.40
CA GLY B 98 -41.71 14.68 -3.15
C GLY B 98 -42.46 15.03 -4.43
N GLY B 99 -43.46 15.91 -4.35
CA GLY B 99 -43.85 16.62 -3.14
C GLY B 99 -43.01 17.86 -2.88
N ASP B 100 -43.60 18.82 -2.18
CA ASP B 100 -42.95 20.07 -1.84
C ASP B 100 -41.95 19.87 -0.70
N HIS B 101 -41.00 20.80 -0.54
CA HIS B 101 -39.94 20.72 0.46
C HIS B 101 -40.42 20.83 1.93
N SER B 102 -41.75 21.06 2.21
CA SER B 102 -42.25 21.08 3.59
C SER B 102 -42.11 19.71 4.22
N LEU B 103 -42.07 18.66 3.39
CA LEU B 103 -41.93 17.27 3.83
C LEU B 103 -40.58 16.94 4.47
N ALA B 104 -39.57 17.85 4.36
CA ALA B 104 -38.25 17.69 5.00
C ALA B 104 -38.40 17.67 6.53
N ILE B 105 -39.40 18.40 7.07
CA ILE B 105 -39.66 18.37 8.52
C ILE B 105 -39.78 16.88 8.90
N GLY B 106 -40.73 16.18 8.28
CA GLY B 106 -40.98 14.77 8.51
C GLY B 106 -39.86 13.87 8.10
N SER B 107 -39.25 14.09 6.90
CA SER B 107 -38.13 13.25 6.48
C SER B 107 -36.94 13.31 7.46
N ILE B 108 -36.51 14.51 7.83
CA ILE B 108 -35.35 14.66 8.76
C ILE B 108 -35.70 14.23 10.19
N SER B 109 -36.90 14.60 10.70
CA SER B 109 -37.33 14.18 12.05
C SER B 109 -37.36 12.64 12.16
N GLY B 110 -37.84 11.98 11.10
CA GLY B 110 -37.92 10.52 11.06
C GLY B 110 -36.57 9.86 10.96
N HIS B 111 -35.66 10.47 10.19
CA HIS B 111 -34.30 10.00 10.02
C HIS B 111 -33.53 10.17 11.34
N ALA B 112 -33.68 11.35 12.00
CA ALA B 112 -33.04 11.68 13.30
C ALA B 112 -33.44 10.72 14.43
N ARG B 113 -34.65 10.13 14.35
CA ARG B 113 -35.22 9.20 15.31
C ARG B 113 -34.37 7.93 15.43
N VAL B 114 -33.79 7.47 14.30
CA VAL B 114 -32.94 6.27 14.24
C VAL B 114 -31.45 6.67 14.39
N HIS B 115 -31.02 7.77 13.74
CA HIS B 115 -29.64 8.28 13.76
C HIS B 115 -29.66 9.75 14.25
N PRO B 116 -29.58 10.01 15.59
CA PRO B 116 -29.65 11.40 16.06
C PRO B 116 -28.39 12.23 15.80
N ASP B 117 -27.30 11.57 15.40
CA ASP B 117 -25.99 12.15 15.10
C ASP B 117 -25.86 12.67 13.63
N LEU B 118 -26.90 12.48 12.81
CA LEU B 118 -26.88 12.87 11.39
C LEU B 118 -26.52 14.35 11.14
N GLY B 119 -25.92 14.60 9.97
CA GLY B 119 -25.63 15.91 9.43
C GLY B 119 -26.48 16.14 8.19
N VAL B 120 -26.83 17.40 7.87
CA VAL B 120 -27.69 17.67 6.72
C VAL B 120 -26.94 18.49 5.67
N ILE B 121 -27.13 18.11 4.38
CA ILE B 121 -26.61 18.85 3.22
C ILE B 121 -27.89 19.27 2.53
N TRP B 122 -28.11 20.58 2.43
CA TRP B 122 -29.33 21.13 1.87
C TRP B 122 -29.04 21.87 0.54
N VAL B 123 -29.32 21.20 -0.60
CA VAL B 123 -29.12 21.73 -1.94
C VAL B 123 -30.36 22.46 -2.39
N ASP B 124 -30.27 23.79 -2.54
CA ASP B 124 -31.44 24.60 -2.84
C ASP B 124 -31.07 26.01 -3.22
N ALA B 125 -31.99 26.73 -3.87
CA ALA B 125 -31.78 28.16 -4.20
C ALA B 125 -32.18 29.00 -2.99
N HIS B 126 -32.91 28.38 -2.08
CA HIS B 126 -33.49 29.01 -0.90
C HIS B 126 -33.04 28.34 0.39
N THR B 127 -33.02 29.11 1.51
CA THR B 127 -32.66 28.58 2.83
C THR B 127 -33.79 27.73 3.49
N ASP B 128 -35.08 27.98 3.13
CA ASP B 128 -36.28 27.33 3.70
C ASP B 128 -36.32 27.44 5.25
N ILE B 129 -35.72 28.53 5.78
CA ILE B 129 -35.52 28.77 7.20
C ILE B 129 -36.47 29.86 7.76
N ASN B 130 -37.51 30.24 7.02
CA ASN B 130 -38.47 31.20 7.57
C ASN B 130 -39.22 30.50 8.72
N THR B 131 -39.57 31.24 9.76
CA THR B 131 -40.37 30.70 10.85
C THR B 131 -41.84 31.08 10.55
N PRO B 132 -42.88 30.55 11.27
CA PRO B 132 -44.26 31.00 11.01
C PRO B 132 -44.52 32.50 11.25
N LEU B 133 -43.54 33.19 11.84
CA LEU B 133 -43.59 34.61 12.17
C LEU B 133 -42.74 35.51 11.22
N THR B 134 -41.70 34.94 10.58
CA THR B 134 -40.88 35.71 9.61
C THR B 134 -41.47 35.59 8.22
N THR B 135 -42.21 34.50 7.96
CA THR B 135 -42.81 34.25 6.66
C THR B 135 -43.72 35.40 6.18
N THR B 136 -43.63 35.71 4.87
CA THR B 136 -44.48 36.76 4.27
C THR B 136 -45.51 36.06 3.39
N SER B 137 -45.10 34.95 2.75
CA SER B 137 -45.94 34.16 1.88
C SER B 137 -46.90 33.29 2.66
N GLY B 138 -46.46 32.83 3.83
CA GLY B 138 -47.18 31.90 4.69
C GLY B 138 -47.13 30.47 4.17
N ASN B 139 -46.27 30.19 3.14
CA ASN B 139 -46.15 28.85 2.53
C ASN B 139 -45.12 28.05 3.30
N LEU B 140 -45.55 26.89 3.85
CA LEU B 140 -44.71 26.07 4.71
C LEU B 140 -43.51 25.41 4.01
N HIS B 141 -43.46 25.32 2.66
CA HIS B 141 -42.25 24.76 1.99
C HIS B 141 -41.04 25.71 2.14
N GLY B 142 -41.30 26.95 2.54
CA GLY B 142 -40.24 27.92 2.79
C GLY B 142 -39.82 28.03 4.24
N GLN B 143 -40.34 27.14 5.13
CA GLN B 143 -40.10 27.12 6.59
C GLN B 143 -39.60 25.78 7.18
N PRO B 144 -39.39 24.67 6.43
CA PRO B 144 -39.04 23.40 7.10
C PRO B 144 -37.88 23.46 8.08
N VAL B 145 -36.80 24.16 7.70
CA VAL B 145 -35.60 24.26 8.52
C VAL B 145 -35.89 24.89 9.88
N SER B 146 -36.70 25.98 9.93
CA SER B 146 -37.06 26.63 11.19
C SER B 146 -37.57 25.65 12.27
N PHE B 147 -38.45 24.70 11.90
CA PHE B 147 -39.00 23.70 12.80
C PHE B 147 -37.96 22.68 13.33
N LEU B 148 -36.86 22.47 12.59
CA LEU B 148 -35.82 21.49 12.89
C LEU B 148 -34.65 21.97 13.76
N LEU B 149 -34.29 23.26 13.68
CA LEU B 149 -33.12 23.79 14.41
C LEU B 149 -33.30 23.98 15.91
N LYS B 150 -32.45 23.33 16.72
CA LYS B 150 -32.48 23.47 18.20
C LYS B 150 -32.40 24.94 18.66
N GLU B 151 -31.54 25.73 18.02
CA GLU B 151 -31.33 27.14 18.36
C GLU B 151 -32.56 28.03 18.08
N LEU B 152 -33.52 27.53 17.30
CA LEU B 152 -34.74 28.29 16.99
C LEU B 152 -35.90 27.98 17.95
N LYS B 153 -35.72 27.01 18.87
CA LYS B 153 -36.72 26.68 19.88
C LYS B 153 -36.99 27.96 20.68
N GLY B 154 -38.25 28.35 20.74
CA GLY B 154 -38.67 29.58 21.39
C GLY B 154 -39.17 30.60 20.40
N LYS B 155 -38.68 30.52 19.15
CA LYS B 155 -39.07 31.40 18.05
C LYS B 155 -40.16 30.75 17.17
N ILE B 156 -40.50 29.49 17.44
CA ILE B 156 -41.53 28.75 16.74
C ILE B 156 -42.84 28.75 17.54
N PRO B 157 -43.89 29.48 17.06
CA PRO B 157 -45.19 29.46 17.81
C PRO B 157 -45.90 28.11 17.68
N ASP B 158 -46.95 27.93 18.50
CA ASP B 158 -47.72 26.69 18.56
C ASP B 158 -48.65 26.54 17.35
N VAL B 159 -48.11 26.00 16.26
CA VAL B 159 -48.83 25.84 14.97
C VAL B 159 -49.64 24.54 14.99
N PRO B 160 -50.98 24.58 14.69
CA PRO B 160 -51.79 23.35 14.68
C PRO B 160 -51.29 22.30 13.68
N GLY B 161 -51.06 21.09 14.20
CA GLY B 161 -50.55 19.96 13.43
C GLY B 161 -49.07 19.70 13.63
N PHE B 162 -48.38 20.54 14.43
CA PHE B 162 -46.93 20.46 14.67
C PHE B 162 -46.49 20.21 16.13
N SER B 163 -47.40 19.80 17.03
CA SER B 163 -47.06 19.55 18.45
C SER B 163 -46.16 18.30 18.59
N TRP B 164 -46.12 17.46 17.56
CA TRP B 164 -45.26 16.27 17.55
C TRP B 164 -43.77 16.65 17.31
N VAL B 165 -43.52 17.86 16.74
CA VAL B 165 -42.18 18.30 16.36
C VAL B 165 -41.27 18.67 17.57
N THR B 166 -40.05 18.11 17.55
CA THR B 166 -38.99 18.48 18.48
C THR B 166 -37.77 18.78 17.62
N PRO B 167 -37.18 20.00 17.75
CA PRO B 167 -35.96 20.32 16.96
C PRO B 167 -34.91 19.23 17.14
N CYS B 168 -34.46 18.64 16.05
CA CYS B 168 -33.52 17.51 16.15
C CYS B 168 -32.10 17.84 15.64
N ILE B 169 -31.92 18.98 14.96
CA ILE B 169 -30.60 19.34 14.43
C ILE B 169 -30.09 20.66 14.99
N SER B 170 -28.77 20.74 15.20
CA SER B 170 -28.11 21.94 15.66
C SER B 170 -27.68 22.72 14.41
N ALA B 171 -27.53 24.05 14.55
CA ALA B 171 -27.16 24.95 13.47
C ALA B 171 -25.83 24.57 12.81
N LYS B 172 -24.86 24.09 13.60
CA LYS B 172 -23.55 23.66 13.11
C LYS B 172 -23.61 22.31 12.38
N ASP B 173 -24.78 21.67 12.33
CA ASP B 173 -24.86 20.38 11.66
C ASP B 173 -25.58 20.43 10.31
N ILE B 174 -25.75 21.64 9.75
CA ILE B 174 -26.34 21.84 8.43
C ILE B 174 -25.41 22.70 7.53
N VAL B 175 -25.28 22.31 6.25
CA VAL B 175 -24.53 23.01 5.24
C VAL B 175 -25.48 23.28 4.07
N TYR B 176 -25.62 24.54 3.66
CA TYR B 176 -26.43 24.94 2.53
C TYR B 176 -25.56 25.07 1.31
N ILE B 177 -26.10 24.70 0.13
CA ILE B 177 -25.42 24.80 -1.18
C ILE B 177 -26.42 25.18 -2.26
N GLY B 178 -26.15 26.27 -2.97
CA GLY B 178 -26.94 26.69 -4.13
C GLY B 178 -27.71 27.99 -3.94
N LEU B 179 -27.64 28.54 -2.72
CA LEU B 179 -28.38 29.73 -2.30
C LEU B 179 -28.24 30.92 -3.24
N ARG B 180 -29.38 31.56 -3.55
CA ARG B 180 -29.40 32.73 -4.42
C ARG B 180 -30.68 33.58 -4.25
N ASP B 181 -31.65 33.14 -3.40
CA ASP B 181 -32.89 33.90 -3.14
C ASP B 181 -33.28 33.77 -1.68
N VAL B 182 -32.63 34.60 -0.83
CA VAL B 182 -32.83 34.58 0.61
C VAL B 182 -33.63 35.79 1.11
N ASP B 183 -34.69 35.54 1.89
CA ASP B 183 -35.54 36.59 2.45
C ASP B 183 -34.79 37.34 3.55
N PRO B 184 -35.14 38.62 3.84
CA PRO B 184 -34.42 39.35 4.90
C PRO B 184 -34.38 38.63 6.24
N GLY B 185 -35.54 38.14 6.69
CA GLY B 185 -35.68 37.39 7.93
C GLY B 185 -34.82 36.14 7.93
N GLU B 186 -34.76 35.47 6.76
CA GLU B 186 -33.96 34.26 6.58
C GLU B 186 -32.45 34.54 6.67
N HIS B 187 -32.00 35.66 6.06
CA HIS B 187 -30.59 36.08 6.09
C HIS B 187 -30.15 36.43 7.50
N TYR B 188 -31.04 37.08 8.26
CA TYR B 188 -30.82 37.41 9.67
C TYR B 188 -30.56 36.10 10.46
N ILE B 189 -31.44 35.08 10.32
CA ILE B 189 -31.30 33.78 11.03
C ILE B 189 -30.00 33.10 10.64
N LEU B 190 -29.73 33.05 9.33
CA LEU B 190 -28.55 32.42 8.74
C LEU B 190 -27.23 33.00 9.28
N LYS B 191 -27.10 34.33 9.34
CA LYS B 191 -25.88 34.95 9.88
C LYS B 191 -25.83 34.92 11.40
N THR B 192 -26.99 35.08 12.10
CA THR B 192 -26.98 35.10 13.57
C THR B 192 -26.71 33.72 14.17
N LEU B 193 -27.16 32.65 13.51
CA LEU B 193 -26.93 31.30 14.02
C LEU B 193 -25.56 30.72 13.58
N GLY B 194 -24.90 31.42 12.65
CA GLY B 194 -23.59 31.07 12.12
C GLY B 194 -23.55 29.77 11.33
N ILE B 195 -24.64 29.46 10.58
CA ILE B 195 -24.75 28.25 9.75
C ILE B 195 -23.73 28.35 8.59
N LYS B 196 -23.10 27.23 8.24
CA LYS B 196 -22.18 27.17 7.12
C LYS B 196 -23.04 27.11 5.85
N TYR B 197 -22.76 28.00 4.91
CA TYR B 197 -23.49 28.05 3.66
C TYR B 197 -22.55 28.41 2.52
N PHE B 198 -22.85 27.88 1.34
CA PHE B 198 -22.12 28.18 0.12
C PHE B 198 -23.15 28.67 -0.87
N SER B 199 -23.37 30.01 -0.91
CA SER B 199 -24.33 30.54 -1.85
C SER B 199 -23.70 30.49 -3.22
N MET B 200 -24.46 30.82 -4.29
CA MET B 200 -23.88 30.85 -5.63
C MET B 200 -22.57 31.68 -5.65
N THR B 201 -22.48 32.74 -4.80
CA THR B 201 -21.30 33.62 -4.62
C THR B 201 -20.07 32.83 -4.16
N GLU B 202 -20.23 31.89 -3.19
CA GLU B 202 -19.15 31.03 -2.70
C GLU B 202 -18.76 30.00 -3.76
N VAL B 203 -19.76 29.37 -4.42
CA VAL B 203 -19.52 28.38 -5.50
C VAL B 203 -18.71 29.06 -6.65
N ASP B 204 -18.98 30.33 -6.96
CA ASP B 204 -18.28 31.11 -7.97
C ASP B 204 -16.83 31.38 -7.56
N ARG B 205 -16.64 31.81 -6.29
CA ARG B 205 -15.36 32.16 -5.70
C ARG B 205 -14.44 30.98 -5.64
N LEU B 206 -14.93 29.87 -5.11
CA LEU B 206 -14.15 28.69 -4.78
C LEU B 206 -14.10 27.58 -5.80
N GLY B 207 -15.22 27.37 -6.51
CA GLY B 207 -15.40 26.24 -7.41
C GLY B 207 -16.03 25.12 -6.60
N ILE B 208 -16.91 24.31 -7.22
CA ILE B 208 -17.63 23.20 -6.55
C ILE B 208 -16.67 22.16 -5.86
N GLY B 209 -15.42 22.05 -6.33
CA GLY B 209 -14.42 21.15 -5.76
C GLY B 209 -14.05 21.52 -4.33
N LYS B 210 -13.84 22.84 -4.08
CA LYS B 210 -13.51 23.34 -2.73
C LYS B 210 -14.77 23.33 -1.85
N VAL B 211 -15.92 23.69 -2.45
CA VAL B 211 -17.22 23.67 -1.78
C VAL B 211 -17.45 22.29 -1.19
N MET B 212 -17.32 21.24 -1.99
CA MET B 212 -17.50 19.87 -1.48
C MET B 212 -16.44 19.45 -0.47
N GLU B 213 -15.15 19.76 -0.72
CA GLU B 213 -14.08 19.45 0.23
C GLU B 213 -14.35 20.09 1.60
N GLU B 214 -14.77 21.37 1.62
CA GLU B 214 -15.07 22.10 2.84
C GLU B 214 -16.34 21.56 3.49
N THR B 215 -17.39 21.26 2.68
CA THR B 215 -18.66 20.69 3.16
C THR B 215 -18.44 19.37 3.86
N LEU B 216 -17.72 18.42 3.22
CA LEU B 216 -17.53 17.12 3.86
C LEU B 216 -16.56 17.21 5.05
N SER B 217 -15.58 18.14 5.05
CA SER B 217 -14.67 18.29 6.21
C SER B 217 -15.43 18.91 7.37
N TYR B 218 -16.19 19.99 7.09
CA TYR B 218 -16.99 20.69 8.10
C TYR B 218 -17.99 19.75 8.81
N LEU B 219 -18.60 18.81 8.07
CA LEU B 219 -19.57 17.89 8.65
C LEU B 219 -18.95 16.62 9.21
N LEU B 220 -17.87 16.11 8.62
CA LEU B 220 -17.29 14.81 9.02
C LEU B 220 -15.86 14.83 9.62
N GLY B 221 -15.20 15.98 9.58
CA GLY B 221 -13.83 16.17 10.07
C GLY B 221 -13.59 15.77 11.51
N ARG B 222 -14.57 16.05 12.41
CA ARG B 222 -14.54 15.67 13.83
C ARG B 222 -14.87 14.16 13.96
N LYS B 223 -15.98 13.68 13.35
CA LYS B 223 -16.36 12.26 13.35
C LYS B 223 -17.28 11.88 12.17
N LYS B 224 -17.18 10.61 11.71
CA LYS B 224 -18.02 10.08 10.64
C LYS B 224 -19.42 9.80 11.18
N ARG B 225 -20.42 10.41 10.55
CA ARG B 225 -21.83 10.30 10.96
C ARG B 225 -22.72 10.19 9.71
N PRO B 226 -23.98 9.70 9.83
CA PRO B 226 -24.86 9.55 8.65
C PRO B 226 -25.22 10.89 8.03
N ILE B 227 -25.22 10.97 6.68
CA ILE B 227 -25.56 12.19 5.93
C ILE B 227 -26.98 12.16 5.39
N HIS B 228 -27.72 13.26 5.64
CA HIS B 228 -29.02 13.48 5.07
C HIS B 228 -28.91 14.55 3.99
N LEU B 229 -29.14 14.14 2.73
CA LEU B 229 -29.11 15.05 1.60
C LEU B 229 -30.54 15.43 1.25
N SER B 230 -30.85 16.73 1.30
CA SER B 230 -32.17 17.23 0.96
C SER B 230 -31.96 18.07 -0.26
N PHE B 231 -32.42 17.55 -1.40
CA PHE B 231 -32.21 18.15 -2.69
C PHE B 231 -33.46 18.77 -3.26
N ASP B 232 -33.51 20.08 -3.23
CA ASP B 232 -34.59 20.81 -3.85
C ASP B 232 -34.11 20.98 -5.29
N VAL B 233 -34.90 20.48 -6.27
CA VAL B 233 -34.48 20.51 -7.69
C VAL B 233 -34.25 21.92 -8.20
N ASP B 234 -34.91 22.94 -7.60
CA ASP B 234 -34.72 24.35 -7.95
C ASP B 234 -33.30 24.88 -7.54
N GLY B 235 -32.52 24.04 -6.85
CA GLY B 235 -31.13 24.37 -6.51
C GLY B 235 -30.27 24.41 -7.78
N LEU B 236 -30.64 23.60 -8.78
CA LEU B 236 -29.99 23.60 -10.09
C LEU B 236 -30.59 24.70 -10.94
N ASP B 237 -29.85 25.16 -11.95
CA ASP B 237 -30.29 26.22 -12.85
C ASP B 237 -31.57 25.79 -13.56
N PRO B 238 -32.57 26.71 -13.69
CA PRO B 238 -33.83 26.35 -14.39
C PRO B 238 -33.65 25.93 -15.86
N SER B 239 -32.42 26.00 -16.39
CA SER B 239 -32.13 25.52 -17.73
C SER B 239 -32.02 23.98 -17.73
N PHE B 240 -31.95 23.33 -16.53
CA PHE B 240 -31.92 21.86 -16.37
C PHE B 240 -33.16 21.32 -15.63
N THR B 241 -33.70 22.11 -14.69
CA THR B 241 -34.88 21.71 -13.90
C THR B 241 -35.93 22.83 -13.99
N PRO B 242 -36.49 23.13 -15.19
CA PRO B 242 -37.47 24.23 -15.27
C PRO B 242 -38.83 23.96 -14.60
N ALA B 243 -39.32 22.69 -14.60
CA ALA B 243 -40.63 22.29 -14.02
C ALA B 243 -40.53 22.17 -12.49
N THR B 244 -40.56 23.33 -11.85
CA THR B 244 -40.43 23.51 -10.41
C THR B 244 -41.16 24.81 -10.05
N GLY B 245 -41.68 24.86 -8.82
CA GLY B 245 -42.50 25.96 -8.29
C GLY B 245 -41.87 27.33 -8.15
N THR B 246 -40.61 27.40 -7.64
CA THR B 246 -39.94 28.67 -7.40
C THR B 246 -38.55 28.74 -8.10
N PRO B 247 -38.48 28.78 -9.46
CA PRO B 247 -37.16 28.83 -10.12
C PRO B 247 -36.43 30.16 -9.94
N VAL B 248 -35.08 30.12 -9.94
CA VAL B 248 -34.20 31.29 -9.79
C VAL B 248 -33.00 31.09 -10.74
N VAL B 249 -32.78 32.05 -11.67
CA VAL B 249 -31.64 32.04 -12.64
C VAL B 249 -30.28 32.09 -11.93
N GLY B 250 -29.22 31.74 -12.66
CA GLY B 250 -27.84 31.69 -12.17
C GLY B 250 -27.58 30.51 -11.24
N GLY B 251 -28.32 29.43 -11.42
CA GLY B 251 -28.22 28.26 -10.55
C GLY B 251 -27.05 27.33 -10.74
N LEU B 252 -27.03 26.25 -9.94
CA LEU B 252 -26.00 25.23 -10.06
C LEU B 252 -26.15 24.57 -11.43
N THR B 253 -25.02 24.33 -12.11
CA THR B 253 -25.06 23.66 -13.42
C THR B 253 -25.36 22.17 -13.25
N TYR B 254 -25.65 21.48 -14.39
CA TYR B 254 -25.90 20.03 -14.41
C TYR B 254 -24.69 19.27 -13.88
N ARG B 255 -23.46 19.70 -14.27
CA ARG B 255 -22.21 19.08 -13.84
C ARG B 255 -22.02 19.27 -12.32
N GLU B 256 -22.33 20.48 -11.82
CA GLU B 256 -22.21 20.78 -10.39
C GLU B 256 -23.10 19.90 -9.52
N GLY B 257 -24.35 19.66 -9.97
CA GLY B 257 -25.26 18.77 -9.23
C GLY B 257 -24.71 17.36 -9.14
N LEU B 258 -24.10 16.86 -10.23
CA LEU B 258 -23.52 15.51 -10.27
C LEU B 258 -22.26 15.47 -9.41
N TYR B 259 -21.47 16.57 -9.37
CA TYR B 259 -20.26 16.57 -8.55
C TYR B 259 -20.58 16.47 -7.05
N ILE B 260 -21.56 17.25 -6.58
CA ILE B 260 -22.01 17.25 -5.17
C ILE B 260 -22.42 15.84 -4.76
N THR B 261 -23.27 15.19 -5.58
CA THR B 261 -23.83 13.88 -5.29
C THR B 261 -22.75 12.78 -5.42
N GLU B 262 -21.88 12.89 -6.46
CA GLU B 262 -20.76 11.98 -6.68
C GLU B 262 -19.86 12.00 -5.45
N GLU B 263 -19.52 13.22 -4.96
CA GLU B 263 -18.71 13.39 -3.75
C GLU B 263 -19.38 12.83 -2.49
N ILE B 264 -20.70 13.03 -2.35
CA ILE B 264 -21.50 12.50 -1.22
C ILE B 264 -21.54 10.97 -1.25
N TYR B 265 -21.81 10.35 -2.45
CA TYR B 265 -21.84 8.89 -2.54
C TYR B 265 -20.53 8.27 -2.03
N LYS B 266 -19.39 8.82 -2.51
CA LYS B 266 -18.03 8.37 -2.22
C LYS B 266 -17.69 8.30 -0.70
N THR B 267 -18.33 9.13 0.16
CA THR B 267 -18.16 9.07 1.64
C THR B 267 -18.66 7.72 2.21
N GLY B 268 -19.69 7.17 1.56
CA GLY B 268 -20.32 5.92 1.94
C GLY B 268 -21.24 6.07 3.13
N LEU B 269 -21.54 7.35 3.50
CA LEU B 269 -22.33 7.69 4.68
C LEU B 269 -23.71 8.25 4.38
N LEU B 270 -24.12 8.36 3.09
CA LEU B 270 -25.46 8.85 2.77
C LEU B 270 -26.46 7.87 3.43
N SER B 271 -27.43 8.41 4.14
CA SER B 271 -28.38 7.63 4.92
C SER B 271 -29.84 8.04 4.68
N GLY B 272 -30.03 9.24 4.14
CA GLY B 272 -31.34 9.76 3.81
C GLY B 272 -31.27 10.73 2.65
N LEU B 273 -32.24 10.64 1.75
CA LEU B 273 -32.25 11.50 0.57
C LEU B 273 -33.66 11.95 0.27
N ASP B 274 -33.83 13.26 -0.07
CA ASP B 274 -35.09 13.87 -0.47
C ASP B 274 -34.92 14.44 -1.89
N ILE B 275 -35.84 14.09 -2.82
CA ILE B 275 -35.81 14.67 -4.18
C ILE B 275 -37.09 15.46 -4.23
N MET B 276 -36.95 16.76 -3.99
CA MET B 276 -38.09 17.64 -3.81
C MET B 276 -38.34 18.66 -4.89
N GLU B 277 -39.59 19.17 -4.88
CA GLU B 277 -40.13 20.25 -5.69
C GLU B 277 -40.28 19.94 -7.20
N VAL B 278 -40.25 18.65 -7.62
CA VAL B 278 -40.51 18.38 -9.06
C VAL B 278 -42.01 18.58 -9.31
N ASN B 279 -42.37 19.54 -10.17
CA ASN B 279 -43.76 19.81 -10.51
C ASN B 279 -44.01 19.63 -12.04
N PRO B 280 -44.52 18.45 -12.47
CA PRO B 280 -44.77 18.21 -13.91
C PRO B 280 -45.87 19.05 -14.59
N SER B 281 -46.60 19.89 -13.82
CA SER B 281 -47.63 20.79 -14.36
C SER B 281 -47.00 22.11 -14.76
N LEU B 282 -45.80 22.42 -14.24
CA LEU B 282 -45.14 23.71 -14.47
C LEU B 282 -44.18 23.74 -15.65
N GLY B 283 -44.21 22.73 -16.50
CA GLY B 283 -43.40 22.78 -17.70
C GLY B 283 -44.06 23.69 -18.73
N LYS B 284 -43.28 24.65 -19.30
CA LYS B 284 -43.81 25.51 -20.37
C LYS B 284 -44.03 24.70 -21.66
N THR B 285 -43.38 23.53 -21.75
CA THR B 285 -43.43 22.59 -22.87
C THR B 285 -43.33 21.18 -22.32
N PRO B 286 -43.86 20.13 -23.00
CA PRO B 286 -43.66 18.76 -22.52
C PRO B 286 -42.19 18.35 -22.37
N GLU B 287 -41.27 18.95 -23.18
CA GLU B 287 -39.84 18.67 -23.10
C GLU B 287 -39.21 19.21 -21.80
N GLU B 288 -39.63 20.40 -21.35
CA GLU B 288 -39.15 21.00 -20.08
C GLU B 288 -39.48 20.09 -18.88
N VAL B 289 -40.59 19.34 -18.96
CA VAL B 289 -41.05 18.40 -17.93
C VAL B 289 -40.11 17.19 -17.92
N THR B 290 -39.84 16.59 -19.10
CA THR B 290 -38.97 15.43 -19.26
C THR B 290 -37.55 15.80 -18.88
N ARG B 291 -37.08 17.01 -19.29
CA ARG B 291 -35.77 17.54 -18.96
C ARG B 291 -35.60 17.60 -17.44
N THR B 292 -36.65 18.04 -16.68
CA THR B 292 -36.64 18.17 -15.22
C THR B 292 -36.55 16.80 -14.52
N VAL B 293 -37.39 15.85 -14.94
CA VAL B 293 -37.45 14.51 -14.37
C VAL B 293 -36.12 13.78 -14.61
N ASN B 294 -35.57 13.89 -15.83
CA ASN B 294 -34.29 13.27 -16.20
C ASN B 294 -33.12 13.86 -15.43
N THR B 295 -33.11 15.19 -15.18
CA THR B 295 -32.05 15.80 -14.38
C THR B 295 -32.21 15.24 -12.97
N ALA B 296 -33.47 15.20 -12.42
CA ALA B 296 -33.75 14.64 -11.08
C ALA B 296 -33.29 13.17 -10.94
N VAL B 297 -33.51 12.35 -11.99
CA VAL B 297 -33.17 10.91 -12.04
C VAL B 297 -31.65 10.77 -12.02
N ALA B 298 -30.94 11.55 -12.86
CA ALA B 298 -29.46 11.55 -12.97
C ALA B 298 -28.80 11.87 -11.64
N ILE B 299 -29.25 12.96 -10.95
CA ILE B 299 -28.74 13.35 -9.62
C ILE B 299 -28.93 12.16 -8.64
N THR B 300 -30.10 11.47 -8.71
CA THR B 300 -30.43 10.32 -7.87
C THR B 300 -29.49 9.16 -8.08
N LEU B 301 -29.24 8.75 -9.35
CA LEU B 301 -28.35 7.60 -9.62
C LEU B 301 -26.94 7.91 -9.13
N ALA B 302 -26.54 9.18 -9.19
CA ALA B 302 -25.22 9.66 -8.75
C ALA B 302 -25.06 9.47 -7.23
N CYS B 303 -26.17 9.63 -6.46
CA CYS B 303 -26.23 9.42 -5.00
C CYS B 303 -26.01 7.95 -4.66
N PHE B 304 -26.36 7.04 -5.59
CA PHE B 304 -26.26 5.60 -5.31
C PHE B 304 -25.18 4.91 -6.14
N GLY B 305 -24.13 5.66 -6.47
CA GLY B 305 -22.94 5.11 -7.12
C GLY B 305 -22.59 5.42 -8.55
N LEU B 306 -23.55 5.93 -9.35
CA LEU B 306 -23.27 6.20 -10.76
C LEU B 306 -22.22 7.32 -10.97
N ALA B 307 -21.00 6.89 -11.32
CA ALA B 307 -19.85 7.76 -11.56
C ALA B 307 -19.66 8.07 -13.04
N ARG B 308 -19.43 9.35 -13.39
CA ARG B 308 -19.16 9.74 -14.78
C ARG B 308 -17.94 9.02 -15.37
N GLU B 309 -16.88 8.81 -14.57
CA GLU B 309 -15.64 8.11 -15.00
C GLU B 309 -15.90 6.66 -15.42
N GLY B 310 -17.08 6.15 -15.05
CA GLY B 310 -17.52 4.80 -15.33
C GLY B 310 -17.45 3.94 -14.10
N ASN B 311 -18.09 2.78 -14.16
CA ASN B 311 -18.12 1.78 -13.10
C ASN B 311 -17.96 0.42 -13.75
N HIS B 312 -17.41 -0.55 -13.01
CA HIS B 312 -17.26 -1.93 -13.49
C HIS B 312 -17.42 -2.91 -12.33
N LYS B 313 -17.79 -4.15 -12.64
CA LYS B 313 -17.99 -5.19 -11.63
C LYS B 313 -16.65 -5.87 -11.34
N PRO B 314 -16.44 -6.47 -10.12
CA PRO B 314 -15.15 -7.12 -9.84
C PRO B 314 -14.94 -8.47 -10.56
N ILE B 315 -14.93 -8.41 -11.90
CA ILE B 315 -14.74 -9.54 -12.81
C ILE B 315 -13.68 -9.15 -13.86
N ASP B 316 -13.05 -10.16 -14.50
CA ASP B 316 -12.06 -9.93 -15.55
C ASP B 316 -12.82 -9.77 -16.87
N TYR B 317 -13.01 -8.52 -17.30
CA TYR B 317 -13.68 -8.14 -18.56
C TYR B 317 -12.88 -8.57 -19.80
N LEU B 318 -11.57 -8.81 -19.64
CA LEU B 318 -10.74 -9.26 -20.75
C LEU B 318 -10.76 -10.81 -20.92
N ASN B 319 -11.73 -11.50 -20.28
CA ASN B 319 -11.99 -12.94 -20.38
C ASN B 319 -13.51 -13.25 -20.36
N ALA C 3 -12.53 -36.60 16.46
CA ALA C 3 -12.56 -35.34 17.21
C ALA C 3 -12.51 -34.19 16.23
N LYS C 4 -12.95 -32.98 16.64
CA LYS C 4 -12.91 -31.80 15.76
C LYS C 4 -11.48 -31.56 15.24
N SER C 5 -10.49 -31.57 16.16
CA SER C 5 -9.06 -31.36 15.91
C SER C 5 -8.43 -32.40 14.95
N ARG C 6 -9.14 -33.50 14.68
CA ARG C 6 -8.64 -34.56 13.79
C ARG C 6 -9.57 -34.87 12.61
N THR C 7 -10.39 -33.90 12.18
CA THR C 7 -11.32 -34.09 11.04
C THR C 7 -10.80 -33.22 9.91
N ILE C 8 -10.34 -33.86 8.81
CA ILE C 8 -9.63 -33.15 7.74
C ILE C 8 -10.23 -33.20 6.32
N GLY C 9 -10.20 -32.05 5.65
CA GLY C 9 -10.53 -31.88 4.24
C GLY C 9 -9.24 -31.60 3.48
N ILE C 10 -8.79 -32.57 2.64
CA ILE C 10 -7.54 -32.53 1.85
C ILE C 10 -7.76 -31.84 0.52
N ILE C 11 -6.99 -30.76 0.26
CA ILE C 11 -7.03 -30.05 -1.03
C ILE C 11 -5.61 -29.98 -1.61
N GLY C 12 -5.44 -30.63 -2.76
CA GLY C 12 -4.21 -30.62 -3.52
C GLY C 12 -4.20 -29.38 -4.40
N ALA C 13 -3.11 -28.61 -4.36
CA ALA C 13 -3.04 -27.38 -5.15
C ALA C 13 -1.74 -27.35 -5.99
N PRO C 14 -1.75 -28.05 -7.15
CA PRO C 14 -0.53 -28.12 -7.99
C PRO C 14 -0.30 -26.83 -8.80
N PHE C 15 0.13 -25.75 -8.13
CA PHE C 15 0.35 -24.45 -8.78
C PHE C 15 1.78 -23.93 -8.55
N SER C 16 2.43 -23.47 -9.63
CA SER C 16 3.82 -23.00 -9.54
C SER C 16 4.04 -21.56 -10.00
N LYS C 17 3.05 -20.94 -10.67
CA LYS C 17 3.19 -19.62 -11.31
C LYS C 17 3.29 -18.39 -10.37
N GLY C 18 3.32 -18.60 -9.06
CA GLY C 18 3.57 -17.48 -8.15
C GLY C 18 5.07 -17.23 -8.02
N GLN C 19 5.86 -18.14 -8.63
CA GLN C 19 7.33 -18.08 -8.59
C GLN C 19 7.99 -18.61 -9.93
N PRO C 20 9.31 -18.38 -10.20
CA PRO C 20 9.87 -18.80 -11.49
C PRO C 20 10.43 -20.23 -11.59
N ARG C 21 10.62 -20.95 -10.46
CA ARG C 21 11.22 -22.30 -10.46
C ARG C 21 10.20 -23.45 -10.61
N GLY C 22 10.29 -24.16 -11.74
CA GLY C 22 9.39 -25.29 -12.01
C GLY C 22 9.62 -26.45 -11.05
N GLY C 23 8.54 -27.19 -10.78
CA GLY C 23 8.59 -28.36 -9.90
C GLY C 23 7.74 -28.29 -8.64
N VAL C 24 7.43 -27.07 -8.13
CA VAL C 24 6.65 -26.88 -6.91
C VAL C 24 5.18 -27.31 -7.13
N GLU C 25 4.74 -27.40 -8.40
CA GLU C 25 3.41 -27.92 -8.73
C GLU C 25 3.33 -29.44 -8.45
N GLU C 26 4.46 -30.10 -8.28
CA GLU C 26 4.49 -31.54 -7.98
C GLU C 26 4.52 -31.85 -6.47
N GLY C 27 4.39 -30.82 -5.63
CA GLY C 27 4.34 -30.97 -4.17
C GLY C 27 3.19 -31.84 -3.68
N PRO C 28 1.93 -31.63 -4.19
CA PRO C 28 0.82 -32.51 -3.76
C PRO C 28 1.05 -33.98 -4.11
N THR C 29 1.58 -34.23 -5.33
CA THR C 29 1.90 -35.55 -5.87
C THR C 29 2.88 -36.29 -4.95
N VAL C 30 4.05 -35.69 -4.70
CA VAL C 30 5.09 -36.30 -3.86
C VAL C 30 4.63 -36.41 -2.37
N LEU C 31 3.83 -35.45 -1.86
CA LEU C 31 3.34 -35.60 -0.46
C LEU C 31 2.36 -36.77 -0.33
N ARG C 32 1.51 -37.00 -1.38
CA ARG C 32 0.53 -38.09 -1.41
C ARG C 32 1.22 -39.45 -1.63
N LYS C 33 2.29 -39.50 -2.45
CA LYS C 33 3.04 -40.73 -2.76
C LYS C 33 3.74 -41.28 -1.51
N ALA C 34 4.12 -40.37 -0.61
CA ALA C 34 4.77 -40.63 0.66
C ALA C 34 3.82 -41.20 1.73
N GLY C 35 2.55 -41.34 1.36
CA GLY C 35 1.49 -41.93 2.17
C GLY C 35 0.91 -41.01 3.22
N LEU C 36 0.86 -39.70 2.93
CA LEU C 36 0.35 -38.71 3.89
C LEU C 36 -1.06 -39.01 4.36
N LEU C 37 -1.98 -39.26 3.41
CA LEU C 37 -3.39 -39.53 3.68
C LEU C 37 -3.61 -40.79 4.54
N GLU C 38 -2.85 -41.85 4.26
CA GLU C 38 -2.94 -43.13 4.98
C GLU C 38 -2.37 -43.01 6.41
N LYS C 39 -1.21 -42.30 6.55
CA LYS C 39 -0.57 -41.99 7.84
C LYS C 39 -1.54 -41.17 8.70
N LEU C 40 -2.32 -40.27 8.07
CA LEU C 40 -3.34 -39.47 8.78
C LEU C 40 -4.41 -40.38 9.32
N LYS C 41 -4.99 -41.26 8.45
CA LYS C 41 -6.02 -42.25 8.86
C LYS C 41 -5.50 -43.17 9.98
N GLU C 42 -4.20 -43.58 9.91
CA GLU C 42 -3.52 -44.42 10.92
C GLU C 42 -3.41 -43.74 12.30
N GLN C 43 -3.67 -42.43 12.36
CA GLN C 43 -3.57 -41.58 13.54
C GLN C 43 -4.94 -41.22 14.11
N GLU C 44 -5.99 -41.95 13.68
CA GLU C 44 -7.40 -41.77 14.02
C GLU C 44 -7.95 -40.40 13.58
N CYS C 45 -7.59 -39.98 12.35
CA CYS C 45 -8.12 -38.77 11.71
C CYS C 45 -9.27 -39.25 10.82
N ASP C 46 -10.22 -38.36 10.55
CA ASP C 46 -11.36 -38.57 9.64
C ASP C 46 -10.97 -37.73 8.44
N VAL C 47 -10.38 -38.38 7.43
CA VAL C 47 -9.86 -37.75 6.21
C VAL C 47 -10.87 -37.84 5.05
N LYS C 48 -11.17 -36.69 4.41
CA LYS C 48 -11.98 -36.55 3.21
C LYS C 48 -11.10 -35.84 2.19
N ASP C 49 -10.93 -36.46 1.03
CA ASP C 49 -10.09 -35.98 -0.04
C ASP C 49 -10.91 -35.21 -1.09
N TYR C 50 -10.73 -33.89 -1.14
CA TYR C 50 -11.44 -33.04 -2.10
C TYR C 50 -10.64 -32.93 -3.43
N GLY C 51 -9.68 -33.84 -3.62
CA GLY C 51 -8.88 -33.91 -4.84
C GLY C 51 -7.85 -32.82 -5.08
N ASP C 52 -7.16 -32.94 -6.22
CA ASP C 52 -6.16 -31.99 -6.67
C ASP C 52 -6.82 -30.98 -7.61
N LEU C 53 -6.80 -29.69 -7.26
CA LEU C 53 -7.45 -28.67 -8.09
C LEU C 53 -6.89 -28.58 -9.51
N PRO C 54 -7.80 -28.48 -10.52
CA PRO C 54 -7.33 -28.33 -11.90
C PRO C 54 -7.09 -26.86 -12.25
N PHE C 55 -5.82 -26.50 -12.41
CA PHE C 55 -5.53 -25.12 -12.74
C PHE C 55 -5.34 -24.98 -14.24
N ALA C 56 -6.36 -24.42 -14.93
CA ALA C 56 -6.36 -24.22 -16.39
C ALA C 56 -5.37 -23.15 -16.79
N ASP C 57 -4.58 -23.47 -17.83
CA ASP C 57 -3.59 -22.56 -18.37
C ASP C 57 -4.26 -21.30 -18.93
N ILE C 58 -3.68 -20.14 -18.63
CA ILE C 58 -4.21 -18.85 -19.09
C ILE C 58 -3.25 -18.26 -20.14
N PRO C 59 -3.64 -18.31 -21.43
CA PRO C 59 -2.78 -17.70 -22.46
C PRO C 59 -2.87 -16.19 -22.40
N ASN C 60 -1.79 -15.51 -22.84
CA ASN C 60 -1.66 -14.04 -22.86
C ASN C 60 -1.75 -13.42 -21.46
N ASP C 61 -1.28 -14.17 -20.44
CA ASP C 61 -1.29 -13.65 -19.08
C ASP C 61 -0.07 -12.75 -18.93
N SER C 62 -0.23 -11.53 -19.46
CA SER C 62 0.76 -10.47 -19.52
C SER C 62 1.03 -9.89 -18.13
N PRO C 63 2.25 -9.40 -17.82
CA PRO C 63 2.49 -8.88 -16.47
C PRO C 63 1.76 -7.58 -16.11
N PHE C 64 1.65 -7.33 -14.81
CA PHE C 64 1.15 -6.08 -14.27
C PHE C 64 2.45 -5.45 -13.85
N GLN C 65 2.99 -4.51 -14.68
CA GLN C 65 4.32 -3.89 -14.47
C GLN C 65 5.37 -5.05 -14.44
N ILE C 66 6.06 -5.32 -13.31
CA ILE C 66 7.04 -6.41 -13.24
C ILE C 66 6.42 -7.69 -12.62
N VAL C 67 5.16 -7.58 -12.12
CA VAL C 67 4.39 -8.67 -11.48
C VAL C 67 4.05 -9.73 -12.52
N LYS C 68 4.61 -10.94 -12.38
CA LYS C 68 4.44 -12.02 -13.35
C LYS C 68 3.26 -12.90 -13.11
N ASN C 69 2.56 -13.28 -14.21
CA ASN C 69 1.43 -14.20 -14.18
C ASN C 69 0.29 -13.74 -13.25
N PRO C 70 -0.19 -12.47 -13.24
CA PRO C 70 -1.23 -12.11 -12.28
C PRO C 70 -2.57 -12.84 -12.42
N ARG C 71 -3.04 -13.06 -13.67
CA ARG C 71 -4.32 -13.70 -13.92
C ARG C 71 -4.31 -15.14 -13.46
N SER C 72 -3.20 -15.84 -13.68
CA SER C 72 -3.04 -17.25 -13.29
C SER C 72 -3.03 -17.43 -11.76
N VAL C 73 -2.21 -16.61 -11.05
CA VAL C 73 -2.11 -16.56 -9.59
C VAL C 73 -3.45 -16.14 -8.96
N GLY C 74 -4.08 -15.14 -9.55
CA GLY C 74 -5.37 -14.63 -9.10
C GLY C 74 -6.48 -15.64 -9.24
N LYS C 75 -6.53 -16.35 -10.39
CA LYS C 75 -7.54 -17.40 -10.65
C LYS C 75 -7.31 -18.66 -9.84
N ALA C 76 -6.02 -19.04 -9.60
CA ALA C 76 -5.73 -20.23 -8.80
C ALA C 76 -6.13 -20.00 -7.36
N SER C 77 -5.86 -18.78 -6.83
CA SER C 77 -6.26 -18.40 -5.47
C SER C 77 -7.77 -18.28 -5.35
N GLU C 78 -8.46 -17.87 -6.42
CA GLU C 78 -9.93 -17.77 -6.45
C GLU C 78 -10.61 -19.16 -6.42
N GLN C 79 -10.01 -20.15 -7.10
CA GLN C 79 -10.55 -21.52 -7.08
C GLN C 79 -10.34 -22.12 -5.67
N LEU C 80 -9.09 -21.99 -5.15
CA LEU C 80 -8.69 -22.46 -3.83
C LEU C 80 -9.58 -21.84 -2.75
N ALA C 81 -9.94 -20.55 -2.88
CA ALA C 81 -10.81 -19.88 -1.92
C ALA C 81 -12.17 -20.62 -1.79
N GLY C 82 -12.89 -20.76 -2.91
CA GLY C 82 -14.17 -21.47 -2.96
C GLY C 82 -14.07 -22.88 -2.41
N LYS C 83 -13.00 -23.59 -2.76
CA LYS C 83 -12.77 -24.97 -2.30
C LYS C 83 -12.49 -25.04 -0.79
N VAL C 84 -11.58 -24.17 -0.26
CA VAL C 84 -11.30 -24.11 1.17
C VAL C 84 -12.60 -23.81 1.90
N ALA C 85 -13.38 -22.82 1.42
CA ALA C 85 -14.69 -22.45 1.98
C ALA C 85 -15.68 -23.62 2.01
N GLU C 86 -15.67 -24.47 0.96
CA GLU C 86 -16.53 -25.65 0.89
C GLU C 86 -16.14 -26.64 2.02
N VAL C 87 -14.84 -26.88 2.21
CA VAL C 87 -14.25 -27.78 3.25
C VAL C 87 -14.61 -27.29 4.67
N LYS C 88 -14.51 -25.96 4.88
CA LYS C 88 -14.82 -25.32 6.14
C LYS C 88 -16.33 -25.42 6.48
N LYS C 89 -17.20 -25.31 5.46
CA LYS C 89 -18.65 -25.43 5.58
C LYS C 89 -19.08 -26.84 5.96
N ASN C 90 -18.26 -27.84 5.65
CA ASN C 90 -18.48 -29.26 5.97
C ASN C 90 -17.93 -29.66 7.35
N GLY C 91 -17.53 -28.67 8.14
CA GLY C 91 -16.99 -28.86 9.49
C GLY C 91 -15.68 -29.64 9.53
N ARG C 92 -14.79 -29.38 8.56
CA ARG C 92 -13.50 -30.05 8.49
C ARG C 92 -12.37 -29.01 8.56
N ILE C 93 -11.16 -29.45 8.96
CA ILE C 93 -9.94 -28.62 8.99
C ILE C 93 -9.41 -28.68 7.56
N SER C 94 -9.25 -27.52 6.89
CA SER C 94 -8.74 -27.45 5.52
C SER C 94 -7.21 -27.58 5.43
N LEU C 95 -6.75 -28.70 4.80
CA LEU C 95 -5.33 -29.00 4.60
C LEU C 95 -4.99 -28.82 3.13
N VAL C 96 -4.19 -27.76 2.85
CA VAL C 96 -3.76 -27.37 1.52
C VAL C 96 -2.36 -27.83 1.25
N LEU C 97 -2.21 -28.74 0.26
CA LEU C 97 -0.91 -29.23 -0.16
C LEU C 97 -0.51 -28.41 -1.37
N GLY C 98 0.47 -27.53 -1.17
CA GLY C 98 0.97 -26.68 -2.24
C GLY C 98 2.06 -27.40 -3.01
N GLY C 99 2.59 -26.79 -4.08
CA GLY C 99 2.22 -25.47 -4.57
C GLY C 99 2.98 -24.33 -3.91
N ASP C 100 3.07 -23.19 -4.61
CA ASP C 100 3.80 -22.05 -4.05
C ASP C 100 2.94 -21.24 -3.06
N HIS C 101 3.56 -20.34 -2.28
CA HIS C 101 2.88 -19.57 -1.24
C HIS C 101 1.93 -18.45 -1.74
N SER C 102 1.88 -18.15 -3.03
CA SER C 102 0.87 -17.19 -3.52
C SER C 102 -0.57 -17.72 -3.26
N LEU C 103 -0.68 -19.04 -3.11
CA LEU C 103 -1.93 -19.77 -2.86
C LEU C 103 -2.54 -19.44 -1.49
N ALA C 104 -1.75 -18.88 -0.56
CA ALA C 104 -2.24 -18.46 0.76
C ALA C 104 -3.34 -17.40 0.63
N ILE C 105 -3.31 -16.58 -0.46
CA ILE C 105 -4.37 -15.58 -0.73
C ILE C 105 -5.72 -16.34 -0.77
N GLY C 106 -5.77 -17.44 -1.53
CA GLY C 106 -7.00 -18.23 -1.62
C GLY C 106 -7.30 -19.04 -0.38
N SER C 107 -6.27 -19.62 0.25
CA SER C 107 -6.51 -20.45 1.44
C SER C 107 -7.04 -19.65 2.63
N ILE C 108 -6.39 -18.52 2.95
CA ILE C 108 -6.82 -17.68 4.07
C ILE C 108 -8.16 -16.97 3.71
N SER C 109 -8.33 -16.50 2.44
CA SER C 109 -9.57 -15.83 2.00
C SER C 109 -10.78 -16.73 2.20
N GLY C 110 -10.70 -17.95 1.68
CA GLY C 110 -11.76 -18.96 1.75
C GLY C 110 -12.10 -19.34 3.17
N HIS C 111 -11.07 -19.53 4.00
CA HIS C 111 -11.20 -19.86 5.42
C HIS C 111 -11.90 -18.71 6.15
N ALA C 112 -11.54 -17.47 5.83
CA ALA C 112 -12.15 -16.29 6.45
C ALA C 112 -13.66 -16.13 6.19
N ARG C 113 -14.17 -16.68 5.06
CA ARG C 113 -15.58 -16.59 4.68
C ARG C 113 -16.51 -17.30 5.68
N VAL C 114 -16.00 -18.40 6.25
CA VAL C 114 -16.65 -19.25 7.24
C VAL C 114 -16.24 -18.81 8.67
N HIS C 115 -14.95 -18.52 8.92
CA HIS C 115 -14.47 -18.11 10.25
C HIS C 115 -13.74 -16.76 10.21
N PRO C 116 -14.48 -15.63 10.15
CA PRO C 116 -13.80 -14.31 10.04
C PRO C 116 -12.93 -13.87 11.20
N ASP C 117 -13.07 -14.54 12.36
CA ASP C 117 -12.34 -14.30 13.59
C ASP C 117 -11.07 -15.17 13.69
N LEU C 118 -10.62 -15.75 12.53
CA LEU C 118 -9.40 -16.55 12.41
C LEU C 118 -8.12 -15.76 12.79
N GLY C 119 -7.15 -16.48 13.33
CA GLY C 119 -5.84 -15.95 13.70
C GLY C 119 -4.81 -16.66 12.82
N VAL C 120 -3.81 -15.93 12.29
CA VAL C 120 -2.86 -16.54 11.34
C VAL C 120 -1.46 -16.69 11.94
N ILE C 121 -0.89 -17.92 11.89
CA ILE C 121 0.50 -18.21 12.28
C ILE C 121 1.19 -18.48 10.94
N TRP C 122 2.21 -17.70 10.62
CA TRP C 122 2.91 -17.77 9.36
C TRP C 122 4.33 -18.17 9.64
N VAL C 123 4.64 -19.44 9.37
CA VAL C 123 5.95 -20.05 9.59
C VAL C 123 6.66 -20.02 8.24
N ASP C 124 7.69 -19.19 8.16
CA ASP C 124 8.42 -18.95 6.93
C ASP C 124 9.75 -18.31 7.28
N ALA C 125 10.69 -18.36 6.33
CA ALA C 125 11.97 -17.67 6.46
C ALA C 125 11.69 -16.21 6.00
N HIS C 126 10.63 -16.00 5.22
CA HIS C 126 10.26 -14.69 4.66
C HIS C 126 8.89 -14.20 5.13
N THR C 127 8.61 -12.90 4.99
CA THR C 127 7.31 -12.36 5.41
C THR C 127 6.24 -12.48 4.35
N ASP C 128 6.62 -12.49 3.03
CA ASP C 128 5.68 -12.57 1.89
C ASP C 128 4.64 -11.45 1.95
N ILE C 129 5.12 -10.24 2.27
CA ILE C 129 4.26 -9.07 2.52
C ILE C 129 4.55 -7.91 1.56
N ASN C 130 5.34 -8.16 0.50
CA ASN C 130 5.61 -7.15 -0.54
C ASN C 130 4.31 -6.84 -1.24
N THR C 131 4.11 -5.60 -1.69
CA THR C 131 2.90 -5.30 -2.43
C THR C 131 3.28 -5.37 -3.93
N PRO C 132 2.31 -5.40 -4.88
CA PRO C 132 2.69 -5.34 -6.30
C PRO C 132 3.62 -4.18 -6.68
N LEU C 133 3.79 -3.18 -5.79
CA LEU C 133 4.63 -2.01 -6.03
C LEU C 133 5.97 -2.01 -5.25
N THR C 134 6.08 -2.69 -4.08
CA THR C 134 7.37 -2.76 -3.35
C THR C 134 8.24 -3.91 -3.89
N THR C 135 7.59 -4.95 -4.45
CA THR C 135 8.24 -6.12 -5.08
C THR C 135 9.32 -5.71 -6.10
N THR C 136 10.47 -6.40 -6.10
CA THR C 136 11.54 -6.15 -7.06
C THR C 136 11.73 -7.37 -7.97
N SER C 137 11.10 -8.50 -7.57
CA SER C 137 11.16 -9.77 -8.27
C SER C 137 9.96 -9.98 -9.21
N GLY C 138 8.80 -9.48 -8.78
CA GLY C 138 7.53 -9.63 -9.47
C GLY C 138 6.91 -11.00 -9.25
N ASN C 139 7.47 -11.78 -8.30
CA ASN C 139 6.98 -13.12 -7.96
C ASN C 139 5.90 -13.02 -6.91
N LEU C 140 4.68 -13.41 -7.27
CA LEU C 140 3.54 -13.21 -6.35
C LEU C 140 3.58 -14.08 -5.10
N HIS C 141 4.41 -15.15 -5.05
CA HIS C 141 4.55 -15.99 -3.83
C HIS C 141 5.16 -15.20 -2.63
N GLY C 142 5.77 -14.05 -2.90
CA GLY C 142 6.34 -13.15 -1.91
C GLY C 142 5.43 -11.97 -1.61
N GLN C 143 4.17 -12.02 -2.09
CA GLN C 143 3.20 -10.93 -1.87
C GLN C 143 1.84 -11.35 -1.21
N PRO C 144 1.56 -12.62 -0.80
CA PRO C 144 0.20 -12.96 -0.35
C PRO C 144 -0.33 -12.23 0.88
N VAL C 145 0.56 -11.83 1.79
CA VAL C 145 0.07 -11.14 2.99
C VAL C 145 -0.41 -9.71 2.67
N SER C 146 0.19 -9.07 1.65
CA SER C 146 -0.22 -7.70 1.28
C SER C 146 -1.66 -7.64 0.77
N PHE C 147 -2.11 -8.72 0.10
CA PHE C 147 -3.47 -8.79 -0.44
C PHE C 147 -4.50 -8.99 0.64
N LEU C 148 -4.14 -9.75 1.69
CA LEU C 148 -4.98 -10.14 2.81
C LEU C 148 -5.17 -9.09 3.91
N LEU C 149 -4.14 -8.24 4.17
CA LEU C 149 -4.18 -7.25 5.25
C LEU C 149 -5.14 -6.11 4.98
N LYS C 150 -6.05 -5.86 5.92
CA LYS C 150 -7.05 -4.79 5.85
C LYS C 150 -6.40 -3.43 5.84
N GLU C 151 -5.32 -3.25 6.62
CA GLU C 151 -4.54 -2.01 6.74
C GLU C 151 -3.76 -1.64 5.48
N LEU C 152 -3.65 -2.56 4.50
CA LEU C 152 -2.95 -2.28 3.24
C LEU C 152 -3.92 -1.97 2.08
N LYS C 153 -5.24 -1.86 2.38
CA LYS C 153 -6.27 -1.50 1.39
C LYS C 153 -5.97 -0.05 0.98
N GLY C 154 -6.04 0.24 -0.32
CA GLY C 154 -5.69 1.57 -0.84
C GLY C 154 -4.22 1.68 -1.24
N LYS C 155 -3.39 0.74 -0.74
CA LYS C 155 -1.96 0.64 -1.04
C LYS C 155 -1.73 -0.42 -2.13
N ILE C 156 -2.71 -1.33 -2.31
CA ILE C 156 -2.68 -2.39 -3.31
C ILE C 156 -3.37 -1.84 -4.58
N PRO C 157 -2.68 -1.78 -5.74
CA PRO C 157 -3.36 -1.28 -6.94
C PRO C 157 -4.28 -2.35 -7.56
N ASP C 158 -5.10 -1.96 -8.56
CA ASP C 158 -6.02 -2.88 -9.25
C ASP C 158 -5.16 -3.85 -10.08
N VAL C 159 -4.96 -5.08 -9.57
CA VAL C 159 -4.15 -6.08 -10.24
C VAL C 159 -5.07 -7.08 -10.97
N PRO C 160 -4.84 -7.34 -12.28
CA PRO C 160 -5.72 -8.26 -13.02
C PRO C 160 -5.71 -9.65 -12.39
N GLY C 161 -6.91 -10.18 -12.15
CA GLY C 161 -7.08 -11.49 -11.51
C GLY C 161 -7.33 -11.41 -10.02
N PHE C 162 -7.23 -10.21 -9.41
CA PHE C 162 -7.38 -10.02 -7.95
C PHE C 162 -8.58 -9.18 -7.50
N SER C 163 -9.49 -8.86 -8.43
CA SER C 163 -10.72 -8.06 -8.20
C SER C 163 -11.66 -8.66 -7.16
N TRP C 164 -11.59 -9.99 -6.97
CA TRP C 164 -12.41 -10.79 -6.07
C TRP C 164 -11.95 -10.73 -4.60
N VAL C 165 -10.68 -10.40 -4.37
CA VAL C 165 -10.08 -10.33 -3.05
C VAL C 165 -10.70 -9.18 -2.27
N THR C 166 -11.02 -9.46 -1.02
CA THR C 166 -11.45 -8.49 -0.04
C THR C 166 -10.49 -8.75 1.13
N PRO C 167 -9.71 -7.74 1.58
CA PRO C 167 -8.82 -7.99 2.74
C PRO C 167 -9.64 -8.51 3.93
N CYS C 168 -9.20 -9.64 4.49
CA CYS C 168 -9.88 -10.36 5.55
C CYS C 168 -9.14 -10.40 6.89
N ILE C 169 -7.85 -10.06 6.92
CA ILE C 169 -7.13 -10.13 8.18
C ILE C 169 -6.55 -8.78 8.56
N SER C 170 -6.61 -8.45 9.85
CA SER C 170 -5.99 -7.22 10.34
C SER C 170 -4.54 -7.54 10.75
N ALA C 171 -3.64 -6.55 10.69
CA ALA C 171 -2.21 -6.69 11.00
C ALA C 171 -1.90 -7.26 12.42
N LYS C 172 -2.87 -7.16 13.35
CA LYS C 172 -2.81 -7.66 14.72
C LYS C 172 -3.28 -9.10 14.83
N ASP C 173 -3.76 -9.69 13.70
CA ASP C 173 -4.29 -11.05 13.65
C ASP C 173 -3.37 -12.07 12.99
N ILE C 174 -2.09 -11.72 12.84
CA ILE C 174 -1.05 -12.56 12.24
C ILE C 174 0.21 -12.57 13.10
N VAL C 175 0.85 -13.74 13.24
CA VAL C 175 2.12 -13.89 13.94
C VAL C 175 3.10 -14.63 13.01
N TYR C 176 4.28 -14.04 12.76
CA TYR C 176 5.33 -14.69 12.00
C TYR C 176 6.27 -15.42 12.93
N ILE C 177 6.73 -16.61 12.50
CA ILE C 177 7.73 -17.42 13.21
C ILE C 177 8.78 -17.88 12.18
N GLY C 178 10.06 -17.55 12.42
CA GLY C 178 11.19 -18.00 11.61
C GLY C 178 11.89 -17.08 10.65
N LEU C 179 11.48 -15.79 10.56
CA LEU C 179 12.02 -14.82 9.62
C LEU C 179 13.54 -14.65 9.65
N ARG C 180 14.15 -14.54 8.44
CA ARG C 180 15.60 -14.35 8.30
C ARG C 180 16.02 -13.70 6.98
N ASP C 181 15.07 -13.53 6.05
CA ASP C 181 15.32 -12.89 4.78
C ASP C 181 14.11 -12.03 4.43
N VAL C 182 14.14 -10.78 4.89
CA VAL C 182 13.04 -9.82 4.78
C VAL C 182 13.49 -8.63 3.96
N ASP C 183 12.71 -8.27 2.93
CA ASP C 183 13.03 -7.13 2.05
C ASP C 183 12.92 -5.78 2.78
N PRO C 184 13.62 -4.70 2.33
CA PRO C 184 13.50 -3.40 3.02
C PRO C 184 12.06 -2.90 3.07
N GLY C 185 11.34 -3.00 1.94
CA GLY C 185 9.93 -2.62 1.84
C GLY C 185 9.06 -3.42 2.81
N GLU C 186 9.36 -4.73 2.94
CA GLU C 186 8.66 -5.64 3.84
C GLU C 186 8.93 -5.29 5.31
N HIS C 187 10.17 -4.88 5.61
CA HIS C 187 10.57 -4.52 6.97
C HIS C 187 9.90 -3.23 7.39
N TYR C 188 9.70 -2.27 6.45
CA TYR C 188 9.00 -1.03 6.71
C TYR C 188 7.51 -1.35 7.03
N ILE C 189 6.87 -2.26 6.25
CA ILE C 189 5.48 -2.67 6.47
C ILE C 189 5.31 -3.25 7.90
N LEU C 190 6.11 -4.27 8.25
CA LEU C 190 6.15 -4.97 9.54
C LEU C 190 6.25 -3.96 10.68
N LYS C 191 7.17 -2.97 10.55
CA LYS C 191 7.38 -1.92 11.56
C LYS C 191 6.25 -0.89 11.63
N THR C 192 5.85 -0.31 10.50
CA THR C 192 4.82 0.73 10.47
C THR C 192 3.40 0.21 10.75
N LEU C 193 3.16 -1.11 10.58
CA LEU C 193 1.85 -1.72 10.86
C LEU C 193 1.79 -2.39 12.23
N GLY C 194 2.94 -2.48 12.90
CA GLY C 194 3.07 -3.06 14.23
C GLY C 194 2.73 -4.54 14.26
N ILE C 195 3.16 -5.27 13.22
CA ILE C 195 2.95 -6.71 13.09
C ILE C 195 3.83 -7.47 14.07
N LYS C 196 3.23 -8.45 14.78
CA LYS C 196 3.91 -9.33 15.72
C LYS C 196 4.74 -10.37 14.95
N TYR C 197 6.04 -10.47 15.25
CA TYR C 197 6.92 -11.44 14.61
C TYR C 197 7.98 -11.96 15.56
N PHE C 198 8.48 -13.16 15.27
CA PHE C 198 9.58 -13.78 15.95
C PHE C 198 10.55 -14.16 14.82
N SER C 199 11.61 -13.32 14.60
CA SER C 199 12.60 -13.60 13.57
C SER C 199 13.50 -14.65 14.17
N MET C 200 14.49 -15.18 13.42
CA MET C 200 15.37 -16.20 13.98
C MET C 200 16.07 -15.66 15.21
N THR C 201 16.24 -14.33 15.25
CA THR C 201 16.86 -13.57 16.37
C THR C 201 16.02 -13.74 17.64
N GLU C 202 14.69 -13.60 17.55
CA GLU C 202 13.81 -13.78 18.72
C GLU C 202 13.81 -15.26 19.14
N VAL C 203 13.87 -16.18 18.17
CA VAL C 203 13.87 -17.63 18.42
C VAL C 203 15.15 -17.95 19.20
N ASP C 204 16.31 -17.46 18.72
CA ASP C 204 17.60 -17.61 19.39
C ASP C 204 17.56 -17.04 20.83
N ARG C 205 17.02 -15.81 20.99
CA ARG C 205 16.89 -15.12 22.28
C ARG C 205 16.05 -15.84 23.32
N LEU C 206 14.81 -16.19 22.93
CA LEU C 206 13.76 -16.71 23.81
C LEU C 206 13.68 -18.22 23.95
N GLY C 207 13.97 -18.93 22.88
CA GLY C 207 13.83 -20.37 22.80
C GLY C 207 12.46 -20.58 22.19
N ILE C 208 12.25 -21.75 21.56
CA ILE C 208 11.00 -22.10 20.87
C ILE C 208 9.82 -22.26 21.83
N GLY C 209 10.11 -22.62 23.09
CA GLY C 209 9.10 -22.74 24.13
C GLY C 209 8.42 -21.42 24.43
N LYS C 210 9.22 -20.40 24.73
CA LYS C 210 8.79 -19.02 25.00
C LYS C 210 8.08 -18.41 23.78
N VAL C 211 8.60 -18.66 22.57
CA VAL C 211 8.02 -18.17 21.30
C VAL C 211 6.57 -18.67 21.21
N MET C 212 6.34 -19.96 21.47
CA MET C 212 5.02 -20.59 21.41
C MET C 212 4.07 -20.10 22.49
N GLU C 213 4.58 -19.82 23.71
CA GLU C 213 3.72 -19.31 24.79
C GLU C 213 3.21 -17.94 24.35
N GLU C 214 4.15 -17.09 23.87
CA GLU C 214 3.87 -15.72 23.40
C GLU C 214 2.95 -15.69 22.17
N THR C 215 3.15 -16.59 21.20
CA THR C 215 2.33 -16.67 19.98
C THR C 215 0.85 -16.98 20.31
N LEU C 216 0.59 -18.10 21.01
CA LEU C 216 -0.75 -18.57 21.40
C LEU C 216 -1.41 -17.57 22.34
N SER C 217 -0.66 -16.97 23.29
CA SER C 217 -1.19 -15.96 24.24
C SER C 217 -1.61 -14.68 23.50
N TYR C 218 -0.91 -14.34 22.40
CA TYR C 218 -1.17 -13.16 21.56
C TYR C 218 -2.48 -13.28 20.79
N LEU C 219 -2.76 -14.45 20.23
CA LEU C 219 -3.95 -14.62 19.41
C LEU C 219 -5.16 -15.13 20.19
N LEU C 220 -4.91 -15.89 21.27
CA LEU C 220 -5.91 -16.56 22.08
C LEU C 220 -6.25 -15.94 23.45
N GLY C 221 -5.38 -15.08 23.98
CA GLY C 221 -5.54 -14.42 25.28
C GLY C 221 -6.93 -14.00 25.71
N ARG C 222 -7.60 -13.17 24.91
CA ARG C 222 -8.96 -12.66 25.14
C ARG C 222 -10.02 -13.78 25.23
N LYS C 223 -9.95 -14.78 24.32
CA LYS C 223 -10.88 -15.91 24.21
C LYS C 223 -10.41 -16.83 23.08
N LYS C 224 -10.84 -18.11 23.12
CA LYS C 224 -10.53 -19.09 22.07
C LYS C 224 -11.10 -18.62 20.75
N ARG C 225 -10.29 -18.71 19.68
CA ARG C 225 -10.64 -18.30 18.31
C ARG C 225 -9.98 -19.26 17.31
N PRO C 226 -10.49 -19.41 16.05
CA PRO C 226 -9.88 -20.37 15.11
C PRO C 226 -8.48 -19.95 14.66
N ILE C 227 -7.62 -20.94 14.37
CA ILE C 227 -6.24 -20.70 13.94
C ILE C 227 -5.96 -21.27 12.55
N HIS C 228 -5.34 -20.45 11.68
CA HIS C 228 -4.87 -20.85 10.35
C HIS C 228 -3.33 -20.89 10.41
N LEU C 229 -2.73 -22.08 10.26
CA LEU C 229 -1.28 -22.19 10.22
C LEU C 229 -0.88 -22.24 8.74
N SER C 230 0.02 -21.33 8.33
CA SER C 230 0.53 -21.28 6.97
C SER C 230 2.00 -21.68 7.05
N PHE C 231 2.25 -22.95 6.78
CA PHE C 231 3.57 -23.51 6.88
C PHE C 231 4.35 -23.48 5.55
N ASP C 232 5.34 -22.60 5.45
CA ASP C 232 6.24 -22.61 4.30
C ASP C 232 7.40 -23.47 4.74
N VAL C 233 7.71 -24.58 4.02
CA VAL C 233 8.83 -25.49 4.38
C VAL C 233 10.21 -24.80 4.43
N ASP C 234 10.36 -23.56 3.90
CA ASP C 234 11.63 -22.86 3.94
C ASP C 234 11.85 -22.15 5.28
N GLY C 235 10.83 -22.17 6.15
CA GLY C 235 10.94 -21.72 7.53
C GLY C 235 11.95 -22.59 8.26
N LEU C 236 11.89 -23.91 8.01
CA LEU C 236 12.85 -24.88 8.53
C LEU C 236 14.16 -24.75 7.76
N ASP C 237 15.28 -25.02 8.43
CA ASP C 237 16.62 -24.92 7.88
C ASP C 237 16.86 -25.84 6.68
N PRO C 238 17.59 -25.39 5.61
CA PRO C 238 17.80 -26.26 4.43
C PRO C 238 18.45 -27.61 4.70
N SER C 239 18.94 -27.87 5.94
CA SER C 239 19.49 -29.19 6.30
C SER C 239 18.34 -30.20 6.50
N PHE C 240 17.12 -29.67 6.64
CA PHE C 240 15.89 -30.46 6.82
C PHE C 240 14.99 -30.44 5.58
N THR C 241 14.78 -29.25 4.99
CA THR C 241 13.95 -29.06 3.81
C THR C 241 14.75 -28.48 2.59
N PRO C 242 15.78 -29.17 2.03
CA PRO C 242 16.55 -28.56 0.92
C PRO C 242 15.78 -28.33 -0.39
N ALA C 243 14.89 -29.25 -0.78
CA ALA C 243 14.09 -29.20 -2.01
C ALA C 243 13.02 -28.11 -1.97
N THR C 244 13.45 -26.82 -1.97
CA THR C 244 12.60 -25.63 -1.88
C THR C 244 13.24 -24.49 -2.69
N GLY C 245 12.40 -23.63 -3.25
CA GLY C 245 12.75 -22.52 -4.14
C GLY C 245 13.67 -21.43 -3.62
N THR C 246 13.39 -20.93 -2.40
CA THR C 246 14.15 -19.85 -1.77
C THR C 246 14.67 -20.28 -0.39
N PRO C 247 15.68 -21.19 -0.34
CA PRO C 247 16.19 -21.61 0.97
C PRO C 247 17.13 -20.55 1.56
N VAL C 248 17.10 -20.42 2.89
CA VAL C 248 17.96 -19.48 3.64
C VAL C 248 18.55 -20.24 4.82
N VAL C 249 19.89 -20.18 4.97
CA VAL C 249 20.65 -20.79 6.08
C VAL C 249 20.21 -20.22 7.46
N GLY C 250 20.41 -21.01 8.52
CA GLY C 250 20.08 -20.61 9.89
C GLY C 250 18.61 -20.68 10.23
N GLY C 251 17.90 -21.68 9.68
CA GLY C 251 16.47 -21.82 9.89
C GLY C 251 16.05 -22.60 11.10
N LEU C 252 14.73 -22.75 11.29
CA LEU C 252 14.17 -23.50 12.41
C LEU C 252 14.63 -24.93 12.27
N THR C 253 14.95 -25.59 13.39
CA THR C 253 15.36 -27.00 13.35
C THR C 253 14.13 -27.91 13.16
N TYR C 254 14.36 -29.20 12.87
CA TYR C 254 13.33 -30.23 12.73
C TYR C 254 12.53 -30.32 14.05
N ARG C 255 13.25 -30.33 15.19
CA ARG C 255 12.71 -30.32 16.56
C ARG C 255 11.85 -29.05 16.76
N GLU C 256 12.37 -27.86 16.41
CA GLU C 256 11.57 -26.62 16.53
C GLU C 256 10.31 -26.63 15.68
N GLY C 257 10.38 -27.16 14.46
CA GLY C 257 9.23 -27.29 13.57
C GLY C 257 8.14 -28.15 14.18
N LEU C 258 8.54 -29.33 14.71
CA LEU C 258 7.66 -30.27 15.38
C LEU C 258 7.06 -29.68 16.64
N TYR C 259 7.88 -28.90 17.37
CA TYR C 259 7.43 -28.25 18.59
C TYR C 259 6.33 -27.24 18.34
N ILE C 260 6.50 -26.40 17.33
CA ILE C 260 5.48 -25.42 16.98
C ILE C 260 4.13 -26.15 16.68
N THR C 261 4.16 -27.18 15.81
CA THR C 261 2.95 -27.88 15.38
C THR C 261 2.30 -28.74 16.48
N GLU C 262 3.11 -29.29 17.44
CA GLU C 262 2.57 -30.05 18.58
C GLU C 262 1.78 -29.12 19.52
N GLU C 263 2.31 -27.90 19.74
CA GLU C 263 1.69 -26.87 20.59
C GLU C 263 0.40 -26.36 19.93
N ILE C 264 0.43 -26.22 18.60
CA ILE C 264 -0.75 -25.80 17.85
C ILE C 264 -1.80 -26.89 17.99
N TYR C 265 -1.44 -28.19 17.78
CA TYR C 265 -2.40 -29.29 17.92
C TYR C 265 -3.14 -29.25 19.24
N LYS C 266 -2.38 -29.16 20.36
CA LYS C 266 -2.83 -29.15 21.76
C LYS C 266 -3.88 -28.08 22.10
N THR C 267 -3.93 -26.98 21.34
CA THR C 267 -4.96 -25.95 21.61
C THR C 267 -6.37 -26.46 21.20
N GLY C 268 -6.40 -27.34 20.19
CA GLY C 268 -7.62 -27.90 19.60
C GLY C 268 -8.30 -26.90 18.67
N LEU C 269 -7.58 -25.82 18.33
CA LEU C 269 -8.12 -24.71 17.54
C LEU C 269 -7.54 -24.60 16.12
N LEU C 270 -6.73 -25.57 15.69
CA LEU C 270 -6.23 -25.51 14.30
C LEU C 270 -7.45 -25.77 13.38
N SER C 271 -7.79 -24.78 12.54
CA SER C 271 -8.97 -24.72 11.68
C SER C 271 -8.59 -24.80 10.18
N GLY C 272 -7.38 -24.35 9.87
CA GLY C 272 -6.82 -24.35 8.53
C GLY C 272 -5.32 -24.49 8.58
N LEU C 273 -4.76 -25.28 7.64
CA LEU C 273 -3.32 -25.49 7.53
C LEU C 273 -2.88 -25.44 6.05
N ASP C 274 -1.66 -24.90 5.78
CA ASP C 274 -1.07 -24.87 4.43
C ASP C 274 0.30 -25.50 4.52
N ILE C 275 0.62 -26.47 3.65
CA ILE C 275 1.96 -27.07 3.61
C ILE C 275 2.51 -26.67 2.25
N MET C 276 3.37 -25.65 2.25
CA MET C 276 3.80 -25.01 1.01
C MET C 276 5.26 -25.05 0.68
N GLU C 277 5.56 -24.80 -0.63
CA GLU C 277 6.87 -24.62 -1.25
C GLU C 277 7.74 -25.88 -1.28
N VAL C 278 7.12 -27.07 -1.22
CA VAL C 278 7.87 -28.33 -1.35
C VAL C 278 8.15 -28.43 -2.86
N ASN C 279 9.42 -28.35 -3.29
CA ASN C 279 9.74 -28.45 -4.72
C ASN C 279 10.63 -29.67 -4.96
N PRO C 280 10.01 -30.80 -5.37
CA PRO C 280 10.77 -32.05 -5.53
C PRO C 280 11.78 -32.06 -6.70
N SER C 281 11.71 -31.07 -7.60
CA SER C 281 12.67 -30.98 -8.71
C SER C 281 13.93 -30.19 -8.26
N LEU C 282 13.89 -29.64 -7.00
CA LEU C 282 14.97 -28.84 -6.39
C LEU C 282 15.82 -29.60 -5.34
N GLY C 283 15.79 -30.92 -5.41
CA GLY C 283 16.64 -31.75 -4.58
C GLY C 283 17.87 -32.14 -5.38
N LYS C 284 19.08 -31.73 -4.92
CA LYS C 284 20.38 -32.02 -5.55
C LYS C 284 20.65 -33.52 -5.66
N THR C 285 20.08 -34.31 -4.72
CA THR C 285 20.19 -35.77 -4.75
C THR C 285 18.76 -36.29 -4.52
N PRO C 286 18.43 -37.57 -4.83
CA PRO C 286 17.08 -38.06 -4.50
C PRO C 286 16.86 -38.09 -2.96
N GLU C 287 17.94 -38.31 -2.15
CA GLU C 287 17.87 -38.26 -0.67
C GLU C 287 17.39 -36.87 -0.19
N GLU C 288 17.77 -35.79 -0.90
CA GLU C 288 17.36 -34.42 -0.57
C GLU C 288 15.86 -34.23 -0.76
N VAL C 289 15.29 -34.88 -1.80
CA VAL C 289 13.85 -34.84 -2.08
C VAL C 289 13.08 -35.61 -1.00
N THR C 290 13.49 -36.86 -0.70
CA THR C 290 12.78 -37.69 0.29
C THR C 290 12.91 -37.10 1.73
N ARG C 291 14.02 -36.39 2.01
CA ARG C 291 14.26 -35.73 3.29
C ARG C 291 13.25 -34.59 3.49
N THR C 292 13.08 -33.72 2.48
CA THR C 292 12.16 -32.59 2.50
C THR C 292 10.70 -33.07 2.63
N VAL C 293 10.34 -34.13 1.88
CA VAL C 293 8.98 -34.69 1.87
C VAL C 293 8.66 -35.29 3.25
N ASN C 294 9.55 -36.15 3.77
CA ASN C 294 9.38 -36.76 5.09
C ASN C 294 9.36 -35.73 6.20
N THR C 295 10.11 -34.61 6.04
CA THR C 295 10.07 -33.52 7.01
C THR C 295 8.66 -32.91 6.95
N ALA C 296 8.21 -32.53 5.75
CA ALA C 296 6.89 -31.96 5.50
C ALA C 296 5.75 -32.84 6.04
N VAL C 297 5.82 -34.17 5.82
CA VAL C 297 4.86 -35.15 6.30
C VAL C 297 4.82 -35.18 7.84
N ALA C 298 6.01 -35.25 8.48
CA ALA C 298 6.16 -35.25 9.95
C ALA C 298 5.54 -33.99 10.58
N ILE C 299 5.76 -32.84 9.94
CA ILE C 299 5.19 -31.55 10.39
C ILE C 299 3.64 -31.66 10.34
N THR C 300 3.11 -32.17 9.21
CA THR C 300 1.66 -32.34 8.97
C THR C 300 1.05 -33.27 10.03
N LEU C 301 1.68 -34.43 10.28
CA LEU C 301 1.20 -35.40 11.27
C LEU C 301 1.13 -34.84 12.70
N ALA C 302 2.08 -33.98 13.06
CA ALA C 302 2.16 -33.28 14.35
C ALA C 302 1.02 -32.27 14.49
N CYS C 303 0.58 -31.67 13.36
CA CYS C 303 -0.57 -30.77 13.37
C CYS C 303 -1.83 -31.50 13.76
N PHE C 304 -1.87 -32.81 13.45
CA PHE C 304 -3.05 -33.65 13.70
C PHE C 304 -2.82 -34.69 14.81
N GLY C 305 -1.97 -34.31 15.77
CA GLY C 305 -1.79 -35.01 17.03
C GLY C 305 -0.74 -36.04 17.30
N LEU C 306 0.12 -36.34 16.30
CA LEU C 306 1.21 -37.28 16.51
C LEU C 306 2.15 -36.59 17.50
N ALA C 307 2.51 -37.29 18.58
CA ALA C 307 3.32 -36.65 19.61
C ALA C 307 4.58 -37.40 19.90
N ARG C 308 5.68 -36.65 20.10
CA ARG C 308 6.99 -37.24 20.34
C ARG C 308 7.04 -38.10 21.65
N GLU C 309 6.27 -37.71 22.70
CA GLU C 309 6.18 -38.48 23.94
C GLU C 309 5.41 -39.79 23.76
N GLY C 310 4.69 -39.90 22.65
CA GLY C 310 3.86 -41.05 22.31
C GLY C 310 2.40 -40.69 22.18
N ASN C 311 1.64 -41.64 21.64
CA ASN C 311 0.20 -41.60 21.43
C ASN C 311 -0.37 -42.95 21.83
N HIS C 312 -1.60 -42.97 22.37
CA HIS C 312 -2.32 -44.21 22.65
C HIS C 312 -3.83 -44.02 22.48
N LYS C 313 -4.53 -45.10 22.12
CA LYS C 313 -6.00 -45.11 21.93
C LYS C 313 -6.65 -45.22 23.32
N PRO C 314 -7.86 -44.64 23.56
CA PRO C 314 -8.46 -44.74 24.91
C PRO C 314 -9.02 -46.14 25.26
N ILE C 315 -8.08 -47.08 25.50
CA ILE C 315 -8.27 -48.48 25.89
C ILE C 315 -7.27 -48.78 27.02
N ASP C 316 -7.15 -50.06 27.42
CA ASP C 316 -6.22 -50.51 28.46
C ASP C 316 -5.31 -51.54 27.81
N TYR C 317 -4.05 -51.15 27.53
CA TYR C 317 -3.07 -52.01 26.89
C TYR C 317 -2.52 -53.12 27.81
N LEU C 318 -2.77 -53.01 29.13
CA LEU C 318 -2.34 -53.97 30.15
C LEU C 318 -3.31 -55.19 30.24
N ASN C 319 -4.52 -55.06 29.64
CA ASN C 319 -5.55 -56.10 29.61
C ASN C 319 -5.42 -56.97 28.36
N ALA D 3 27.91 7.12 9.80
CA ALA D 3 27.37 6.44 10.98
C ALA D 3 28.46 5.63 11.69
N LYS D 4 28.77 6.02 12.96
CA LYS D 4 29.82 5.46 13.81
C LYS D 4 29.89 3.93 13.83
N SER D 5 28.73 3.26 14.08
CA SER D 5 28.65 1.79 14.13
C SER D 5 28.80 1.14 12.74
N ARG D 6 28.85 1.96 11.67
CA ARG D 6 29.02 1.50 10.30
C ARG D 6 30.16 2.22 9.54
N THR D 7 31.14 2.79 10.27
CA THR D 7 32.33 3.44 9.70
C THR D 7 33.51 2.49 9.95
N ILE D 8 34.09 1.94 8.86
CA ILE D 8 35.09 0.87 8.93
C ILE D 8 36.39 1.16 8.16
N GLY D 9 37.48 0.65 8.73
CA GLY D 9 38.83 0.66 8.21
C GLY D 9 39.31 -0.78 8.20
N ILE D 10 39.44 -1.36 7.00
CA ILE D 10 39.87 -2.75 6.79
C ILE D 10 41.38 -2.81 6.83
N ILE D 11 41.92 -3.86 7.46
CA ILE D 11 43.34 -4.13 7.59
C ILE D 11 43.51 -5.60 7.28
N GLY D 12 44.30 -5.88 6.25
CA GLY D 12 44.66 -7.24 5.89
C GLY D 12 45.89 -7.59 6.71
N ALA D 13 45.80 -8.71 7.44
CA ALA D 13 46.90 -9.21 8.26
C ALA D 13 47.27 -10.62 7.78
N PRO D 14 47.93 -10.77 6.59
CA PRO D 14 48.23 -12.10 6.06
C PRO D 14 49.42 -12.73 6.77
N PHE D 15 49.16 -13.23 7.98
CA PHE D 15 50.20 -13.77 8.83
C PHE D 15 49.87 -15.16 9.34
N SER D 16 50.84 -16.08 9.31
CA SER D 16 50.61 -17.47 9.71
C SER D 16 51.61 -18.07 10.67
N LYS D 17 52.69 -17.34 11.00
CA LYS D 17 53.77 -17.86 11.81
C LYS D 17 53.44 -18.00 13.30
N GLY D 18 52.19 -17.74 13.69
CA GLY D 18 51.73 -17.96 15.07
C GLY D 18 51.31 -19.42 15.25
N GLN D 19 51.25 -20.17 14.12
CA GLN D 19 50.86 -21.58 14.07
C GLN D 19 51.58 -22.36 12.92
N PRO D 20 51.66 -23.71 12.98
CA PRO D 20 52.44 -24.45 11.96
C PRO D 20 51.77 -24.72 10.62
N ARG D 21 50.43 -24.58 10.55
CA ARG D 21 49.68 -24.91 9.35
C ARG D 21 49.69 -23.79 8.35
N GLY D 22 50.25 -24.08 7.17
CA GLY D 22 50.33 -23.11 6.09
C GLY D 22 48.97 -22.83 5.51
N GLY D 23 48.79 -21.61 5.03
CA GLY D 23 47.54 -21.20 4.39
C GLY D 23 46.75 -20.06 5.00
N VAL D 24 46.71 -19.96 6.36
CA VAL D 24 45.91 -18.95 7.06
C VAL D 24 46.26 -17.54 6.56
N GLU D 25 47.47 -17.30 6.03
CA GLU D 25 47.85 -15.98 5.48
C GLU D 25 46.97 -15.55 4.28
N GLU D 26 46.28 -16.52 3.63
CA GLU D 26 45.39 -16.20 2.50
C GLU D 26 43.96 -15.79 2.95
N GLY D 27 43.73 -15.74 4.26
CA GLY D 27 42.48 -15.31 4.87
C GLY D 27 42.04 -13.95 4.37
N PRO D 28 42.88 -12.89 4.43
CA PRO D 28 42.46 -11.57 3.90
C PRO D 28 42.05 -11.61 2.42
N THR D 29 42.83 -12.31 1.55
CA THR D 29 42.59 -12.48 0.12
C THR D 29 41.19 -13.05 -0.15
N VAL D 30 40.93 -14.26 0.39
CA VAL D 30 39.74 -15.06 0.22
C VAL D 30 38.49 -14.35 0.78
N LEU D 31 38.64 -13.58 1.88
CA LEU D 31 37.51 -12.81 2.42
C LEU D 31 37.17 -11.60 1.53
N ARG D 32 38.18 -10.99 0.86
CA ARG D 32 37.98 -9.87 -0.07
C ARG D 32 37.35 -10.39 -1.37
N LYS D 33 37.81 -11.58 -1.86
CA LYS D 33 37.33 -12.23 -3.08
C LYS D 33 35.88 -12.61 -2.96
N ALA D 34 35.39 -12.88 -1.71
CA ALA D 34 33.98 -13.18 -1.44
C ALA D 34 33.12 -11.89 -1.51
N GLY D 35 33.77 -10.74 -1.66
CA GLY D 35 33.12 -9.44 -1.80
C GLY D 35 32.65 -8.81 -0.51
N LEU D 36 33.45 -8.92 0.57
CA LEU D 36 33.14 -8.35 1.88
C LEU D 36 32.97 -6.81 1.81
N LEU D 37 33.84 -6.13 1.05
CA LEU D 37 33.75 -4.66 0.92
C LEU D 37 32.45 -4.20 0.27
N GLU D 38 32.05 -4.89 -0.82
CA GLU D 38 30.85 -4.58 -1.60
C GLU D 38 29.59 -4.82 -0.78
N LYS D 39 29.57 -5.96 -0.06
CA LYS D 39 28.46 -6.38 0.79
C LYS D 39 28.24 -5.39 1.92
N LEU D 40 29.33 -4.98 2.60
CA LEU D 40 29.29 -3.99 3.67
C LEU D 40 28.85 -2.61 3.16
N LYS D 41 29.22 -2.23 1.95
CA LYS D 41 28.84 -0.91 1.39
C LYS D 41 27.35 -0.86 1.06
N GLU D 42 26.76 -1.99 0.62
CA GLU D 42 25.33 -2.15 0.29
C GLU D 42 24.46 -2.19 1.54
N GLN D 43 25.13 -2.17 2.70
CA GLN D 43 24.61 -2.26 4.06
C GLN D 43 24.77 -0.91 4.78
N GLU D 44 24.85 0.17 3.98
CA GLU D 44 24.97 1.58 4.41
C GLU D 44 26.24 1.89 5.25
N CYS D 45 27.30 1.08 5.08
CA CYS D 45 28.59 1.27 5.73
C CYS D 45 29.49 2.16 4.90
N ASP D 46 30.45 2.85 5.57
CA ASP D 46 31.52 3.64 4.95
C ASP D 46 32.76 2.78 5.15
N VAL D 47 33.29 2.22 4.04
CA VAL D 47 34.43 1.32 4.05
C VAL D 47 35.65 1.96 3.36
N LYS D 48 36.81 1.87 4.02
CA LYS D 48 38.10 2.28 3.49
C LYS D 48 39.00 1.09 3.74
N ASP D 49 39.64 0.60 2.67
CA ASP D 49 40.53 -0.54 2.69
C ASP D 49 41.95 0.01 2.76
N TYR D 50 42.67 -0.31 3.86
CA TYR D 50 44.05 0.14 4.09
C TYR D 50 45.07 -0.83 3.47
N GLY D 51 44.55 -1.88 2.85
CA GLY D 51 45.36 -2.90 2.19
C GLY D 51 45.85 -3.98 3.12
N ASP D 52 46.73 -4.84 2.62
CA ASP D 52 47.32 -5.93 3.37
C ASP D 52 48.70 -5.50 3.81
N LEU D 53 49.01 -5.64 5.11
CA LEU D 53 50.33 -5.33 5.64
C LEU D 53 51.40 -6.23 5.03
N PRO D 54 52.53 -5.66 4.58
CA PRO D 54 53.62 -6.52 4.14
C PRO D 54 54.26 -7.01 5.44
N PHE D 55 54.58 -8.27 5.50
CA PHE D 55 55.23 -8.76 6.71
C PHE D 55 56.54 -9.29 6.20
N ALA D 56 57.51 -8.35 5.98
CA ALA D 56 58.86 -8.64 5.47
C ALA D 56 59.45 -9.79 6.22
N ASP D 57 59.96 -10.76 5.48
CA ASP D 57 60.53 -12.01 6.02
C ASP D 57 61.55 -11.74 7.10
N ILE D 58 61.46 -12.51 8.21
CA ILE D 58 62.45 -12.47 9.26
C ILE D 58 63.11 -13.86 9.28
N PRO D 59 64.12 -14.08 8.42
CA PRO D 59 64.79 -15.39 8.44
C PRO D 59 65.67 -15.38 9.68
N ASN D 60 66.06 -16.55 10.19
CA ASN D 60 66.84 -16.57 11.43
C ASN D 60 65.95 -15.98 12.56
N ASP D 61 64.90 -16.74 12.85
CA ASP D 61 63.94 -16.47 13.91
C ASP D 61 63.84 -17.79 14.65
N SER D 62 64.93 -18.11 15.35
CA SER D 62 65.08 -19.36 16.09
C SER D 62 64.09 -19.39 17.28
N PRO D 63 63.69 -20.59 17.78
CA PRO D 63 62.74 -20.60 18.88
C PRO D 63 63.28 -20.09 20.20
N PHE D 64 62.40 -19.44 20.97
CA PHE D 64 62.64 -19.01 22.33
C PHE D 64 62.14 -20.20 23.12
N GLN D 65 63.06 -21.03 23.67
CA GLN D 65 62.71 -22.27 24.37
C GLN D 65 61.86 -23.12 23.40
N ILE D 66 60.54 -23.19 23.59
CA ILE D 66 59.69 -23.98 22.69
C ILE D 66 58.78 -23.09 21.84
N VAL D 67 58.74 -21.78 22.16
CA VAL D 67 57.94 -20.77 21.48
C VAL D 67 58.48 -20.57 20.04
N LYS D 68 57.64 -20.84 19.04
CA LYS D 68 58.05 -20.81 17.64
C LYS D 68 57.86 -19.47 16.95
N ASN D 69 58.85 -19.09 16.10
CA ASN D 69 58.88 -17.84 15.32
C ASN D 69 58.53 -16.62 16.17
N PRO D 70 59.26 -16.36 17.30
CA PRO D 70 58.83 -15.25 18.19
C PRO D 70 58.99 -13.86 17.63
N ARG D 71 60.08 -13.59 16.87
CA ARG D 71 60.35 -12.26 16.32
C ARG D 71 59.39 -11.88 15.22
N SER D 72 59.04 -12.84 14.34
CA SER D 72 58.04 -12.67 13.27
C SER D 72 56.68 -12.33 13.89
N VAL D 73 56.23 -13.14 14.87
CA VAL D 73 54.96 -12.96 15.59
C VAL D 73 54.94 -11.65 16.35
N GLY D 74 56.06 -11.32 17.00
CA GLY D 74 56.24 -10.05 17.70
C GLY D 74 56.15 -8.87 16.77
N LYS D 75 56.95 -8.88 15.68
CA LYS D 75 57.01 -7.81 14.66
C LYS D 75 55.68 -7.65 13.91
N ALA D 76 55.01 -8.76 13.55
CA ALA D 76 53.70 -8.71 12.89
C ALA D 76 52.68 -7.98 13.77
N SER D 77 52.62 -8.34 15.07
CA SER D 77 51.70 -7.72 16.04
C SER D 77 52.05 -6.27 16.31
N GLU D 78 53.36 -5.95 16.41
CA GLU D 78 53.79 -4.58 16.63
C GLU D 78 53.38 -3.68 15.48
N GLN D 79 53.62 -4.13 14.23
CA GLN D 79 53.26 -3.36 13.02
C GLN D 79 51.74 -3.26 12.93
N LEU D 80 51.02 -4.36 13.23
CA LEU D 80 49.56 -4.34 13.25
C LEU D 80 49.00 -3.33 14.24
N ALA D 81 49.57 -3.29 15.47
CA ALA D 81 49.17 -2.36 16.52
C ALA D 81 49.16 -0.92 16.02
N GLY D 82 50.27 -0.50 15.41
CA GLY D 82 50.42 0.84 14.84
C GLY D 82 49.35 1.14 13.82
N LYS D 83 49.12 0.21 12.89
CA LYS D 83 48.09 0.29 11.83
C LYS D 83 46.67 0.44 12.44
N VAL D 84 46.37 -0.35 13.50
CA VAL D 84 45.10 -0.31 14.24
C VAL D 84 44.87 1.02 14.95
N ALA D 85 45.95 1.60 15.55
CA ALA D 85 45.92 2.90 16.23
C ALA D 85 45.70 3.99 15.20
N GLU D 86 46.36 3.86 14.03
CA GLU D 86 46.24 4.78 12.90
C GLU D 86 44.78 4.76 12.39
N VAL D 87 44.19 3.55 12.24
CA VAL D 87 42.80 3.37 11.85
C VAL D 87 41.86 3.98 12.91
N LYS D 88 42.10 3.68 14.21
CA LYS D 88 41.30 4.20 15.33
C LYS D 88 41.34 5.72 15.49
N LYS D 89 42.46 6.36 15.13
CA LYS D 89 42.62 7.81 15.16
C LYS D 89 41.79 8.44 14.05
N ASN D 90 41.61 7.72 12.92
CA ASN D 90 40.80 8.15 11.78
C ASN D 90 39.28 8.04 12.02
N GLY D 91 38.88 7.76 13.27
CA GLY D 91 37.48 7.62 13.67
C GLY D 91 36.74 6.50 12.96
N ARG D 92 37.40 5.32 12.81
CA ARG D 92 36.85 4.15 12.13
C ARG D 92 36.98 2.90 12.99
N ILE D 93 36.03 1.96 12.83
CA ILE D 93 36.06 0.65 13.52
C ILE D 93 37.10 -0.16 12.76
N SER D 94 38.17 -0.56 13.46
CA SER D 94 39.26 -1.35 12.88
C SER D 94 38.75 -2.77 12.61
N LEU D 95 38.87 -3.22 11.35
CA LEU D 95 38.49 -4.56 10.94
C LEU D 95 39.73 -5.29 10.46
N VAL D 96 40.23 -6.18 11.31
CA VAL D 96 41.42 -6.97 11.05
C VAL D 96 41.01 -8.30 10.45
N LEU D 97 41.45 -8.53 9.22
CA LEU D 97 41.25 -9.78 8.52
C LEU D 97 42.52 -10.60 8.71
N GLY D 98 42.42 -11.67 9.46
CA GLY D 98 43.55 -12.56 9.69
C GLY D 98 43.58 -13.68 8.65
N GLY D 99 44.59 -14.55 8.70
CA GLY D 99 45.68 -14.53 9.66
C GLY D 99 45.38 -15.30 10.94
N ASP D 100 46.44 -15.82 11.59
CA ASP D 100 46.26 -16.55 12.85
C ASP D 100 45.96 -15.59 14.01
N HIS D 101 45.47 -16.12 15.15
CA HIS D 101 45.03 -15.38 16.32
C HIS D 101 46.13 -14.74 17.18
N SER D 102 47.43 -14.95 16.86
CA SER D 102 48.51 -14.30 17.62
C SER D 102 48.49 -12.78 17.37
N LEU D 103 47.83 -12.36 16.28
CA LEU D 103 47.70 -10.95 15.87
C LEU D 103 46.78 -10.16 16.79
N ALA D 104 46.05 -10.83 17.72
CA ALA D 104 45.18 -10.17 18.70
C ALA D 104 46.00 -9.35 19.69
N ILE D 105 47.26 -9.77 19.94
CA ILE D 105 48.23 -9.03 20.75
C ILE D 105 48.33 -7.66 20.09
N GLY D 106 48.58 -7.63 18.77
CA GLY D 106 48.72 -6.40 18.02
C GLY D 106 47.43 -5.64 17.86
N SER D 107 46.38 -6.33 17.38
CA SER D 107 45.09 -5.68 17.21
C SER D 107 44.60 -5.02 18.53
N ILE D 108 44.62 -5.74 19.67
CA ILE D 108 44.12 -5.17 20.94
C ILE D 108 45.08 -4.11 21.53
N SER D 109 46.40 -4.33 21.46
CA SER D 109 47.34 -3.31 21.98
C SER D 109 47.18 -1.98 21.25
N GLY D 110 47.03 -2.02 19.91
CA GLY D 110 46.81 -0.85 19.08
C GLY D 110 45.48 -0.16 19.32
N HIS D 111 44.43 -0.97 19.51
CA HIS D 111 43.09 -0.47 19.81
C HIS D 111 43.13 0.24 21.19
N ALA D 112 43.77 -0.39 22.19
CA ALA D 112 43.91 0.16 23.56
C ALA D 112 44.71 1.47 23.66
N ARG D 113 45.57 1.78 22.65
CA ARG D 113 46.36 3.02 22.62
C ARG D 113 45.46 4.23 22.41
N VAL D 114 44.32 4.03 21.73
CA VAL D 114 43.33 5.05 21.41
C VAL D 114 42.14 4.98 22.39
N HIS D 115 41.81 3.74 22.86
CA HIS D 115 40.74 3.52 23.82
C HIS D 115 41.20 2.59 24.92
N PRO D 116 41.85 3.13 26.00
CA PRO D 116 42.35 2.25 27.07
C PRO D 116 41.24 1.61 27.91
N ASP D 117 40.05 2.23 27.90
CA ASP D 117 38.84 1.77 28.61
C ASP D 117 38.07 0.63 27.90
N LEU D 118 38.59 0.10 26.76
CA LEU D 118 37.91 -0.94 26.00
C LEU D 118 37.73 -2.27 26.78
N GLY D 119 36.65 -2.98 26.44
CA GLY D 119 36.31 -4.31 26.94
C GLY D 119 36.43 -5.28 25.79
N VAL D 120 36.77 -6.54 26.08
CA VAL D 120 36.98 -7.53 25.03
C VAL D 120 35.95 -8.67 25.14
N ILE D 121 35.39 -9.05 23.98
CA ILE D 121 34.52 -10.22 23.84
C ILE D 121 35.36 -11.17 22.94
N TRP D 122 35.74 -12.32 23.49
CA TRP D 122 36.58 -13.30 22.81
C TRP D 122 35.74 -14.52 22.44
N VAL D 123 35.40 -14.63 21.14
CA VAL D 123 34.60 -15.75 20.63
C VAL D 123 35.54 -16.81 20.05
N ASP D 124 35.63 -17.97 20.71
CA ASP D 124 36.58 -19.01 20.31
C ASP D 124 36.29 -20.34 20.99
N ALA D 125 36.75 -21.46 20.40
CA ALA D 125 36.69 -22.78 21.05
C ALA D 125 37.80 -22.85 22.11
N HIS D 126 38.75 -21.92 22.05
CA HIS D 126 39.96 -21.86 22.89
C HIS D 126 40.15 -20.57 23.69
N THR D 127 40.90 -20.63 24.82
CA THR D 127 41.16 -19.43 25.62
C THR D 127 42.31 -18.59 25.09
N ASP D 128 43.27 -19.21 24.36
CA ASP D 128 44.46 -18.52 23.80
C ASP D 128 45.24 -17.75 24.89
N ILE D 129 45.24 -18.31 26.10
CA ILE D 129 45.85 -17.70 27.28
C ILE D 129 47.03 -18.53 27.84
N ASN D 130 47.59 -19.44 27.05
CA ASN D 130 48.76 -20.14 27.55
C ASN D 130 49.87 -19.08 27.61
N THR D 131 50.72 -19.16 28.59
CA THR D 131 51.83 -18.21 28.69
C THR D 131 53.00 -18.82 27.86
N PRO D 132 54.10 -18.07 27.56
CA PRO D 132 55.24 -18.71 26.89
C PRO D 132 55.87 -19.82 27.74
N LEU D 133 55.46 -19.94 29.05
CA LEU D 133 55.97 -20.97 29.98
C LEU D 133 55.01 -22.15 30.22
N THR D 134 53.68 -21.94 30.09
CA THR D 134 52.69 -23.03 30.24
C THR D 134 52.41 -23.70 28.91
N THR D 135 52.77 -23.06 27.78
CA THR D 135 52.51 -23.65 26.46
C THR D 135 53.23 -25.01 26.26
N THR D 136 52.59 -25.94 25.54
CA THR D 136 53.17 -27.25 25.24
C THR D 136 53.48 -27.36 23.75
N SER D 137 52.65 -26.73 22.91
CA SER D 137 52.79 -26.72 21.46
C SER D 137 53.89 -25.77 21.06
N GLY D 138 53.93 -24.60 21.75
CA GLY D 138 54.86 -23.51 21.48
C GLY D 138 54.37 -22.59 20.39
N ASN D 139 53.08 -22.73 20.00
CA ASN D 139 52.50 -21.92 18.94
C ASN D 139 51.90 -20.66 19.53
N LEU D 140 52.33 -19.48 19.04
CA LEU D 140 51.88 -18.23 19.62
C LEU D 140 50.38 -17.90 19.42
N HIS D 141 49.64 -18.55 18.44
CA HIS D 141 48.18 -18.27 18.32
C HIS D 141 47.40 -18.72 19.57
N GLY D 142 47.97 -19.62 20.36
CA GLY D 142 47.32 -20.07 21.59
C GLY D 142 47.81 -19.36 22.84
N GLN D 143 48.50 -18.19 22.69
CA GLN D 143 49.09 -17.39 23.79
C GLN D 143 48.72 -15.86 23.79
N PRO D 144 47.97 -15.29 22.80
CA PRO D 144 47.74 -13.83 22.79
C PRO D 144 47.21 -13.18 24.07
N VAL D 145 46.17 -13.76 24.72
CA VAL D 145 45.57 -13.16 25.94
C VAL D 145 46.59 -12.99 27.09
N SER D 146 47.49 -13.98 27.29
CA SER D 146 48.52 -13.94 28.34
C SER D 146 49.43 -12.71 28.26
N PHE D 147 49.77 -12.25 27.05
CA PHE D 147 50.61 -11.06 26.78
C PHE D 147 49.83 -9.75 27.06
N LEU D 148 48.51 -9.79 26.95
CA LEU D 148 47.61 -8.65 27.11
C LEU D 148 47.12 -8.44 28.55
N LEU D 149 47.12 -9.52 29.39
CA LEU D 149 46.56 -9.44 30.73
C LEU D 149 47.46 -8.83 31.76
N LYS D 150 47.03 -7.71 32.36
CA LYS D 150 47.73 -7.02 33.43
C LYS D 150 48.16 -7.97 34.57
N GLU D 151 47.23 -8.78 35.09
CA GLU D 151 47.42 -9.75 36.18
C GLU D 151 48.51 -10.82 35.94
N LEU D 152 48.93 -11.02 34.68
CA LEU D 152 49.97 -12.01 34.37
C LEU D 152 51.39 -11.40 34.29
N LYS D 153 51.55 -10.16 34.82
CA LYS D 153 52.85 -9.48 34.89
C LYS D 153 53.75 -10.22 35.87
N GLY D 154 54.95 -10.57 35.41
CA GLY D 154 55.95 -11.34 36.15
C GLY D 154 55.87 -12.82 35.79
N LYS D 155 54.96 -13.17 34.88
CA LYS D 155 54.74 -14.54 34.43
C LYS D 155 55.01 -14.71 32.92
N ILE D 156 55.26 -13.61 32.21
CA ILE D 156 55.58 -13.59 30.78
C ILE D 156 57.10 -13.39 30.64
N PRO D 157 57.87 -14.42 30.21
CA PRO D 157 59.32 -14.24 30.08
C PRO D 157 59.62 -13.25 28.96
N ASP D 158 60.87 -12.76 28.91
CA ASP D 158 61.19 -11.78 27.87
C ASP D 158 61.44 -12.46 26.51
N VAL D 159 60.33 -12.59 25.74
CA VAL D 159 60.30 -13.23 24.43
C VAL D 159 60.79 -12.25 23.38
N PRO D 160 61.79 -12.63 22.55
CA PRO D 160 62.27 -11.71 21.51
C PRO D 160 61.15 -11.34 20.52
N GLY D 161 61.06 -10.03 20.27
CA GLY D 161 60.05 -9.45 19.40
C GLY D 161 58.91 -8.82 20.17
N PHE D 162 58.82 -9.05 21.51
CA PHE D 162 57.72 -8.59 22.36
C PHE D 162 58.05 -7.50 23.40
N SER D 163 59.25 -6.89 23.34
CA SER D 163 59.61 -5.83 24.28
C SER D 163 58.68 -4.61 24.19
N TRP D 164 58.03 -4.42 23.03
CA TRP D 164 57.08 -3.32 22.84
C TRP D 164 55.77 -3.54 23.65
N VAL D 165 55.48 -4.79 24.07
CA VAL D 165 54.23 -5.21 24.75
C VAL D 165 54.13 -4.73 26.20
N THR D 166 53.05 -4.02 26.49
CA THR D 166 52.65 -3.56 27.82
C THR D 166 51.21 -4.12 27.99
N PRO D 167 50.91 -4.88 29.08
CA PRO D 167 49.53 -5.41 29.25
C PRO D 167 48.53 -4.27 29.29
N CYS D 168 47.46 -4.40 28.50
CA CYS D 168 46.50 -3.31 28.31
C CYS D 168 45.09 -3.62 28.76
N ILE D 169 44.81 -4.87 29.18
CA ILE D 169 43.46 -5.24 29.62
C ILE D 169 43.48 -6.03 30.93
N SER D 170 42.61 -5.66 31.90
CA SER D 170 42.49 -6.37 33.18
C SER D 170 41.61 -7.61 33.03
N ALA D 171 41.81 -8.63 33.91
CA ALA D 171 41.04 -9.89 33.87
C ALA D 171 39.52 -9.70 33.90
N LYS D 172 39.03 -8.63 34.56
CA LYS D 172 37.59 -8.30 34.62
C LYS D 172 37.07 -7.58 33.34
N ASP D 173 37.96 -7.31 32.37
CA ASP D 173 37.61 -6.61 31.14
C ASP D 173 37.43 -7.52 29.92
N ILE D 174 37.51 -8.84 30.11
CA ILE D 174 37.38 -9.85 29.04
C ILE D 174 36.25 -10.83 29.33
N VAL D 175 35.55 -11.25 28.28
CA VAL D 175 34.52 -12.29 28.36
C VAL D 175 34.78 -13.28 27.22
N TYR D 176 34.90 -14.56 27.55
CA TYR D 176 35.04 -15.65 26.58
C TYR D 176 33.67 -16.23 26.28
N ILE D 177 33.41 -16.61 25.01
CA ILE D 177 32.18 -17.29 24.54
C ILE D 177 32.55 -18.40 23.52
N GLY D 178 32.12 -19.63 23.80
CA GLY D 178 32.31 -20.76 22.88
C GLY D 178 33.25 -21.86 23.29
N LEU D 179 33.99 -21.67 24.39
CA LEU D 179 35.03 -22.56 24.89
C LEU D 179 34.63 -24.02 24.99
N ARG D 180 35.52 -24.91 24.50
CA ARG D 180 35.32 -26.36 24.53
C ARG D 180 36.65 -27.18 24.44
N ASP D 181 37.84 -26.52 24.27
CA ASP D 181 39.14 -27.21 24.26
C ASP D 181 40.19 -26.35 24.95
N VAL D 182 40.20 -26.41 26.29
CA VAL D 182 41.04 -25.60 27.19
C VAL D 182 42.13 -26.44 27.84
N ASP D 183 43.40 -26.02 27.69
CA ASP D 183 44.56 -26.73 28.25
C ASP D 183 44.58 -26.65 29.79
N PRO D 184 45.24 -27.60 30.52
CA PRO D 184 45.27 -27.49 32.00
C PRO D 184 45.79 -26.16 32.55
N GLY D 185 46.93 -25.71 32.02
CA GLY D 185 47.58 -24.46 32.40
C GLY D 185 46.65 -23.28 32.21
N GLU D 186 45.92 -23.28 31.09
CA GLU D 186 44.94 -22.25 30.72
C GLU D 186 43.73 -22.29 31.67
N HIS D 187 43.26 -23.50 32.02
CA HIS D 187 42.11 -23.65 32.92
C HIS D 187 42.46 -23.13 34.32
N TYR D 188 43.70 -23.38 34.78
CA TYR D 188 44.23 -22.85 36.04
C TYR D 188 44.19 -21.31 36.01
N ILE D 189 44.80 -20.69 34.98
CA ILE D 189 44.82 -19.23 34.77
C ILE D 189 43.41 -18.67 34.76
N LEU D 190 42.52 -19.24 33.91
CA LEU D 190 41.13 -18.81 33.76
C LEU D 190 40.39 -18.82 35.09
N LYS D 191 40.63 -19.84 35.92
CA LYS D 191 39.97 -19.99 37.20
C LYS D 191 40.54 -19.14 38.33
N THR D 192 41.87 -19.11 38.50
CA THR D 192 42.49 -18.32 39.57
C THR D 192 42.31 -16.80 39.39
N LEU D 193 42.31 -16.33 38.13
CA LEU D 193 42.14 -14.90 37.82
C LEU D 193 40.67 -14.44 37.81
N GLY D 194 39.75 -15.42 37.87
CA GLY D 194 38.31 -15.18 37.88
C GLY D 194 37.78 -14.50 36.62
N ILE D 195 38.26 -14.90 35.44
CA ILE D 195 37.77 -14.34 34.17
C ILE D 195 36.33 -14.85 33.91
N LYS D 196 35.43 -13.94 33.46
CA LYS D 196 34.04 -14.27 33.10
C LYS D 196 34.06 -15.07 31.80
N TYR D 197 33.54 -16.30 31.83
CA TYR D 197 33.51 -17.15 30.65
C TYR D 197 32.18 -17.84 30.43
N PHE D 198 31.89 -18.11 29.17
CA PHE D 198 30.72 -18.87 28.80
C PHE D 198 31.20 -19.95 27.89
N SER D 199 31.64 -21.10 28.50
CA SER D 199 32.03 -22.27 27.72
C SER D 199 30.76 -22.84 27.03
N MET D 200 30.88 -23.96 26.29
CA MET D 200 29.71 -24.58 25.63
C MET D 200 28.71 -25.07 26.66
N THR D 201 29.19 -25.40 27.90
CA THR D 201 28.39 -25.87 29.02
C THR D 201 27.44 -24.73 29.48
N GLU D 202 27.95 -23.49 29.53
CA GLU D 202 27.14 -22.32 29.91
C GLU D 202 26.17 -21.94 28.79
N VAL D 203 26.59 -22.08 27.49
CA VAL D 203 25.70 -21.78 26.36
C VAL D 203 24.49 -22.78 26.38
N ASP D 204 24.74 -24.07 26.70
CA ASP D 204 23.76 -25.15 26.80
C ASP D 204 22.81 -24.95 28.01
N ARG D 205 23.35 -24.58 29.16
CA ARG D 205 22.58 -24.32 30.37
C ARG D 205 21.70 -23.10 30.25
N LEU D 206 22.22 -21.99 29.71
CA LEU D 206 21.48 -20.72 29.72
C LEU D 206 20.77 -20.34 28.44
N GLY D 207 21.33 -20.76 27.32
CA GLY D 207 20.84 -20.38 26.00
C GLY D 207 21.61 -19.14 25.59
N ILE D 208 21.79 -18.93 24.26
CA ILE D 208 22.56 -17.78 23.74
C ILE D 208 21.99 -16.42 24.20
N GLY D 209 20.67 -16.35 24.43
CA GLY D 209 19.99 -15.12 24.83
C GLY D 209 20.51 -14.56 26.13
N LYS D 210 20.62 -15.42 27.16
CA LYS D 210 21.07 -15.05 28.50
C LYS D 210 22.59 -14.83 28.50
N VAL D 211 23.35 -15.65 27.72
CA VAL D 211 24.81 -15.50 27.58
C VAL D 211 25.14 -14.05 27.16
N MET D 212 24.42 -13.55 26.17
CA MET D 212 24.61 -12.19 25.66
C MET D 212 24.12 -11.12 26.64
N GLU D 213 22.97 -11.36 27.27
CA GLU D 213 22.39 -10.47 28.28
C GLU D 213 23.44 -10.24 29.37
N GLU D 214 24.02 -11.36 29.89
CA GLU D 214 25.04 -11.38 30.92
C GLU D 214 26.36 -10.80 30.47
N THR D 215 26.81 -11.12 29.23
CA THR D 215 28.05 -10.60 28.63
C THR D 215 28.00 -9.06 28.53
N LEU D 216 26.97 -8.53 27.87
CA LEU D 216 26.87 -7.09 27.66
C LEU D 216 26.58 -6.31 28.96
N SER D 217 26.01 -6.98 29.99
CA SER D 217 25.79 -6.34 31.29
C SER D 217 27.10 -6.29 32.06
N TYR D 218 27.85 -7.41 32.05
CA TYR D 218 29.10 -7.57 32.74
C TYR D 218 30.14 -6.57 32.27
N LEU D 219 30.13 -6.24 30.98
CA LEU D 219 31.12 -5.31 30.43
C LEU D 219 30.68 -3.85 30.41
N LEU D 220 29.39 -3.56 30.21
CA LEU D 220 28.89 -2.18 30.06
C LEU D 220 28.06 -1.66 31.21
N GLY D 221 27.65 -2.56 32.12
CA GLY D 221 26.83 -2.26 33.29
C GLY D 221 27.29 -1.06 34.08
N ARG D 222 28.51 -1.14 34.64
CA ARG D 222 29.16 -0.06 35.39
C ARG D 222 29.24 1.24 34.55
N LYS D 223 29.83 1.17 33.34
CA LYS D 223 29.95 2.31 32.42
C LYS D 223 30.05 1.89 30.95
N LYS D 224 29.50 2.71 30.00
CA LYS D 224 29.60 2.40 28.58
C LYS D 224 31.05 2.59 28.16
N ARG D 225 31.56 1.69 27.31
CA ARG D 225 32.95 1.73 26.86
C ARG D 225 33.08 1.09 25.46
N PRO D 226 34.18 1.34 24.70
CA PRO D 226 34.32 0.71 23.37
C PRO D 226 34.45 -0.80 23.47
N ILE D 227 33.84 -1.53 22.53
CA ILE D 227 33.88 -2.98 22.54
C ILE D 227 34.85 -3.50 21.48
N HIS D 228 35.64 -4.51 21.86
CA HIS D 228 36.53 -5.18 20.96
C HIS D 228 36.11 -6.63 20.90
N LEU D 229 35.66 -7.07 19.72
CA LEU D 229 35.29 -8.45 19.51
C LEU D 229 36.44 -9.14 18.75
N SER D 230 36.98 -10.24 19.29
CA SER D 230 38.02 -11.00 18.63
C SER D 230 37.38 -12.35 18.29
N PHE D 231 37.03 -12.51 17.01
CA PHE D 231 36.33 -13.67 16.47
C PHE D 231 37.25 -14.63 15.79
N ASP D 232 37.43 -15.78 16.41
CA ASP D 232 38.15 -16.90 15.86
C ASP D 232 37.03 -17.74 15.24
N VAL D 233 37.14 -18.05 13.92
CA VAL D 233 36.11 -18.82 13.20
C VAL D 233 35.94 -20.24 13.79
N ASP D 234 36.97 -20.78 14.54
CA ASP D 234 36.83 -22.11 15.18
C ASP D 234 35.89 -22.09 16.44
N GLY D 235 35.34 -20.91 16.78
CA GLY D 235 34.36 -20.72 17.85
C GLY D 235 33.05 -21.33 17.43
N LEU D 236 32.76 -21.24 16.10
CA LEU D 236 31.58 -21.84 15.48
C LEU D 236 31.84 -23.31 15.22
N ASP D 237 30.78 -24.13 15.15
CA ASP D 237 30.89 -25.57 14.86
C ASP D 237 31.60 -25.85 13.49
N PRO D 238 32.46 -26.90 13.36
CA PRO D 238 33.11 -27.16 12.05
C PRO D 238 32.17 -27.58 10.92
N SER D 239 30.84 -27.72 11.19
CA SER D 239 29.89 -27.96 10.12
C SER D 239 29.52 -26.59 9.48
N PHE D 240 30.07 -25.47 10.02
CA PHE D 240 29.86 -24.14 9.47
C PHE D 240 31.17 -23.49 9.04
N THR D 241 32.22 -23.69 9.83
CA THR D 241 33.56 -23.16 9.56
C THR D 241 34.58 -24.31 9.62
N PRO D 242 34.56 -25.26 8.64
CA PRO D 242 35.53 -26.38 8.67
C PRO D 242 36.96 -26.02 8.27
N ALA D 243 37.13 -25.02 7.39
CA ALA D 243 38.45 -24.60 6.87
C ALA D 243 39.15 -23.72 7.92
N THR D 244 39.66 -24.39 8.96
CA THR D 244 40.30 -23.77 10.14
C THR D 244 41.33 -24.71 10.73
N GLY D 245 42.39 -24.13 11.32
CA GLY D 245 43.51 -24.86 11.90
C GLY D 245 43.25 -25.79 13.06
N THR D 246 42.47 -25.33 14.04
CA THR D 246 42.20 -26.15 15.23
C THR D 246 40.69 -26.33 15.41
N PRO D 247 40.00 -27.15 14.56
CA PRO D 247 38.54 -27.32 14.75
C PRO D 247 38.17 -28.20 15.92
N VAL D 248 37.05 -27.87 16.60
CA VAL D 248 36.58 -28.65 17.76
C VAL D 248 35.08 -28.82 17.57
N VAL D 249 34.59 -30.07 17.64
CA VAL D 249 33.16 -30.40 17.47
C VAL D 249 32.33 -29.88 18.67
N GLY D 250 31.01 -29.74 18.46
CA GLY D 250 30.10 -29.24 19.48
C GLY D 250 30.17 -27.74 19.65
N GLY D 251 30.37 -27.02 18.56
CA GLY D 251 30.49 -25.57 18.60
C GLY D 251 29.24 -24.75 18.50
N LEU D 252 29.45 -23.44 18.56
CA LEU D 252 28.38 -22.46 18.43
C LEU D 252 27.76 -22.62 17.05
N THR D 253 26.44 -22.56 16.98
CA THR D 253 25.77 -22.72 15.69
C THR D 253 25.86 -21.43 14.85
N TYR D 254 25.44 -21.51 13.57
CA TYR D 254 25.37 -20.38 12.65
C TYR D 254 24.49 -19.30 13.29
N ARG D 255 23.29 -19.68 13.76
CA ARG D 255 22.31 -18.80 14.42
C ARG D 255 22.87 -18.13 15.67
N GLU D 256 23.56 -18.89 16.53
CA GLU D 256 24.18 -18.38 17.76
C GLU D 256 25.32 -17.36 17.45
N GLY D 257 26.12 -17.65 16.42
CA GLY D 257 27.16 -16.72 15.98
C GLY D 257 26.59 -15.41 15.48
N LEU D 258 25.46 -15.48 14.74
CA LEU D 258 24.71 -14.32 14.26
C LEU D 258 24.03 -13.61 15.39
N TYR D 259 23.59 -14.36 16.44
CA TYR D 259 22.95 -13.74 17.60
C TYR D 259 23.93 -12.90 18.41
N ILE D 260 25.13 -13.45 18.69
CA ILE D 260 26.26 -12.78 19.41
C ILE D 260 26.60 -11.44 18.72
N THR D 261 26.88 -11.49 17.41
CA THR D 261 27.28 -10.34 16.60
C THR D 261 26.17 -9.32 16.41
N GLU D 262 24.91 -9.77 16.21
CA GLU D 262 23.75 -8.89 16.13
C GLU D 262 23.58 -8.10 17.43
N GLU D 263 23.67 -8.78 18.59
CA GLU D 263 23.56 -8.14 19.92
C GLU D 263 24.70 -7.16 20.19
N ILE D 264 25.89 -7.44 19.66
CA ILE D 264 27.04 -6.51 19.79
C ILE D 264 26.75 -5.27 18.93
N TYR D 265 26.26 -5.44 17.68
CA TYR D 265 25.94 -4.28 16.81
C TYR D 265 25.00 -3.29 17.51
N LYS D 266 23.89 -3.82 18.06
CA LYS D 266 22.82 -3.08 18.73
C LYS D 266 23.27 -2.14 19.87
N THR D 267 24.48 -2.37 20.44
CA THR D 267 25.05 -1.51 21.50
C THR D 267 25.55 -0.17 20.95
N GLY D 268 25.89 -0.14 19.66
CA GLY D 268 26.47 1.02 18.97
C GLY D 268 27.88 1.29 19.49
N LEU D 269 28.52 0.26 20.12
CA LEU D 269 29.82 0.40 20.78
C LEU D 269 30.94 -0.48 20.21
N LEU D 270 30.67 -1.26 19.11
CA LEU D 270 31.71 -2.04 18.47
C LEU D 270 32.74 -1.02 17.98
N SER D 271 33.99 -1.20 18.38
CA SER D 271 35.07 -0.28 18.08
C SER D 271 36.24 -1.00 17.40
N GLY D 272 36.31 -2.30 17.62
CA GLY D 272 37.35 -3.12 17.01
C GLY D 272 36.84 -4.52 16.76
N LEU D 273 37.21 -5.11 15.60
CA LEU D 273 36.81 -6.46 15.22
C LEU D 273 37.95 -7.20 14.55
N ASP D 274 38.14 -8.48 14.92
CA ASP D 274 39.12 -9.42 14.36
C ASP D 274 38.38 -10.63 13.80
N ILE D 275 38.65 -10.99 12.53
CA ILE D 275 38.10 -12.17 11.85
C ILE D 275 39.30 -13.06 11.57
N MET D 276 39.45 -14.04 12.44
CA MET D 276 40.62 -14.92 12.52
C MET D 276 40.38 -16.38 12.26
N GLU D 277 41.50 -17.04 11.88
CA GLU D 277 41.72 -18.47 11.66
C GLU D 277 41.03 -19.08 10.41
N VAL D 278 40.67 -18.23 9.42
CA VAL D 278 40.15 -18.73 8.13
C VAL D 278 41.37 -19.24 7.35
N ASN D 279 41.48 -20.57 7.21
CA ASN D 279 42.56 -21.17 6.44
C ASN D 279 41.97 -21.83 5.16
N PRO D 280 41.99 -21.12 3.97
CA PRO D 280 41.38 -21.70 2.75
C PRO D 280 42.09 -22.91 2.15
N SER D 281 43.24 -23.30 2.72
CA SER D 281 43.97 -24.46 2.26
C SER D 281 43.60 -25.68 3.13
N LEU D 282 42.72 -25.51 4.13
CA LEU D 282 42.36 -26.61 5.04
C LEU D 282 40.94 -27.17 4.90
N GLY D 283 40.24 -26.80 3.84
CA GLY D 283 38.94 -27.39 3.58
C GLY D 283 39.17 -28.73 2.92
N LYS D 284 38.42 -29.78 3.32
CA LYS D 284 38.54 -31.11 2.72
C LYS D 284 38.00 -31.11 1.27
N THR D 285 37.20 -30.10 0.93
CA THR D 285 36.59 -29.92 -0.38
C THR D 285 36.56 -28.43 -0.71
N PRO D 286 36.52 -28.02 -2.02
CA PRO D 286 36.38 -26.58 -2.33
C PRO D 286 35.14 -25.95 -1.67
N GLU D 287 34.04 -26.72 -1.52
CA GLU D 287 32.80 -26.27 -0.88
C GLU D 287 33.03 -25.97 0.60
N GLU D 288 33.77 -26.84 1.33
CA GLU D 288 34.07 -26.58 2.75
C GLU D 288 34.76 -25.23 2.91
N VAL D 289 35.65 -24.85 1.94
CA VAL D 289 36.36 -23.57 1.88
C VAL D 289 35.36 -22.40 1.69
N THR D 290 34.45 -22.51 0.71
CA THR D 290 33.45 -21.46 0.44
C THR D 290 32.48 -21.31 1.61
N ARG D 291 32.13 -22.45 2.25
CA ARG D 291 31.24 -22.49 3.41
C ARG D 291 31.81 -21.69 4.59
N THR D 292 33.14 -21.79 4.82
CA THR D 292 33.84 -21.08 5.92
C THR D 292 33.90 -19.58 5.64
N VAL D 293 34.29 -19.20 4.43
CA VAL D 293 34.41 -17.82 3.99
C VAL D 293 33.04 -17.15 4.02
N ASN D 294 31.99 -17.83 3.52
CA ASN D 294 30.61 -17.31 3.55
C ASN D 294 30.12 -17.14 4.95
N THR D 295 30.43 -18.11 5.83
CA THR D 295 30.05 -17.98 7.24
C THR D 295 30.80 -16.78 7.85
N ALA D 296 32.16 -16.67 7.64
CA ALA D 296 32.94 -15.55 8.18
C ALA D 296 32.45 -14.19 7.65
N VAL D 297 32.00 -14.11 6.38
CA VAL D 297 31.45 -12.89 5.75
C VAL D 297 30.11 -12.51 6.43
N ALA D 298 29.19 -13.48 6.56
CA ALA D 298 27.86 -13.31 7.17
C ALA D 298 27.99 -12.77 8.61
N ILE D 299 28.94 -13.34 9.39
CA ILE D 299 29.25 -12.93 10.77
C ILE D 299 29.67 -11.45 10.78
N THR D 300 30.55 -11.07 9.86
CA THR D 300 31.07 -9.71 9.74
C THR D 300 29.94 -8.74 9.37
N LEU D 301 28.98 -9.15 8.50
CA LEU D 301 27.85 -8.30 8.12
C LEU D 301 26.95 -8.00 9.33
N ALA D 302 26.77 -8.99 10.20
CA ALA D 302 25.98 -8.88 11.42
C ALA D 302 26.62 -7.91 12.45
N CYS D 303 27.97 -7.79 12.45
CA CYS D 303 28.67 -6.84 13.33
C CYS D 303 28.33 -5.41 12.89
N PHE D 304 28.04 -5.22 11.60
CA PHE D 304 27.84 -3.89 11.00
C PHE D 304 26.39 -3.58 10.56
N GLY D 305 25.42 -4.20 11.23
CA GLY D 305 24.01 -3.85 11.07
C GLY D 305 23.07 -4.77 10.37
N LEU D 306 23.57 -5.73 9.62
CA LEU D 306 22.68 -6.65 8.92
C LEU D 306 21.88 -7.48 9.91
N ALA D 307 20.58 -7.17 10.01
CA ALA D 307 19.67 -7.84 10.94
C ALA D 307 18.80 -8.87 10.24
N ARG D 308 18.66 -10.06 10.86
CA ARG D 308 17.82 -11.15 10.34
C ARG D 308 16.36 -10.76 10.19
N GLU D 309 15.85 -9.83 11.03
CA GLU D 309 14.46 -9.37 10.95
C GLU D 309 14.23 -8.46 9.73
N GLY D 310 15.34 -8.00 9.14
CA GLY D 310 15.35 -7.11 7.99
C GLY D 310 15.86 -5.74 8.37
N ASN D 311 16.09 -4.89 7.36
CA ASN D 311 16.56 -3.52 7.55
C ASN D 311 15.85 -2.67 6.51
N HIS D 312 15.63 -1.38 6.81
CA HIS D 312 15.04 -0.46 5.84
C HIS D 312 15.62 0.93 5.98
N LYS D 313 15.70 1.67 4.86
CA LYS D 313 16.22 3.05 4.84
C LYS D 313 15.13 3.94 5.43
N PRO D 314 15.45 5.13 6.01
CA PRO D 314 14.38 5.99 6.58
C PRO D 314 13.51 6.71 5.55
N ILE D 315 12.84 5.95 4.67
CA ILE D 315 11.99 6.51 3.61
C ILE D 315 10.64 5.80 3.57
N ASP D 316 9.61 6.47 3.05
CA ASP D 316 8.30 5.83 2.88
C ASP D 316 8.37 4.87 1.67
N TYR D 317 8.42 3.56 1.96
CA TYR D 317 8.48 2.51 0.95
C TYR D 317 7.15 2.29 0.20
N LEU D 318 6.02 2.83 0.72
CA LEU D 318 4.70 2.74 0.08
C LEU D 318 4.39 3.97 -0.81
N ASN D 319 5.44 4.73 -1.19
CA ASN D 319 5.36 5.89 -2.09
C ASN D 319 6.49 5.87 -3.12
N ALA E 3 -26.08 55.47 2.87
CA ALA E 3 -24.75 54.86 2.77
C ALA E 3 -24.08 55.24 1.46
N LYS E 4 -22.79 55.62 1.52
CA LYS E 4 -21.97 56.08 0.39
C LYS E 4 -22.03 55.15 -0.82
N SER E 5 -21.73 53.84 -0.62
CA SER E 5 -21.80 52.84 -1.70
C SER E 5 -23.27 52.49 -2.12
N ARG E 6 -24.27 53.23 -1.60
CA ARG E 6 -25.69 53.09 -1.93
C ARG E 6 -26.32 54.46 -2.32
N THR E 7 -25.56 55.58 -2.20
CA THR E 7 -26.00 56.94 -2.58
C THR E 7 -25.62 57.12 -4.06
N ILE E 8 -26.63 57.09 -4.95
CA ILE E 8 -26.48 57.09 -6.41
C ILE E 8 -27.18 58.26 -7.12
N GLY E 9 -26.62 58.63 -8.27
CA GLY E 9 -27.15 59.66 -9.15
C GLY E 9 -27.20 59.13 -10.57
N ILE E 10 -28.42 58.80 -11.05
CA ILE E 10 -28.71 58.24 -12.37
C ILE E 10 -28.57 59.31 -13.46
N ILE E 11 -27.84 58.98 -14.54
CA ILE E 11 -27.63 59.83 -15.74
C ILE E 11 -27.98 58.97 -16.95
N GLY E 12 -29.02 59.37 -17.67
CA GLY E 12 -29.49 58.68 -18.86
C GLY E 12 -28.81 59.28 -20.08
N ALA E 13 -28.19 58.42 -20.90
CA ALA E 13 -27.52 58.87 -22.11
C ALA E 13 -28.09 58.17 -23.35
N PRO E 14 -29.21 58.72 -23.91
CA PRO E 14 -29.81 58.12 -25.10
C PRO E 14 -29.01 58.40 -26.37
N PHE E 15 -27.77 57.90 -26.44
CA PHE E 15 -26.87 58.12 -27.58
C PHE E 15 -26.58 56.84 -28.38
N SER E 16 -26.77 56.87 -29.73
CA SER E 16 -26.54 55.71 -30.59
C SER E 16 -25.50 55.89 -31.71
N LYS E 17 -25.15 57.13 -32.06
CA LYS E 17 -24.25 57.51 -33.16
C LYS E 17 -22.76 57.08 -33.03
N GLY E 18 -22.39 56.37 -31.97
CA GLY E 18 -21.04 55.85 -31.78
C GLY E 18 -20.86 54.50 -32.46
N GLN E 19 -21.96 53.97 -33.04
CA GLN E 19 -21.99 52.70 -33.77
C GLN E 19 -23.10 52.74 -34.85
N PRO E 20 -23.19 51.80 -35.83
CA PRO E 20 -24.19 51.95 -36.90
C PRO E 20 -25.57 51.34 -36.69
N ARG E 21 -25.78 50.58 -35.60
CA ARG E 21 -27.06 49.92 -35.33
C ARG E 21 -28.02 50.76 -34.50
N GLY E 22 -29.17 51.08 -35.11
CA GLY E 22 -30.22 51.82 -34.43
C GLY E 22 -30.82 51.04 -33.28
N GLY E 23 -31.22 51.74 -32.21
CA GLY E 23 -31.85 51.12 -31.06
C GLY E 23 -31.20 51.31 -29.71
N VAL E 24 -29.85 51.39 -29.66
CA VAL E 24 -29.11 51.50 -28.39
C VAL E 24 -29.49 52.78 -27.58
N GLU E 25 -29.98 53.85 -28.27
CA GLU E 25 -30.44 55.11 -27.68
C GLU E 25 -31.66 54.90 -26.76
N GLU E 26 -32.44 53.81 -27.01
CA GLU E 26 -33.64 53.46 -26.26
C GLU E 26 -33.31 52.69 -24.98
N GLY E 27 -32.02 52.40 -24.77
CA GLY E 27 -31.47 51.70 -23.61
C GLY E 27 -31.87 52.29 -22.28
N PRO E 28 -31.64 53.63 -22.03
CA PRO E 28 -32.06 54.22 -20.74
C PRO E 28 -33.57 54.10 -20.49
N THR E 29 -34.40 54.24 -21.53
CA THR E 29 -35.86 54.16 -21.44
C THR E 29 -36.29 52.75 -21.02
N VAL E 30 -35.80 51.71 -21.73
CA VAL E 30 -36.15 50.32 -21.44
C VAL E 30 -35.60 49.88 -20.07
N LEU E 31 -34.48 50.47 -19.61
CA LEU E 31 -33.91 50.18 -18.29
C LEU E 31 -34.77 50.80 -17.16
N ARG E 32 -35.32 52.00 -17.39
CA ARG E 32 -36.19 52.73 -16.46
C ARG E 32 -37.58 52.06 -16.43
N LYS E 33 -38.06 51.60 -17.61
CA LYS E 33 -39.33 50.90 -17.79
C LYS E 33 -39.31 49.52 -17.14
N ALA E 34 -38.12 49.01 -16.78
CA ALA E 34 -37.98 47.74 -16.06
C ALA E 34 -38.12 47.96 -14.53
N GLY E 35 -38.10 49.22 -14.09
CA GLY E 35 -38.24 49.60 -12.68
C GLY E 35 -36.94 49.64 -11.90
N LEU E 36 -35.83 50.01 -12.57
CA LEU E 36 -34.48 50.09 -12.00
C LEU E 36 -34.35 50.96 -10.74
N LEU E 37 -34.90 52.20 -10.77
CA LEU E 37 -34.86 53.19 -9.69
C LEU E 37 -35.51 52.65 -8.41
N GLU E 38 -36.73 52.11 -8.55
CA GLU E 38 -37.59 51.53 -7.53
C GLU E 38 -36.88 50.37 -6.85
N LYS E 39 -36.35 49.41 -7.65
CA LYS E 39 -35.61 48.23 -7.15
C LYS E 39 -34.40 48.67 -6.33
N LEU E 40 -33.73 49.74 -6.78
CA LEU E 40 -32.61 50.32 -6.05
C LEU E 40 -33.08 50.99 -4.75
N LYS E 41 -34.20 51.75 -4.78
CA LYS E 41 -34.78 52.38 -3.56
C LYS E 41 -35.13 51.31 -2.53
N GLU E 42 -35.89 50.27 -2.95
CA GLU E 42 -36.31 49.12 -2.14
C GLU E 42 -35.13 48.28 -1.59
N GLN E 43 -33.90 48.64 -2.01
CA GLN E 43 -32.62 48.02 -1.66
C GLN E 43 -31.84 48.98 -0.75
N GLU E 44 -32.54 49.98 -0.17
CA GLU E 44 -31.99 51.02 0.72
C GLU E 44 -30.97 51.95 0.01
N CYS E 45 -31.28 52.32 -1.26
CA CYS E 45 -30.43 53.22 -2.04
C CYS E 45 -31.03 54.62 -2.12
N ASP E 46 -30.18 55.64 -1.97
CA ASP E 46 -30.59 57.04 -2.10
C ASP E 46 -30.40 57.36 -3.59
N VAL E 47 -31.49 57.21 -4.37
CA VAL E 47 -31.52 57.43 -5.81
C VAL E 47 -32.12 58.79 -6.16
N LYS E 48 -31.30 59.66 -6.79
CA LYS E 48 -31.66 60.97 -7.32
C LYS E 48 -31.53 60.88 -8.83
N ASP E 49 -32.61 61.20 -9.55
CA ASP E 49 -32.66 61.17 -10.99
C ASP E 49 -32.16 62.50 -11.62
N TYR E 50 -31.03 62.45 -12.38
CA TYR E 50 -30.52 63.64 -13.06
C TYR E 50 -31.05 63.67 -14.48
N GLY E 51 -32.07 62.85 -14.72
CA GLY E 51 -32.78 62.70 -15.98
C GLY E 51 -31.93 62.15 -17.11
N ASP E 52 -32.41 62.41 -18.33
CA ASP E 52 -31.80 61.99 -19.58
C ASP E 52 -31.15 63.20 -20.21
N LEU E 53 -29.92 63.04 -20.73
CA LEU E 53 -29.24 64.14 -21.36
C LEU E 53 -29.82 64.46 -22.75
N PRO E 54 -30.06 65.76 -23.06
CA PRO E 54 -30.58 66.12 -24.39
C PRO E 54 -29.43 66.21 -25.40
N PHE E 55 -29.37 65.23 -26.32
CA PHE E 55 -28.33 65.18 -27.34
C PHE E 55 -28.82 65.84 -28.62
N ALA E 56 -28.48 67.13 -28.77
CA ALA E 56 -28.88 67.94 -29.92
C ALA E 56 -28.26 67.43 -31.22
N ASP E 57 -29.13 67.09 -32.18
CA ASP E 57 -28.83 66.55 -33.50
C ASP E 57 -27.89 67.46 -34.30
N ILE E 58 -26.81 66.86 -34.83
CA ILE E 58 -25.81 67.58 -35.61
C ILE E 58 -25.88 67.12 -37.09
N PRO E 59 -26.52 67.92 -37.97
CA PRO E 59 -26.58 67.54 -39.40
C PRO E 59 -25.26 67.85 -40.11
N ASN E 60 -25.02 67.20 -41.27
CA ASN E 60 -23.79 67.34 -42.08
C ASN E 60 -22.52 67.16 -41.20
N ASP E 61 -22.46 66.04 -40.45
CA ASP E 61 -21.36 65.68 -39.57
C ASP E 61 -20.41 64.78 -40.39
N SER E 62 -19.69 65.42 -41.33
CA SER E 62 -18.75 64.78 -42.26
C SER E 62 -17.67 63.96 -41.54
N PRO E 63 -17.47 62.70 -41.96
CA PRO E 63 -16.45 61.85 -41.30
C PRO E 63 -15.03 62.40 -41.33
N PHE E 64 -14.27 62.11 -40.27
CA PHE E 64 -12.85 62.44 -40.17
C PHE E 64 -12.16 61.16 -40.60
N GLN E 65 -11.66 61.14 -41.86
CA GLN E 65 -11.00 60.00 -42.52
C GLN E 65 -11.98 58.82 -42.69
N ILE E 66 -11.98 57.85 -41.73
CA ILE E 66 -12.90 56.71 -41.73
C ILE E 66 -13.89 56.78 -40.54
N VAL E 67 -13.57 57.61 -39.51
CA VAL E 67 -14.35 57.82 -38.28
C VAL E 67 -15.71 58.50 -38.60
N LYS E 68 -16.82 57.77 -38.31
CA LYS E 68 -18.20 58.23 -38.57
C LYS E 68 -18.75 59.09 -37.43
N ASN E 69 -19.53 60.14 -37.80
CA ASN E 69 -20.19 61.08 -36.89
C ASN E 69 -19.29 61.56 -35.71
N PRO E 70 -18.08 62.11 -35.94
CA PRO E 70 -17.21 62.48 -34.79
C PRO E 70 -17.72 63.61 -33.90
N ARG E 71 -18.26 64.68 -34.51
CA ARG E 71 -18.79 65.85 -33.82
C ARG E 71 -19.92 65.51 -32.85
N SER E 72 -20.79 64.55 -33.23
CA SER E 72 -21.90 64.05 -32.41
C SER E 72 -21.36 63.32 -31.16
N VAL E 73 -20.44 62.37 -31.36
CA VAL E 73 -19.81 61.56 -30.32
C VAL E 73 -18.95 62.43 -29.36
N GLY E 74 -18.23 63.40 -29.94
CA GLY E 74 -17.42 64.33 -29.18
C GLY E 74 -18.27 65.21 -28.28
N LYS E 75 -19.41 65.71 -28.83
CA LYS E 75 -20.37 66.56 -28.13
C LYS E 75 -21.09 65.85 -26.99
N ALA E 76 -21.66 64.65 -27.27
CA ALA E 76 -22.40 63.82 -26.32
C ALA E 76 -21.57 63.53 -25.07
N SER E 77 -20.33 63.03 -25.27
CA SER E 77 -19.43 62.73 -24.18
C SER E 77 -19.05 64.02 -23.45
N GLU E 78 -18.84 65.15 -24.19
CA GLU E 78 -18.51 66.45 -23.57
C GLU E 78 -19.61 66.85 -22.61
N GLN E 79 -20.89 66.72 -23.02
CA GLN E 79 -22.09 67.00 -22.23
C GLN E 79 -22.18 66.04 -21.03
N LEU E 80 -21.81 64.76 -21.24
CA LEU E 80 -21.83 63.70 -20.23
C LEU E 80 -20.77 63.94 -19.16
N ALA E 81 -19.58 64.47 -19.56
CA ALA E 81 -18.49 64.80 -18.63
C ALA E 81 -18.92 65.85 -17.59
N GLY E 82 -19.59 66.92 -18.04
CA GLY E 82 -20.11 67.97 -17.16
C GLY E 82 -21.12 67.44 -16.16
N LYS E 83 -22.06 66.61 -16.64
CA LYS E 83 -23.11 66.01 -15.83
C LYS E 83 -22.53 65.02 -14.84
N VAL E 84 -21.62 64.10 -15.29
CA VAL E 84 -20.98 63.12 -14.41
C VAL E 84 -20.21 63.85 -13.31
N ALA E 85 -19.44 64.91 -13.67
CA ALA E 85 -18.65 65.72 -12.72
C ALA E 85 -19.53 66.42 -11.67
N GLU E 86 -20.73 66.90 -12.10
CA GLU E 86 -21.72 67.55 -11.23
C GLU E 86 -22.19 66.55 -10.20
N VAL E 87 -22.67 65.36 -10.66
CA VAL E 87 -23.14 64.23 -9.82
C VAL E 87 -22.08 63.86 -8.78
N LYS E 88 -20.79 63.75 -9.20
CA LYS E 88 -19.66 63.41 -8.33
C LYS E 88 -19.37 64.47 -7.25
N LYS E 89 -19.65 65.76 -7.58
CA LYS E 89 -19.48 66.89 -6.66
C LYS E 89 -20.59 66.91 -5.62
N ASN E 90 -21.73 66.24 -5.91
CA ASN E 90 -22.86 66.14 -4.98
C ASN E 90 -22.67 65.02 -3.94
N GLY E 91 -21.71 64.13 -4.18
CA GLY E 91 -21.36 63.03 -3.30
C GLY E 91 -22.04 61.71 -3.65
N ARG E 92 -22.51 61.61 -4.91
CA ARG E 92 -23.23 60.45 -5.43
C ARG E 92 -22.36 59.62 -6.37
N ILE E 93 -22.65 58.30 -6.45
CA ILE E 93 -22.01 57.38 -7.39
C ILE E 93 -22.66 57.71 -8.73
N SER E 94 -21.87 58.01 -9.77
CA SER E 94 -22.50 58.29 -11.06
C SER E 94 -22.96 56.97 -11.66
N LEU E 95 -24.23 56.91 -12.08
CA LEU E 95 -24.81 55.72 -12.72
C LEU E 95 -25.31 56.10 -14.11
N VAL E 96 -24.41 55.94 -15.07
CA VAL E 96 -24.63 56.22 -16.48
C VAL E 96 -25.36 55.03 -17.15
N LEU E 97 -26.49 55.35 -17.79
CA LEU E 97 -27.32 54.41 -18.56
C LEU E 97 -27.12 54.68 -20.05
N GLY E 98 -26.47 53.72 -20.71
CA GLY E 98 -26.21 53.79 -22.15
C GLY E 98 -27.34 53.22 -23.00
N GLY E 99 -27.31 53.42 -24.32
CA GLY E 99 -26.24 54.14 -25.03
C GLY E 99 -25.05 53.26 -25.37
N ASP E 100 -24.33 53.61 -26.48
CA ASP E 100 -23.15 52.91 -26.96
C ASP E 100 -21.91 53.31 -26.14
N HIS E 101 -20.91 52.43 -26.09
CA HIS E 101 -19.67 52.56 -25.33
C HIS E 101 -18.77 53.77 -25.66
N SER E 102 -19.08 54.59 -26.71
CA SER E 102 -18.25 55.78 -26.96
C SER E 102 -18.37 56.74 -25.78
N LEU E 103 -19.57 56.80 -25.17
CA LEU E 103 -19.94 57.61 -24.00
C LEU E 103 -18.99 57.45 -22.80
N ALA E 104 -18.20 56.35 -22.75
CA ALA E 104 -17.22 56.10 -21.71
C ALA E 104 -16.14 57.19 -21.71
N ILE E 105 -16.02 57.93 -22.84
CA ILE E 105 -15.12 59.08 -23.02
C ILE E 105 -15.53 60.13 -21.99
N GLY E 106 -16.80 60.56 -22.06
CA GLY E 106 -17.38 61.57 -21.19
C GLY E 106 -17.63 61.10 -19.78
N SER E 107 -18.07 59.84 -19.62
CA SER E 107 -18.31 59.32 -18.28
C SER E 107 -17.04 59.28 -17.40
N ILE E 108 -15.91 58.76 -17.95
CA ILE E 108 -14.64 58.65 -17.21
C ILE E 108 -13.98 60.04 -17.07
N SER E 109 -13.97 60.88 -18.13
CA SER E 109 -13.34 62.21 -18.05
C SER E 109 -13.98 63.07 -16.98
N GLY E 110 -15.32 62.99 -16.91
CA GLY E 110 -16.14 63.68 -15.93
C GLY E 110 -15.84 63.23 -14.52
N HIS E 111 -15.77 61.90 -14.33
CA HIS E 111 -15.43 61.26 -13.07
C HIS E 111 -13.99 61.63 -12.67
N ALA E 112 -13.03 61.63 -13.63
CA ALA E 112 -11.62 61.98 -13.40
C ALA E 112 -11.40 63.43 -13.02
N ARG E 113 -12.31 64.33 -13.43
CA ARG E 113 -12.27 65.76 -13.04
C ARG E 113 -12.45 65.92 -11.53
N VAL E 114 -13.24 65.02 -10.89
CA VAL E 114 -13.52 65.04 -9.45
C VAL E 114 -12.60 64.05 -8.72
N HIS E 115 -12.43 62.83 -9.26
CA HIS E 115 -11.54 61.83 -8.70
C HIS E 115 -10.43 61.50 -9.73
N PRO E 116 -9.30 62.25 -9.71
CA PRO E 116 -8.23 61.99 -10.69
C PRO E 116 -7.44 60.69 -10.45
N ASP E 117 -7.50 60.13 -9.24
CA ASP E 117 -6.78 58.93 -8.83
C ASP E 117 -7.48 57.60 -9.20
N LEU E 118 -8.72 57.67 -9.75
CA LEU E 118 -9.56 56.52 -10.12
C LEU E 118 -8.86 55.42 -10.93
N GLY E 119 -9.28 54.19 -10.66
CA GLY E 119 -8.88 52.99 -11.39
C GLY E 119 -10.10 52.51 -12.14
N VAL E 120 -9.92 52.04 -13.39
CA VAL E 120 -11.02 51.57 -14.24
C VAL E 120 -11.03 50.05 -14.36
N ILE E 121 -12.22 49.44 -14.20
CA ILE E 121 -12.48 48.03 -14.45
C ILE E 121 -13.39 48.05 -15.66
N TRP E 122 -12.89 47.51 -16.79
CA TRP E 122 -13.58 47.50 -18.08
C TRP E 122 -14.12 46.09 -18.37
N VAL E 123 -15.43 45.90 -18.23
CA VAL E 123 -16.05 44.60 -18.49
C VAL E 123 -16.65 44.65 -19.89
N ASP E 124 -16.03 43.89 -20.81
CA ASP E 124 -16.38 43.88 -22.22
C ASP E 124 -15.80 42.65 -22.89
N ALA E 125 -16.31 42.30 -24.08
CA ALA E 125 -15.78 41.22 -24.90
C ALA E 125 -14.63 41.83 -25.71
N HIS E 126 -14.66 43.16 -25.82
CA HIS E 126 -13.78 43.99 -26.62
C HIS E 126 -12.96 44.97 -25.79
N THR E 127 -11.76 45.33 -26.27
CA THR E 127 -10.84 46.26 -25.61
C THR E 127 -11.23 47.73 -25.88
N ASP E 128 -12.05 47.98 -26.94
CA ASP E 128 -12.47 49.34 -27.34
C ASP E 128 -11.29 50.32 -27.34
N ILE E 129 -10.09 49.86 -27.71
CA ILE E 129 -8.85 50.64 -27.64
C ILE E 129 -8.29 51.08 -29.03
N ASN E 130 -9.06 50.94 -30.12
CA ASN E 130 -8.59 51.42 -31.42
C ASN E 130 -8.48 52.93 -31.38
N THR E 131 -7.58 53.49 -32.19
CA THR E 131 -7.38 54.93 -32.31
C THR E 131 -8.18 55.36 -33.57
N PRO E 132 -8.39 56.68 -33.85
CA PRO E 132 -9.07 57.05 -35.10
C PRO E 132 -8.30 56.64 -36.37
N LEU E 133 -7.07 56.11 -36.20
CA LEU E 133 -6.19 55.64 -37.27
C LEU E 133 -6.10 54.10 -37.38
N THR E 134 -6.12 53.35 -36.25
CA THR E 134 -6.02 51.88 -36.30
C THR E 134 -7.37 51.18 -36.57
N THR E 135 -8.47 51.94 -36.49
CA THR E 135 -9.82 51.47 -36.70
C THR E 135 -10.02 51.11 -38.18
N THR E 136 -10.77 50.04 -38.44
CA THR E 136 -11.12 49.61 -39.80
C THR E 136 -12.61 49.87 -40.01
N SER E 137 -13.37 49.96 -38.90
CA SER E 137 -14.80 50.20 -38.87
C SER E 137 -15.13 51.70 -38.87
N GLY E 138 -14.31 52.49 -38.17
CA GLY E 138 -14.52 53.92 -37.96
C GLY E 138 -15.64 54.18 -36.95
N ASN E 139 -16.05 53.12 -36.20
CA ASN E 139 -17.09 53.17 -35.17
C ASN E 139 -16.46 53.55 -33.82
N LEU E 140 -16.77 54.77 -33.34
CA LEU E 140 -16.17 55.34 -32.12
C LEU E 140 -16.48 54.60 -30.81
N HIS E 141 -17.49 53.70 -30.78
CA HIS E 141 -17.78 52.90 -29.57
C HIS E 141 -16.68 51.82 -29.33
N GLY E 142 -15.84 51.61 -30.36
CA GLY E 142 -14.72 50.67 -30.33
C GLY E 142 -13.41 51.40 -30.15
N GLN E 143 -13.48 52.69 -29.81
CA GLN E 143 -12.30 53.55 -29.63
C GLN E 143 -12.18 54.32 -28.29
N PRO E 144 -13.16 54.29 -27.31
CA PRO E 144 -13.07 55.19 -26.15
C PRO E 144 -11.83 55.09 -25.26
N VAL E 145 -11.23 53.90 -25.10
CA VAL E 145 -10.03 53.73 -24.26
C VAL E 145 -8.79 54.50 -24.85
N SER E 146 -8.64 54.53 -26.19
CA SER E 146 -7.53 55.22 -26.86
C SER E 146 -7.53 56.74 -26.60
N PHE E 147 -8.74 57.36 -26.50
CA PHE E 147 -8.92 58.78 -26.23
C PHE E 147 -8.60 59.11 -24.77
N LEU E 148 -8.80 58.14 -23.86
CA LEU E 148 -8.64 58.33 -22.41
C LEU E 148 -7.23 58.03 -21.86
N LEU E 149 -6.38 57.27 -22.60
CA LEU E 149 -5.05 56.89 -22.13
C LEU E 149 -3.98 57.93 -22.42
N LYS E 150 -3.21 58.27 -21.37
CA LYS E 150 -2.12 59.27 -21.38
C LYS E 150 -0.94 58.90 -22.29
N GLU E 151 -0.54 57.62 -22.31
CA GLU E 151 0.57 57.08 -23.10
C GLU E 151 0.34 57.21 -24.61
N LEU E 152 -0.93 57.24 -25.04
CA LEU E 152 -1.33 57.38 -26.43
C LEU E 152 -1.56 58.83 -26.85
N LYS E 153 -1.03 59.80 -26.08
CA LYS E 153 -1.09 61.23 -26.41
C LYS E 153 -0.02 61.42 -27.49
N GLY E 154 -0.47 61.79 -28.69
CA GLY E 154 0.39 61.93 -29.85
C GLY E 154 0.09 60.84 -30.88
N LYS E 155 -0.72 59.86 -30.47
CA LYS E 155 -1.15 58.76 -31.33
C LYS E 155 -2.60 59.00 -31.79
N ILE E 156 -3.29 59.96 -31.15
CA ILE E 156 -4.66 60.38 -31.46
C ILE E 156 -4.56 61.72 -32.22
N PRO E 157 -5.12 61.83 -33.44
CA PRO E 157 -5.03 63.10 -34.18
C PRO E 157 -6.14 64.10 -33.81
N ASP E 158 -6.17 65.27 -34.46
CA ASP E 158 -7.20 66.27 -34.21
C ASP E 158 -8.56 65.82 -34.79
N VAL E 159 -9.38 65.20 -33.93
CA VAL E 159 -10.72 64.73 -34.30
C VAL E 159 -11.76 65.83 -34.02
N PRO E 160 -12.56 66.25 -35.03
CA PRO E 160 -13.59 67.28 -34.78
C PRO E 160 -14.64 66.85 -33.73
N GLY E 161 -14.68 67.61 -32.64
CA GLY E 161 -15.58 67.39 -31.52
C GLY E 161 -14.88 66.98 -30.23
N PHE E 162 -13.63 66.51 -30.36
CA PHE E 162 -12.79 66.00 -29.26
C PHE E 162 -11.61 66.91 -28.88
N SER E 163 -11.73 68.23 -29.10
CA SER E 163 -10.67 69.19 -28.75
C SER E 163 -10.61 69.41 -27.23
N TRP E 164 -11.75 69.21 -26.54
CA TRP E 164 -11.94 69.31 -25.10
C TRP E 164 -11.28 68.14 -24.34
N VAL E 165 -11.06 66.99 -25.02
CA VAL E 165 -10.49 65.75 -24.46
C VAL E 165 -9.04 65.90 -24.04
N THR E 166 -8.76 65.57 -22.77
CA THR E 166 -7.42 65.48 -22.20
C THR E 166 -7.31 64.05 -21.59
N PRO E 167 -6.37 63.19 -22.08
CA PRO E 167 -6.25 61.83 -21.51
C PRO E 167 -6.09 61.85 -19.98
N CYS E 168 -7.05 61.22 -19.28
CA CYS E 168 -7.13 61.27 -17.83
C CYS E 168 -6.65 60.01 -17.07
N ILE E 169 -6.22 58.95 -17.79
CA ILE E 169 -5.78 57.69 -17.13
C ILE E 169 -4.54 57.08 -17.78
N SER E 170 -3.70 56.44 -16.96
CA SER E 170 -2.50 55.76 -17.47
C SER E 170 -2.82 54.27 -17.76
N ALA E 171 -1.94 53.60 -18.52
CA ALA E 171 -2.09 52.18 -18.90
C ALA E 171 -2.23 51.26 -17.67
N LYS E 172 -1.56 51.65 -16.55
CA LYS E 172 -1.56 50.93 -15.27
C LYS E 172 -2.88 51.03 -14.47
N ASP E 173 -3.70 52.05 -14.77
CA ASP E 173 -4.96 52.37 -14.09
C ASP E 173 -6.22 51.73 -14.70
N ILE E 174 -6.07 50.67 -15.52
CA ILE E 174 -7.19 49.99 -16.18
C ILE E 174 -6.99 48.47 -16.16
N VAL E 175 -8.05 47.73 -15.79
CA VAL E 175 -8.04 46.25 -15.82
C VAL E 175 -9.21 45.82 -16.70
N TYR E 176 -8.92 44.97 -17.69
CA TYR E 176 -9.95 44.40 -18.56
C TYR E 176 -10.35 43.03 -18.04
N ILE E 177 -11.67 42.71 -18.15
CA ILE E 177 -12.25 41.40 -17.80
C ILE E 177 -13.28 41.02 -18.89
N GLY E 178 -13.17 39.81 -19.42
CA GLY E 178 -14.10 39.23 -20.39
C GLY E 178 -13.73 39.25 -21.86
N LEU E 179 -12.51 39.72 -22.20
CA LEU E 179 -12.02 39.86 -23.58
C LEU E 179 -12.01 38.58 -24.40
N ARG E 180 -12.49 38.66 -25.64
CA ARG E 180 -12.56 37.49 -26.53
C ARG E 180 -12.59 37.86 -28.02
N ASP E 181 -12.64 39.17 -28.34
CA ASP E 181 -12.63 39.65 -29.73
C ASP E 181 -11.82 40.93 -29.81
N VAL E 182 -10.48 40.75 -29.86
CA VAL E 182 -9.51 41.85 -29.87
C VAL E 182 -8.89 42.00 -31.27
N ASP E 183 -8.95 43.22 -31.85
CA ASP E 183 -8.38 43.47 -33.18
C ASP E 183 -6.83 43.46 -33.12
N PRO E 184 -6.10 43.21 -34.24
CA PRO E 184 -4.62 43.17 -34.18
C PRO E 184 -3.97 44.46 -33.67
N GLY E 185 -4.50 45.61 -34.12
CA GLY E 185 -4.06 46.92 -33.69
C GLY E 185 -4.18 47.06 -32.19
N GLU E 186 -5.36 46.65 -31.65
CA GLU E 186 -5.70 46.64 -30.22
C GLU E 186 -4.83 45.68 -29.44
N HIS E 187 -4.56 44.48 -30.00
CA HIS E 187 -3.69 43.51 -29.31
C HIS E 187 -2.27 44.10 -29.18
N TYR E 188 -1.76 44.71 -30.28
CA TYR E 188 -0.46 45.39 -30.32
C TYR E 188 -0.47 46.52 -29.28
N ILE E 189 -1.57 47.32 -29.19
CA ILE E 189 -1.66 48.39 -28.18
C ILE E 189 -1.60 47.79 -26.75
N LEU E 190 -2.51 46.83 -26.45
CA LEU E 190 -2.64 46.12 -25.17
C LEU E 190 -1.31 45.54 -24.64
N LYS E 191 -0.52 44.91 -25.55
CA LYS E 191 0.74 44.27 -25.18
C LYS E 191 1.91 45.24 -25.11
N THR E 192 1.94 46.29 -25.96
CA THR E 192 3.04 47.27 -25.93
C THR E 192 2.86 48.22 -24.76
N LEU E 193 1.60 48.58 -24.43
CA LEU E 193 1.30 49.44 -23.29
C LEU E 193 1.41 48.67 -21.96
N GLY E 194 1.45 47.33 -22.06
CA GLY E 194 1.55 46.42 -20.92
C GLY E 194 0.39 46.51 -19.95
N ILE E 195 -0.84 46.71 -20.49
CA ILE E 195 -2.11 46.82 -19.73
C ILE E 195 -2.48 45.45 -19.09
N LYS E 196 -2.96 45.49 -17.83
CA LYS E 196 -3.42 44.31 -17.11
C LYS E 196 -4.75 43.87 -17.73
N TYR E 197 -4.90 42.58 -18.07
CA TYR E 197 -6.12 42.05 -18.66
C TYR E 197 -6.41 40.63 -18.26
N PHE E 198 -7.70 40.29 -18.31
CA PHE E 198 -8.23 38.98 -18.04
C PHE E 198 -9.19 38.69 -19.19
N SER E 199 -8.63 38.12 -20.26
CA SER E 199 -9.42 37.69 -21.41
C SER E 199 -10.07 36.39 -20.91
N MET E 200 -11.07 35.85 -21.64
CA MET E 200 -11.76 34.62 -21.25
C MET E 200 -10.79 33.47 -21.01
N THR E 201 -9.59 33.51 -21.60
CA THR E 201 -8.56 32.48 -21.43
C THR E 201 -8.06 32.50 -19.98
N GLU E 202 -7.93 33.71 -19.39
CA GLU E 202 -7.47 33.88 -18.01
C GLU E 202 -8.65 33.53 -17.06
N VAL E 203 -9.89 33.90 -17.46
CA VAL E 203 -11.08 33.55 -16.67
C VAL E 203 -11.21 32.02 -16.52
N ASP E 204 -10.98 31.27 -17.60
CA ASP E 204 -11.06 29.80 -17.62
C ASP E 204 -9.94 29.22 -16.77
N ARG E 205 -8.70 29.67 -17.01
CA ARG E 205 -7.51 29.25 -16.26
C ARG E 205 -7.66 29.47 -14.75
N LEU E 206 -8.05 30.69 -14.36
CA LEU E 206 -8.08 31.06 -12.94
C LEU E 206 -9.37 30.86 -12.18
N GLY E 207 -10.50 31.01 -12.87
CA GLY E 207 -11.82 31.02 -12.22
C GLY E 207 -12.08 32.48 -11.88
N ILE E 208 -13.33 32.88 -11.82
CA ILE E 208 -13.68 34.28 -11.52
C ILE E 208 -13.27 34.75 -10.08
N GLY E 209 -13.09 33.80 -9.14
CA GLY E 209 -12.68 34.11 -7.78
C GLY E 209 -11.30 34.73 -7.73
N LYS E 210 -10.34 34.11 -8.42
CA LYS E 210 -8.96 34.58 -8.53
C LYS E 210 -8.89 35.84 -9.43
N VAL E 211 -9.66 35.88 -10.55
CA VAL E 211 -9.70 37.03 -11.49
C VAL E 211 -9.97 38.33 -10.73
N MET E 212 -11.00 38.30 -9.85
CA MET E 212 -11.42 39.43 -9.00
C MET E 212 -10.40 39.74 -7.90
N GLU E 213 -9.82 38.70 -7.26
CA GLU E 213 -8.81 38.85 -6.20
C GLU E 213 -7.59 39.55 -6.77
N GLU E 214 -7.14 39.12 -7.96
CA GLU E 214 -6.01 39.71 -8.69
C GLU E 214 -6.36 41.11 -9.22
N THR E 215 -7.56 41.29 -9.84
CA THR E 215 -8.01 42.59 -10.38
C THR E 215 -7.94 43.65 -9.27
N LEU E 216 -8.70 43.44 -8.17
CA LEU E 216 -8.78 44.34 -7.03
C LEU E 216 -7.44 44.56 -6.31
N SER E 217 -6.62 43.52 -6.13
CA SER E 217 -5.29 43.67 -5.50
C SER E 217 -4.39 44.63 -6.31
N TYR E 218 -4.31 44.43 -7.64
CA TYR E 218 -3.53 45.24 -8.58
C TYR E 218 -4.00 46.72 -8.56
N LEU E 219 -5.31 46.98 -8.49
CA LEU E 219 -5.81 48.35 -8.47
C LEU E 219 -5.73 49.04 -7.11
N LEU E 220 -6.22 48.37 -6.04
CA LEU E 220 -6.36 48.91 -4.68
C LEU E 220 -5.24 48.61 -3.66
N GLY E 221 -4.38 47.63 -3.93
CA GLY E 221 -3.30 47.23 -3.02
C GLY E 221 -2.56 48.35 -2.33
N ARG E 222 -1.79 49.15 -3.13
CA ARG E 222 -0.99 50.33 -2.72
C ARG E 222 -1.74 51.25 -1.76
N LYS E 223 -2.96 51.69 -2.15
CA LYS E 223 -3.84 52.56 -1.35
C LYS E 223 -5.29 52.52 -1.87
N LYS E 224 -6.26 52.93 -1.02
CA LYS E 224 -7.68 53.02 -1.39
C LYS E 224 -7.81 54.06 -2.52
N ARG E 225 -8.60 53.73 -3.55
CA ARG E 225 -8.84 54.60 -4.70
C ARG E 225 -10.22 54.41 -5.30
N PRO E 226 -10.83 55.45 -5.90
CA PRO E 226 -12.17 55.28 -6.51
C PRO E 226 -12.21 54.27 -7.66
N ILE E 227 -13.30 53.50 -7.72
CA ILE E 227 -13.50 52.52 -8.79
C ILE E 227 -14.57 52.98 -9.76
N HIS E 228 -14.21 52.98 -11.04
CA HIS E 228 -15.12 53.23 -12.14
C HIS E 228 -15.32 51.92 -12.90
N LEU E 229 -16.51 51.35 -12.81
CA LEU E 229 -16.79 50.15 -13.58
C LEU E 229 -17.52 50.53 -14.86
N SER E 230 -16.90 50.27 -16.02
CA SER E 230 -17.51 50.50 -17.33
C SER E 230 -18.00 49.12 -17.78
N PHE E 231 -19.32 48.93 -17.80
CA PHE E 231 -19.92 47.62 -18.11
C PHE E 231 -20.61 47.56 -19.47
N ASP E 232 -20.02 46.79 -20.40
CA ASP E 232 -20.61 46.55 -21.71
C ASP E 232 -21.29 45.21 -21.53
N VAL E 233 -22.61 45.18 -21.73
CA VAL E 233 -23.43 43.98 -21.59
C VAL E 233 -22.92 42.84 -22.50
N ASP E 234 -22.17 43.17 -23.57
CA ASP E 234 -21.60 42.14 -24.46
C ASP E 234 -20.40 41.40 -23.84
N GLY E 235 -20.02 41.81 -22.62
CA GLY E 235 -19.00 41.12 -21.84
C GLY E 235 -19.55 39.77 -21.43
N LEU E 236 -20.87 39.75 -21.08
CA LEU E 236 -21.58 38.52 -20.75
C LEU E 236 -21.91 37.82 -22.04
N ASP E 237 -21.91 36.47 -22.02
CA ASP E 237 -22.25 35.62 -23.15
C ASP E 237 -23.61 36.00 -23.77
N PRO E 238 -23.78 35.87 -25.13
CA PRO E 238 -25.05 36.22 -25.77
C PRO E 238 -26.30 35.45 -25.30
N SER E 239 -26.13 34.40 -24.49
CA SER E 239 -27.26 33.65 -23.94
C SER E 239 -27.94 34.39 -22.77
N PHE E 240 -27.26 35.41 -22.20
CA PHE E 240 -27.85 36.21 -21.11
C PHE E 240 -28.17 37.65 -21.55
N THR E 241 -27.42 38.17 -22.54
CA THR E 241 -27.57 39.53 -23.08
C THR E 241 -27.56 39.52 -24.62
N PRO E 242 -28.54 38.85 -25.32
CA PRO E 242 -28.48 38.83 -26.79
C PRO E 242 -28.89 40.12 -27.50
N ALA E 243 -29.56 41.07 -26.80
CA ALA E 243 -29.98 42.34 -27.40
C ALA E 243 -28.88 43.38 -27.26
N THR E 244 -27.79 43.13 -28.00
CA THR E 244 -26.59 43.97 -28.04
C THR E 244 -26.03 43.96 -29.48
N GLY E 245 -25.39 45.06 -29.85
CA GLY E 245 -24.84 45.25 -31.19
C GLY E 245 -23.68 44.38 -31.62
N THR E 246 -22.78 44.01 -30.70
CA THR E 246 -21.60 43.24 -31.09
C THR E 246 -21.46 41.95 -30.25
N PRO E 247 -22.42 40.98 -30.34
CA PRO E 247 -22.32 39.79 -29.50
C PRO E 247 -21.21 38.85 -29.92
N VAL E 248 -20.56 38.20 -28.92
CA VAL E 248 -19.45 37.27 -29.15
C VAL E 248 -19.66 36.05 -28.28
N VAL E 249 -19.67 34.85 -28.90
CA VAL E 249 -19.86 33.56 -28.21
C VAL E 249 -18.80 33.31 -27.14
N GLY E 250 -19.13 32.46 -26.18
CA GLY E 250 -18.22 32.06 -25.11
C GLY E 250 -17.89 33.13 -24.11
N GLY E 251 -18.89 33.87 -23.66
CA GLY E 251 -18.67 34.94 -22.69
C GLY E 251 -18.80 34.58 -21.24
N LEU E 252 -18.81 35.62 -20.42
CA LEU E 252 -18.96 35.49 -18.98
C LEU E 252 -20.38 35.08 -18.73
N THR E 253 -20.57 34.16 -17.80
CA THR E 253 -21.89 33.70 -17.44
C THR E 253 -22.59 34.77 -16.60
N TYR E 254 -23.91 34.58 -16.39
CA TYR E 254 -24.77 35.41 -15.54
C TYR E 254 -24.15 35.41 -14.11
N ARG E 255 -23.66 34.25 -13.66
CA ARG E 255 -23.02 34.04 -12.36
C ARG E 255 -21.73 34.82 -12.19
N GLU E 256 -20.83 34.77 -13.19
CA GLU E 256 -19.57 35.51 -13.17
C GLU E 256 -19.82 37.01 -13.17
N GLY E 257 -20.82 37.44 -13.94
CA GLY E 257 -21.25 38.83 -14.02
C GLY E 257 -21.69 39.32 -12.65
N LEU E 258 -22.55 38.53 -11.96
CA LEU E 258 -22.99 38.90 -10.61
C LEU E 258 -21.84 38.90 -9.61
N TYR E 259 -20.91 37.93 -9.72
CA TYR E 259 -19.78 37.85 -8.82
C TYR E 259 -18.84 39.03 -8.98
N ILE E 260 -18.61 39.52 -10.23
CA ILE E 260 -17.75 40.68 -10.54
C ILE E 260 -18.29 41.89 -9.76
N THR E 261 -19.57 42.15 -9.93
CA THR E 261 -20.29 43.30 -9.34
C THR E 261 -20.44 43.19 -7.84
N GLU E 262 -20.58 41.97 -7.28
CA GLU E 262 -20.67 41.72 -5.84
C GLU E 262 -19.31 42.06 -5.17
N GLU E 263 -18.19 41.63 -5.79
CA GLU E 263 -16.85 41.91 -5.26
C GLU E 263 -16.48 43.38 -5.34
N ILE E 264 -17.00 44.09 -6.35
CA ILE E 264 -16.79 45.53 -6.52
C ILE E 264 -17.61 46.26 -5.45
N TYR E 265 -18.90 45.88 -5.25
CA TYR E 265 -19.72 46.45 -4.16
C TYR E 265 -19.01 46.39 -2.79
N LYS E 266 -18.48 45.19 -2.43
CA LYS E 266 -17.79 44.81 -1.20
C LYS E 266 -16.46 45.56 -0.92
N THR E 267 -15.98 46.40 -1.85
CA THR E 267 -14.78 47.22 -1.61
C THR E 267 -15.21 48.54 -0.96
N GLY E 268 -16.46 48.92 -1.15
CA GLY E 268 -17.03 50.17 -0.65
C GLY E 268 -16.44 51.36 -1.37
N LEU E 269 -15.71 51.09 -2.49
CA LEU E 269 -14.99 52.07 -3.31
C LEU E 269 -15.58 52.31 -4.72
N LEU E 270 -16.82 51.85 -4.99
CA LEU E 270 -17.45 52.12 -6.29
C LEU E 270 -17.89 53.59 -6.30
N SER E 271 -17.47 54.32 -7.35
CA SER E 271 -17.70 55.77 -7.50
C SER E 271 -18.34 56.11 -8.85
N GLY E 272 -18.16 55.24 -9.84
CA GLY E 272 -18.75 55.41 -11.16
C GLY E 272 -19.19 54.10 -11.75
N LEU E 273 -20.33 54.11 -12.46
CA LEU E 273 -20.86 52.93 -13.13
C LEU E 273 -21.50 53.27 -14.48
N ASP E 274 -21.12 52.49 -15.51
CA ASP E 274 -21.62 52.58 -16.88
C ASP E 274 -22.31 51.26 -17.22
N ILE E 275 -23.56 51.33 -17.68
CA ILE E 275 -24.32 50.16 -18.13
C ILE E 275 -24.54 50.48 -19.60
N MET E 276 -23.69 49.89 -20.45
CA MET E 276 -23.62 50.17 -21.88
C MET E 276 -24.06 49.07 -22.84
N GLU E 277 -24.42 49.51 -24.06
CA GLU E 277 -24.74 48.75 -25.27
C GLU E 277 -26.03 47.90 -25.25
N VAL E 278 -26.98 48.16 -24.31
CA VAL E 278 -28.26 47.42 -24.29
C VAL E 278 -29.04 47.98 -25.47
N ASN E 279 -29.20 47.16 -26.53
CA ASN E 279 -29.97 47.56 -27.72
C ASN E 279 -31.29 46.80 -27.76
N PRO E 280 -32.40 47.41 -27.26
CA PRO E 280 -33.70 46.73 -27.26
C PRO E 280 -34.29 46.44 -28.63
N SER E 281 -33.79 47.14 -29.69
CA SER E 281 -34.27 46.89 -31.04
C SER E 281 -33.54 45.70 -31.71
N LEU E 282 -32.68 44.97 -30.95
CA LEU E 282 -31.91 43.85 -31.51
C LEU E 282 -32.20 42.48 -30.91
N GLY E 283 -33.24 42.37 -30.09
CA GLY E 283 -33.65 41.08 -29.58
C GLY E 283 -34.32 40.31 -30.70
N LYS E 284 -33.95 39.02 -30.88
CA LYS E 284 -34.51 38.13 -31.93
C LYS E 284 -36.00 37.75 -31.68
N THR E 285 -36.49 38.00 -30.44
CA THR E 285 -37.86 37.77 -29.96
C THR E 285 -38.12 38.81 -28.87
N PRO E 286 -39.38 39.09 -28.45
CA PRO E 286 -39.58 40.01 -27.31
C PRO E 286 -38.94 39.47 -26.02
N GLU E 287 -38.77 38.12 -25.91
CA GLU E 287 -38.16 37.42 -24.78
C GLU E 287 -36.65 37.72 -24.69
N GLU E 288 -35.97 37.85 -25.83
CA GLU E 288 -34.53 38.13 -25.86
C GLU E 288 -34.20 39.54 -25.40
N VAL E 289 -35.15 40.48 -25.56
CA VAL E 289 -35.03 41.88 -25.16
C VAL E 289 -35.14 41.94 -23.62
N THR E 290 -36.23 41.36 -23.06
CA THR E 290 -36.52 41.33 -21.62
C THR E 290 -35.41 40.63 -20.85
N ARG E 291 -34.81 39.58 -21.45
CA ARG E 291 -33.71 38.84 -20.85
C ARG E 291 -32.49 39.72 -20.68
N THR E 292 -32.09 40.44 -21.75
CA THR E 292 -30.93 41.34 -21.74
C THR E 292 -31.17 42.44 -20.69
N VAL E 293 -32.38 43.03 -20.69
CA VAL E 293 -32.78 44.11 -19.80
C VAL E 293 -32.74 43.62 -18.33
N ASN E 294 -33.36 42.46 -18.02
CA ASN E 294 -33.33 41.92 -16.65
C ASN E 294 -31.91 41.61 -16.20
N THR E 295 -31.07 41.04 -17.10
CA THR E 295 -29.67 40.75 -16.76
C THR E 295 -28.92 42.06 -16.43
N ALA E 296 -29.14 43.12 -17.23
CA ALA E 296 -28.53 44.44 -17.02
C ALA E 296 -29.01 45.04 -15.69
N VAL E 297 -30.28 44.86 -15.36
CA VAL E 297 -30.87 45.31 -14.10
C VAL E 297 -30.23 44.54 -12.92
N ALA E 298 -30.09 43.21 -13.06
CA ALA E 298 -29.50 42.32 -12.04
C ALA E 298 -28.06 42.72 -11.69
N ILE E 299 -27.27 43.03 -12.76
CA ILE E 299 -25.86 43.46 -12.68
C ILE E 299 -25.78 44.76 -11.90
N THR E 300 -26.61 45.74 -12.27
CA THR E 300 -26.66 47.04 -11.63
C THR E 300 -27.02 46.94 -10.13
N LEU E 301 -28.00 46.09 -9.76
CA LEU E 301 -28.43 45.94 -8.37
C LEU E 301 -27.32 45.39 -7.50
N ALA E 302 -26.54 44.41 -8.04
CA ALA E 302 -25.39 43.77 -7.40
C ALA E 302 -24.27 44.80 -7.10
N CYS E 303 -24.11 45.83 -8.00
CA CYS E 303 -23.13 46.91 -7.84
C CYS E 303 -23.42 47.70 -6.58
N PHE E 304 -24.71 47.83 -6.22
CA PHE E 304 -25.12 48.61 -5.07
C PHE E 304 -25.67 47.81 -3.89
N GLY E 305 -25.12 46.60 -3.70
CA GLY E 305 -25.48 45.83 -2.52
C GLY E 305 -26.36 44.61 -2.61
N LEU E 306 -27.05 44.37 -3.75
CA LEU E 306 -27.90 43.18 -3.83
C LEU E 306 -27.03 41.93 -3.87
N ALA E 307 -27.20 41.03 -2.89
CA ALA E 307 -26.36 39.83 -2.79
C ALA E 307 -27.12 38.53 -2.87
N ARG E 308 -26.48 37.52 -3.48
CA ARG E 308 -27.08 36.20 -3.64
C ARG E 308 -27.26 35.44 -2.31
N GLU E 309 -26.42 35.67 -1.27
CA GLU E 309 -26.61 34.99 0.03
C GLU E 309 -27.78 35.58 0.84
N GLY E 310 -28.21 36.77 0.43
CA GLY E 310 -29.30 37.52 1.05
C GLY E 310 -28.83 38.86 1.59
N ASN E 311 -29.77 39.65 2.09
CA ASN E 311 -29.54 40.95 2.72
C ASN E 311 -30.65 41.15 3.74
N HIS E 312 -30.36 41.90 4.80
CA HIS E 312 -31.34 42.27 5.83
C HIS E 312 -30.99 43.66 6.40
N LYS E 313 -31.97 44.34 7.06
CA LYS E 313 -31.79 45.67 7.67
C LYS E 313 -31.14 45.56 9.07
N PRO E 314 -30.55 46.63 9.67
CA PRO E 314 -29.95 46.47 11.02
C PRO E 314 -30.98 46.45 12.17
N ILE E 315 -31.85 45.43 12.17
CA ILE E 315 -32.92 45.19 13.16
C ILE E 315 -32.95 43.69 13.53
N ASP E 316 -33.61 43.35 14.66
CA ASP E 316 -33.76 41.97 15.11
C ASP E 316 -35.04 41.42 14.50
N TYR E 317 -34.90 40.53 13.49
CA TYR E 317 -35.99 39.88 12.76
C TYR E 317 -36.69 38.77 13.59
N LEU E 318 -35.97 38.20 14.58
CA LEU E 318 -36.54 37.16 15.44
C LEU E 318 -37.45 37.72 16.56
N ASN E 319 -37.64 39.05 16.58
CA ASN E 319 -38.46 39.80 17.53
C ASN E 319 -39.78 40.19 16.85
N ALA F 3 39.42 -40.34 43.10
CA ALA F 3 38.14 -39.88 43.61
C ALA F 3 37.10 -40.96 43.42
N LYS F 4 36.09 -41.02 44.33
CA LYS F 4 35.02 -42.02 44.27
C LYS F 4 34.22 -41.96 42.97
N SER F 5 34.04 -40.73 42.40
CA SER F 5 33.36 -40.45 41.13
C SER F 5 34.29 -40.74 39.91
N ARG F 6 35.56 -41.14 40.16
CA ARG F 6 36.50 -41.45 39.11
C ARG F 6 37.11 -42.85 39.24
N THR F 7 36.65 -43.64 40.23
CA THR F 7 37.05 -45.03 40.45
C THR F 7 36.06 -45.86 39.62
N ILE F 8 36.56 -46.58 38.62
CA ILE F 8 35.71 -47.29 37.67
C ILE F 8 36.07 -48.77 37.51
N GLY F 9 35.03 -49.57 37.25
CA GLY F 9 35.08 -51.00 36.99
C GLY F 9 34.39 -51.29 35.68
N ILE F 10 35.17 -51.41 34.60
CA ILE F 10 34.70 -51.65 33.22
C ILE F 10 34.25 -53.09 33.04
N ILE F 11 33.07 -53.27 32.45
CA ILE F 11 32.52 -54.59 32.13
C ILE F 11 32.19 -54.59 30.64
N GLY F 12 32.67 -55.61 29.94
CA GLY F 12 32.34 -55.84 28.54
C GLY F 12 31.17 -56.80 28.49
N ALA F 13 30.12 -56.45 27.75
CA ALA F 13 28.95 -57.31 27.61
C ALA F 13 28.66 -57.51 26.12
N PRO F 14 29.43 -58.41 25.44
CA PRO F 14 29.22 -58.62 24.00
C PRO F 14 27.98 -59.46 23.72
N PHE F 15 26.81 -58.79 23.69
CA PHE F 15 25.51 -59.46 23.51
C PHE F 15 24.63 -58.78 22.45
N SER F 16 24.17 -59.57 21.46
CA SER F 16 23.35 -59.08 20.34
C SER F 16 21.95 -59.70 20.23
N LYS F 17 21.75 -60.91 20.81
CA LYS F 17 20.51 -61.68 20.76
C LYS F 17 19.26 -61.00 21.39
N GLY F 18 19.40 -59.80 21.95
CA GLY F 18 18.29 -59.02 22.49
C GLY F 18 17.55 -58.22 21.42
N GLN F 19 18.06 -58.28 20.17
CA GLN F 19 17.50 -57.63 18.98
C GLN F 19 17.92 -58.39 17.70
N PRO F 20 17.44 -58.07 16.48
CA PRO F 20 17.79 -58.92 15.34
C PRO F 20 19.03 -58.52 14.54
N ARG F 21 19.35 -57.22 14.45
CA ARG F 21 20.47 -56.71 13.66
C ARG F 21 21.82 -57.07 14.27
N GLY F 22 22.51 -58.02 13.63
CA GLY F 22 23.80 -58.50 14.10
C GLY F 22 24.89 -57.44 14.02
N GLY F 23 25.81 -57.49 14.97
CA GLY F 23 26.95 -56.57 15.01
C GLY F 23 27.08 -55.75 16.28
N VAL F 24 26.01 -55.64 17.11
CA VAL F 24 26.04 -54.85 18.36
C VAL F 24 26.95 -55.52 19.42
N GLU F 25 27.26 -56.82 19.25
CA GLU F 25 28.13 -57.61 20.12
C GLU F 25 29.57 -57.12 20.06
N GLU F 26 29.93 -56.45 18.94
CA GLU F 26 31.27 -55.89 18.71
C GLU F 26 31.40 -54.47 19.30
N GLY F 27 30.35 -54.00 19.99
CA GLY F 27 30.32 -52.73 20.70
C GLY F 27 31.45 -52.56 21.72
N PRO F 28 31.74 -53.55 22.61
CA PRO F 28 32.86 -53.38 23.57
C PRO F 28 34.25 -53.39 22.92
N THR F 29 34.41 -54.16 21.83
CA THR F 29 35.64 -54.29 21.05
C THR F 29 36.06 -52.96 20.40
N VAL F 30 35.15 -52.27 19.70
CA VAL F 30 35.46 -51.01 19.04
C VAL F 30 35.69 -49.88 20.07
N LEU F 31 34.97 -49.90 21.21
CA LEU F 31 35.13 -48.87 22.26
C LEU F 31 36.47 -48.96 22.97
N ARG F 32 37.00 -50.18 23.17
CA ARG F 32 38.31 -50.39 23.79
C ARG F 32 39.42 -49.92 22.86
N LYS F 33 39.29 -50.28 21.56
CA LYS F 33 40.20 -49.94 20.47
C LYS F 33 40.25 -48.44 20.20
N ALA F 34 39.18 -47.70 20.59
CA ALA F 34 39.12 -46.24 20.44
C ALA F 34 40.04 -45.59 21.47
N GLY F 35 40.46 -46.39 22.45
CA GLY F 35 41.36 -45.97 23.53
C GLY F 35 40.65 -45.45 24.75
N LEU F 36 39.39 -45.90 24.97
CA LEU F 36 38.55 -45.52 26.11
C LEU F 36 39.25 -45.62 27.47
N LEU F 37 39.81 -46.79 27.79
CA LEU F 37 40.46 -47.08 29.07
C LEU F 37 41.66 -46.18 29.35
N GLU F 38 42.48 -45.97 28.30
CA GLU F 38 43.67 -45.11 28.32
C GLU F 38 43.24 -43.64 28.51
N LYS F 39 42.17 -43.22 27.80
CA LYS F 39 41.63 -41.86 27.88
C LYS F 39 41.03 -41.55 29.24
N LEU F 40 40.58 -42.59 29.94
CA LEU F 40 40.06 -42.42 31.29
C LEU F 40 41.20 -42.29 32.30
N LYS F 41 42.23 -43.16 32.23
CA LYS F 41 43.40 -43.12 33.11
C LYS F 41 44.17 -41.78 33.06
N GLU F 42 44.20 -41.11 31.89
CA GLU F 42 44.82 -39.77 31.69
C GLU F 42 44.02 -38.72 32.45
N GLN F 43 42.71 -38.93 32.53
CA GLN F 43 41.70 -38.08 33.15
C GLN F 43 41.66 -38.27 34.69
N GLU F 44 42.76 -38.79 35.30
CA GLU F 44 42.92 -39.03 36.75
C GLU F 44 41.94 -40.12 37.26
N CYS F 45 41.64 -41.12 36.41
CA CYS F 45 40.74 -42.21 36.75
C CYS F 45 41.48 -43.45 37.20
N ASP F 46 40.90 -44.16 38.16
CA ASP F 46 41.39 -45.45 38.61
C ASP F 46 40.50 -46.41 37.82
N VAL F 47 41.10 -47.04 36.79
CA VAL F 47 40.40 -47.95 35.90
C VAL F 47 40.77 -49.41 36.15
N LYS F 48 39.79 -50.24 36.57
CA LYS F 48 39.99 -51.69 36.70
C LYS F 48 39.16 -52.36 35.60
N ASP F 49 39.81 -53.12 34.71
CA ASP F 49 39.10 -53.80 33.64
C ASP F 49 38.70 -55.23 34.04
N TYR F 50 37.39 -55.50 34.04
CA TYR F 50 36.85 -56.81 34.42
C TYR F 50 36.64 -57.76 33.22
N GLY F 51 37.13 -57.33 32.05
CA GLY F 51 37.06 -58.10 30.82
C GLY F 51 35.71 -58.09 30.13
N ASP F 52 35.56 -59.00 29.16
CA ASP F 52 34.35 -59.18 28.36
C ASP F 52 33.63 -60.45 28.84
N LEU F 53 32.33 -60.30 29.20
CA LEU F 53 31.53 -61.40 29.71
C LEU F 53 31.34 -62.50 28.68
N PRO F 54 31.82 -63.74 28.94
CA PRO F 54 31.59 -64.81 27.97
C PRO F 54 30.14 -65.26 28.03
N PHE F 55 29.39 -65.00 26.96
CA PHE F 55 27.99 -65.39 26.90
C PHE F 55 27.85 -66.66 26.08
N ALA F 56 27.59 -67.78 26.77
CA ALA F 56 27.44 -69.10 26.15
C ALA F 56 26.20 -69.18 25.25
N ASP F 57 26.41 -69.49 23.95
CA ASP F 57 25.35 -69.62 22.94
C ASP F 57 24.39 -70.77 23.25
N ILE F 58 23.20 -70.42 23.78
CA ILE F 58 22.16 -71.37 24.16
C ILE F 58 21.46 -71.92 22.91
N PRO F 59 21.58 -73.24 22.63
CA PRO F 59 20.92 -73.79 21.44
C PRO F 59 19.46 -74.19 21.73
N ASN F 60 18.65 -74.32 20.66
CA ASN F 60 17.23 -74.70 20.71
C ASN F 60 16.34 -73.76 21.57
N ASP F 61 16.81 -72.50 21.84
CA ASP F 61 16.09 -71.50 22.63
C ASP F 61 14.84 -71.01 21.89
N SER F 62 13.72 -71.75 22.09
CA SER F 62 12.41 -71.49 21.48
C SER F 62 11.86 -70.10 21.87
N PRO F 63 11.24 -69.36 20.92
CA PRO F 63 10.71 -68.05 21.29
C PRO F 63 9.41 -68.12 22.09
N PHE F 64 9.39 -67.45 23.25
CA PHE F 64 8.23 -67.39 24.14
C PHE F 64 7.22 -66.42 23.50
N GLN F 65 6.10 -66.98 22.98
CA GLN F 65 5.04 -66.24 22.23
C GLN F 65 5.65 -65.62 20.95
N ILE F 66 6.05 -64.34 20.98
CA ILE F 66 6.72 -63.66 19.86
C ILE F 66 8.10 -63.16 20.31
N VAL F 67 8.35 -63.20 21.64
CA VAL F 67 9.60 -62.80 22.30
C VAL F 67 10.73 -63.77 21.89
N LYS F 68 11.65 -63.29 21.03
CA LYS F 68 12.77 -64.06 20.48
C LYS F 68 13.95 -64.17 21.45
N ASN F 69 14.58 -65.36 21.49
CA ASN F 69 15.75 -65.71 22.32
C ASN F 69 15.59 -65.40 23.83
N PRO F 70 14.51 -65.83 24.55
CA PRO F 70 14.39 -65.45 25.98
C PRO F 70 15.52 -65.90 26.90
N ARG F 71 15.79 -67.23 27.01
CA ARG F 71 16.84 -67.83 27.86
C ARG F 71 18.22 -67.21 27.65
N SER F 72 18.58 -66.92 26.37
CA SER F 72 19.83 -66.28 25.95
C SER F 72 19.95 -64.88 26.56
N VAL F 73 18.86 -64.09 26.48
CA VAL F 73 18.79 -62.73 27.02
C VAL F 73 18.80 -62.79 28.56
N GLY F 74 17.93 -63.64 29.12
CA GLY F 74 17.78 -63.84 30.56
C GLY F 74 19.07 -64.15 31.30
N LYS F 75 19.85 -65.12 30.79
CA LYS F 75 21.15 -65.54 31.34
C LYS F 75 22.19 -64.41 31.17
N ALA F 76 22.23 -63.77 29.97
CA ALA F 76 23.16 -62.67 29.70
C ALA F 76 23.06 -61.58 30.76
N SER F 77 21.82 -61.28 31.18
CA SER F 77 21.54 -60.30 32.21
C SER F 77 21.79 -60.86 33.63
N GLU F 78 21.61 -62.20 33.82
CA GLU F 78 21.89 -62.83 35.11
C GLU F 78 23.39 -62.72 35.38
N GLN F 79 24.21 -63.02 34.34
CA GLN F 79 25.67 -62.93 34.36
C GLN F 79 26.12 -61.50 34.61
N LEU F 80 25.49 -60.52 33.90
CA LEU F 80 25.80 -59.10 34.06
C LEU F 80 25.49 -58.61 35.46
N ALA F 81 24.33 -59.01 36.03
CA ALA F 81 23.91 -58.65 37.40
C ALA F 81 24.86 -59.11 38.49
N GLY F 82 25.51 -60.25 38.30
CA GLY F 82 26.50 -60.77 39.23
C GLY F 82 27.79 -59.98 39.17
N LYS F 83 28.26 -59.71 37.94
CA LYS F 83 29.49 -58.94 37.68
C LYS F 83 29.36 -57.49 38.13
N VAL F 84 28.17 -56.85 37.91
CA VAL F 84 27.88 -55.47 38.33
C VAL F 84 27.83 -55.40 39.87
N ALA F 85 27.22 -56.41 40.53
CA ALA F 85 27.14 -56.47 42.00
C ALA F 85 28.53 -56.53 42.62
N GLU F 86 29.43 -57.30 41.99
CA GLU F 86 30.83 -57.52 42.37
C GLU F 86 31.59 -56.18 42.29
N VAL F 87 31.46 -55.45 41.16
CA VAL F 87 32.11 -54.14 40.95
C VAL F 87 31.67 -53.15 42.04
N LYS F 88 30.35 -53.09 42.32
CA LYS F 88 29.74 -52.20 43.32
C LYS F 88 30.29 -52.42 44.75
N LYS F 89 30.45 -53.69 45.19
CA LYS F 89 31.01 -54.07 46.50
C LYS F 89 32.49 -53.65 46.58
N ASN F 90 33.21 -53.74 45.44
CA ASN F 90 34.61 -53.37 45.26
C ASN F 90 34.84 -51.82 45.26
N GLY F 91 33.82 -51.06 45.68
CA GLY F 91 33.85 -49.61 45.81
C GLY F 91 34.10 -48.86 44.51
N ARG F 92 33.66 -49.46 43.38
CA ARG F 92 33.85 -48.90 42.03
C ARG F 92 32.52 -48.60 41.31
N ILE F 93 32.58 -47.68 40.33
CA ILE F 93 31.44 -47.33 39.48
C ILE F 93 31.48 -48.29 38.31
N SER F 94 30.39 -49.04 38.10
CA SER F 94 30.31 -50.00 37.02
C SER F 94 30.09 -49.29 35.70
N LEU F 95 30.85 -49.70 34.67
CA LEU F 95 30.76 -49.14 33.33
C LEU F 95 30.57 -50.28 32.35
N VAL F 96 29.29 -50.52 32.00
CA VAL F 96 28.80 -51.59 31.11
C VAL F 96 28.87 -51.16 29.64
N LEU F 97 29.70 -51.85 28.87
CA LEU F 97 29.83 -51.59 27.43
C LEU F 97 29.04 -52.62 26.68
N GLY F 98 27.96 -52.18 26.06
CA GLY F 98 27.08 -53.04 25.28
C GLY F 98 27.46 -53.11 23.80
N GLY F 99 26.74 -53.88 23.00
CA GLY F 99 25.59 -54.68 23.40
C GLY F 99 24.29 -53.92 23.39
N ASP F 100 23.19 -54.63 23.13
CA ASP F 100 21.84 -54.08 23.13
C ASP F 100 21.35 -53.79 24.55
N HIS F 101 20.38 -52.87 24.68
CA HIS F 101 19.79 -52.40 25.94
C HIS F 101 19.07 -53.46 26.82
N SER F 102 18.84 -54.71 26.33
CA SER F 102 18.21 -55.77 27.17
C SER F 102 19.08 -56.08 28.41
N LEU F 103 20.41 -55.87 28.27
CA LEU F 103 21.41 -56.04 29.33
C LEU F 103 21.16 -55.08 30.52
N ALA F 104 20.41 -53.96 30.31
CA ALA F 104 20.07 -53.06 31.42
C ALA F 104 19.24 -53.78 32.52
N ILE F 105 18.64 -54.95 32.18
CA ILE F 105 17.94 -55.77 33.19
C ILE F 105 19.00 -56.21 34.19
N GLY F 106 20.09 -56.78 33.70
CA GLY F 106 21.21 -57.23 34.52
C GLY F 106 21.97 -56.13 35.20
N SER F 107 22.29 -55.06 34.45
CA SER F 107 23.02 -53.90 34.97
C SER F 107 22.34 -53.22 36.16
N ILE F 108 21.06 -52.84 36.03
CA ILE F 108 20.30 -52.17 37.10
C ILE F 108 20.08 -53.14 38.29
N SER F 109 19.50 -54.34 38.06
CA SER F 109 19.28 -55.35 39.11
C SER F 109 20.53 -55.60 39.97
N GLY F 110 21.66 -55.85 39.31
CA GLY F 110 22.95 -56.09 39.95
C GLY F 110 23.44 -54.96 40.82
N HIS F 111 23.28 -53.70 40.35
CA HIS F 111 23.66 -52.47 41.03
C HIS F 111 22.73 -52.25 42.23
N ALA F 112 21.43 -52.58 42.04
CA ALA F 112 20.40 -52.46 43.06
C ALA F 112 20.56 -53.44 44.24
N ARG F 113 21.36 -54.53 44.06
CA ARG F 113 21.66 -55.49 45.14
C ARG F 113 22.54 -54.81 46.19
N VAL F 114 23.47 -53.95 45.76
CA VAL F 114 24.40 -53.24 46.64
C VAL F 114 23.82 -51.88 47.06
N HIS F 115 23.18 -51.17 46.12
CA HIS F 115 22.54 -49.89 46.41
C HIS F 115 21.05 -49.97 46.03
N PRO F 116 20.16 -50.37 46.97
CA PRO F 116 18.72 -50.44 46.63
C PRO F 116 18.03 -49.07 46.55
N ASP F 117 18.70 -47.99 46.97
CA ASP F 117 18.18 -46.64 46.96
C ASP F 117 18.43 -45.89 45.65
N LEU F 118 19.10 -46.54 44.67
CA LEU F 118 19.47 -45.97 43.37
C LEU F 118 18.32 -45.36 42.56
N GLY F 119 18.66 -44.30 41.84
CA GLY F 119 17.77 -43.62 40.92
C GLY F 119 18.29 -43.85 39.53
N VAL F 120 17.38 -44.03 38.55
CA VAL F 120 17.77 -44.28 37.18
C VAL F 120 17.48 -43.07 36.26
N ILE F 121 18.47 -42.69 35.43
CA ILE F 121 18.32 -41.68 34.39
C ILE F 121 18.51 -42.47 33.10
N TRP F 122 17.45 -42.56 32.30
CA TRP F 122 17.43 -43.35 31.06
C TRP F 122 17.45 -42.44 29.84
N VAL F 123 18.64 -42.32 29.19
CA VAL F 123 18.80 -41.48 28.01
C VAL F 123 18.61 -42.37 26.78
N ASP F 124 17.52 -42.12 26.02
CA ASP F 124 17.12 -42.93 24.87
C ASP F 124 16.07 -42.22 24.04
N ALA F 125 15.94 -42.63 22.76
CA ALA F 125 14.86 -42.12 21.92
C ALA F 125 13.61 -42.94 22.28
N HIS F 126 13.84 -44.12 22.90
CA HIS F 126 12.84 -45.11 23.27
C HIS F 126 12.67 -45.30 24.79
N THR F 127 11.47 -45.73 25.24
CA THR F 127 11.19 -45.95 26.65
C THR F 127 11.62 -47.35 27.11
N ASP F 128 11.62 -48.33 26.18
CA ASP F 128 11.95 -49.75 26.40
C ASP F 128 11.10 -50.32 27.58
N ILE F 129 9.80 -50.00 27.59
CA ILE F 129 8.88 -50.36 28.68
C ILE F 129 7.75 -51.32 28.19
N ASN F 130 7.93 -51.90 27.01
CA ASN F 130 7.02 -52.91 26.46
C ASN F 130 7.12 -54.16 27.34
N THR F 131 6.00 -54.84 27.57
CA THR F 131 6.01 -56.05 28.40
C THR F 131 6.13 -57.22 27.44
N PRO F 132 6.51 -58.46 27.86
CA PRO F 132 6.57 -59.56 26.89
C PRO F 132 5.23 -59.84 26.16
N LEU F 133 4.11 -59.21 26.62
CA LEU F 133 2.78 -59.32 25.99
C LEU F 133 2.44 -58.08 25.12
N THR F 134 2.78 -56.84 25.57
CA THR F 134 2.47 -55.62 24.81
C THR F 134 3.37 -55.42 23.57
N THR F 135 4.51 -56.13 23.51
CA THR F 135 5.46 -56.04 22.41
C THR F 135 4.85 -56.56 21.08
N THR F 136 5.23 -55.92 19.95
CA THR F 136 4.74 -56.29 18.62
C THR F 136 5.90 -56.84 17.80
N SER F 137 7.14 -56.54 18.22
CA SER F 137 8.38 -56.97 17.57
C SER F 137 8.98 -58.24 18.19
N GLY F 138 8.77 -58.42 19.49
CA GLY F 138 9.32 -59.56 20.24
C GLY F 138 10.77 -59.41 20.65
N ASN F 139 11.31 -58.18 20.53
CA ASN F 139 12.70 -57.85 20.88
C ASN F 139 12.85 -57.45 22.35
N LEU F 140 13.71 -58.17 23.08
CA LEU F 140 13.89 -57.89 24.50
C LEU F 140 14.66 -56.57 24.80
N HIS F 141 15.35 -55.96 23.80
CA HIS F 141 16.01 -54.66 23.98
C HIS F 141 14.97 -53.48 24.09
N GLY F 142 13.71 -53.77 23.77
CA GLY F 142 12.59 -52.83 23.84
C GLY F 142 11.66 -53.12 25.01
N GLN F 143 12.10 -54.00 25.91
CA GLN F 143 11.36 -54.44 27.11
C GLN F 143 12.07 -54.27 28.49
N PRO F 144 13.36 -53.85 28.63
CA PRO F 144 14.01 -53.88 29.96
C PRO F 144 13.31 -53.21 31.13
N VAL F 145 12.77 -52.00 30.96
CA VAL F 145 12.13 -51.27 32.07
C VAL F 145 10.93 -52.03 32.68
N SER F 146 10.16 -52.78 31.86
CA SER F 146 9.01 -53.56 32.32
C SER F 146 9.38 -54.70 33.28
N PHE F 147 10.60 -55.25 33.15
CA PHE F 147 11.11 -56.32 34.00
C PHE F 147 11.64 -55.77 35.33
N LEU F 148 11.96 -54.47 35.38
CA LEU F 148 12.54 -53.81 36.55
C LEU F 148 11.54 -53.09 37.44
N LEU F 149 10.37 -52.71 36.89
CA LEU F 149 9.35 -51.98 37.63
C LEU F 149 8.47 -52.87 38.51
N LYS F 150 8.37 -52.50 39.81
CA LYS F 150 7.56 -53.19 40.85
C LYS F 150 6.05 -53.03 40.56
N GLU F 151 5.64 -51.87 40.00
CA GLU F 151 4.24 -51.59 39.64
C GLU F 151 3.78 -52.47 38.46
N LEU F 152 4.72 -53.04 37.72
CA LEU F 152 4.44 -53.90 36.57
C LEU F 152 4.54 -55.38 36.92
N LYS F 153 4.69 -55.69 38.23
CA LYS F 153 4.72 -57.08 38.71
C LYS F 153 3.29 -57.61 38.58
N GLY F 154 3.16 -58.82 38.06
CA GLY F 154 1.86 -59.43 37.79
C GLY F 154 1.38 -59.19 36.37
N LYS F 155 2.11 -58.34 35.62
CA LYS F 155 1.84 -58.00 34.22
C LYS F 155 2.89 -58.66 33.33
N ILE F 156 3.98 -59.14 33.95
CA ILE F 156 5.08 -59.85 33.27
C ILE F 156 4.84 -61.35 33.51
N PRO F 157 4.76 -62.19 32.45
CA PRO F 157 4.54 -63.63 32.67
C PRO F 157 5.82 -64.41 32.96
N ASP F 158 5.75 -65.77 32.99
CA ASP F 158 6.92 -66.63 33.27
C ASP F 158 7.82 -66.88 32.03
N VAL F 159 8.45 -65.80 31.52
CA VAL F 159 9.38 -65.82 30.39
C VAL F 159 10.59 -66.72 30.75
N PRO F 160 10.97 -67.73 29.92
CA PRO F 160 12.09 -68.60 30.31
C PRO F 160 13.44 -67.92 30.33
N GLY F 161 14.08 -67.97 31.50
CA GLY F 161 15.39 -67.37 31.74
C GLY F 161 15.36 -66.15 32.63
N PHE F 162 14.15 -65.68 33.01
CA PHE F 162 13.96 -64.49 33.83
C PHE F 162 13.40 -64.77 35.26
N SER F 163 13.51 -66.03 35.73
CA SER F 163 13.03 -66.45 37.06
C SER F 163 13.79 -65.73 38.18
N TRP F 164 15.09 -65.45 37.94
CA TRP F 164 16.00 -64.76 38.84
C TRP F 164 15.59 -63.30 39.12
N VAL F 165 14.90 -62.65 38.14
CA VAL F 165 14.48 -61.25 38.18
C VAL F 165 13.48 -60.95 39.31
N THR F 166 13.87 -60.01 40.17
CA THR F 166 13.12 -59.45 41.28
C THR F 166 13.02 -57.94 40.91
N PRO F 167 11.80 -57.37 40.65
CA PRO F 167 11.72 -55.93 40.30
C PRO F 167 12.34 -55.06 41.39
N CYS F 168 13.41 -54.36 41.03
CA CYS F 168 14.21 -53.56 41.94
C CYS F 168 13.89 -52.06 41.99
N ILE F 169 13.11 -51.53 41.01
CA ILE F 169 12.77 -50.10 41.00
C ILE F 169 11.26 -49.83 40.88
N SER F 170 10.83 -48.75 41.51
CA SER F 170 9.45 -48.26 41.46
C SER F 170 9.41 -47.19 40.36
N ALA F 171 8.23 -46.97 39.74
CA ALA F 171 8.00 -46.01 38.66
C ALA F 171 8.50 -44.59 38.96
N LYS F 172 8.56 -44.25 40.27
CA LYS F 172 9.04 -42.98 40.81
C LYS F 172 10.57 -42.81 40.81
N ASP F 173 11.32 -43.90 40.59
CA ASP F 173 12.79 -43.89 40.62
C ASP F 173 13.46 -43.86 39.23
N ILE F 174 12.70 -43.52 38.17
CA ILE F 174 13.27 -43.44 36.83
C ILE F 174 12.92 -42.10 36.15
N VAL F 175 13.86 -41.51 35.39
CA VAL F 175 13.59 -40.28 34.62
C VAL F 175 14.12 -40.48 33.20
N TYR F 176 13.23 -40.38 32.22
CA TYR F 176 13.55 -40.52 30.80
C TYR F 176 13.92 -39.16 30.18
N ILE F 177 14.95 -39.15 29.31
CA ILE F 177 15.40 -37.95 28.57
C ILE F 177 15.66 -38.32 27.08
N GLY F 178 15.02 -37.59 26.15
CA GLY F 178 15.20 -37.75 24.72
C GLY F 178 14.15 -38.54 23.92
N LEU F 179 13.08 -38.99 24.58
CA LEU F 179 12.04 -39.83 23.99
C LEU F 179 11.43 -39.22 22.73
N ARG F 180 11.39 -39.99 21.64
CA ARG F 180 10.80 -39.50 20.39
C ARG F 180 10.09 -40.59 19.59
N ASP F 181 10.23 -41.88 20.01
CA ASP F 181 9.53 -42.98 19.37
C ASP F 181 9.01 -43.97 20.41
N VAL F 182 7.79 -43.68 20.90
CA VAL F 182 7.13 -44.41 21.98
C VAL F 182 5.92 -45.17 21.42
N ASP F 183 5.89 -46.52 21.61
CA ASP F 183 4.77 -47.35 21.12
C ASP F 183 3.46 -47.11 21.89
N PRO F 184 2.26 -47.33 21.30
CA PRO F 184 1.00 -47.11 22.06
C PRO F 184 0.96 -47.73 23.45
N GLY F 185 1.37 -49.01 23.54
CA GLY F 185 1.41 -49.73 24.81
C GLY F 185 2.36 -49.07 25.78
N GLU F 186 3.54 -48.68 25.27
CA GLU F 186 4.56 -47.97 26.04
C GLU F 186 4.00 -46.67 26.58
N HIS F 187 3.37 -45.85 25.71
CA HIS F 187 2.81 -44.57 26.14
C HIS F 187 1.72 -44.77 27.19
N TYR F 188 0.86 -45.78 27.01
CA TYR F 188 -0.17 -46.11 28.00
C TYR F 188 0.47 -46.36 29.37
N ILE F 189 1.51 -47.23 29.42
CA ILE F 189 2.26 -47.55 30.65
C ILE F 189 2.89 -46.29 31.25
N LEU F 190 3.64 -45.53 30.43
CA LEU F 190 4.31 -44.31 30.84
C LEU F 190 3.33 -43.30 31.52
N LYS F 191 2.12 -43.17 30.97
CA LYS F 191 1.15 -42.22 31.52
C LYS F 191 0.38 -42.77 32.70
N THR F 192 0.04 -44.08 32.71
CA THR F 192 -0.75 -44.64 33.80
C THR F 192 0.08 -44.84 35.08
N LEU F 193 1.41 -45.01 34.95
CA LEU F 193 2.29 -45.14 36.12
C LEU F 193 2.87 -43.78 36.58
N GLY F 194 2.53 -42.72 35.85
CA GLY F 194 2.95 -41.36 36.14
C GLY F 194 4.45 -41.12 36.23
N ILE F 195 5.25 -41.85 35.40
CA ILE F 195 6.72 -41.75 35.32
C ILE F 195 7.10 -40.38 34.83
N LYS F 196 8.17 -39.78 35.43
CA LYS F 196 8.70 -38.49 35.03
C LYS F 196 9.47 -38.69 33.70
N TYR F 197 9.28 -37.79 32.73
CA TYR F 197 9.93 -37.91 31.42
C TYR F 197 10.10 -36.57 30.71
N PHE F 198 11.17 -36.49 29.93
CA PHE F 198 11.48 -35.34 29.10
C PHE F 198 11.65 -35.87 27.70
N SER F 199 10.54 -35.94 26.96
CA SER F 199 10.56 -36.34 25.56
C SER F 199 11.27 -35.18 24.83
N MET F 200 11.48 -35.27 23.50
CA MET F 200 12.16 -34.19 22.80
C MET F 200 11.36 -32.88 22.87
N THR F 201 10.02 -32.99 23.04
CA THR F 201 9.06 -31.88 23.18
C THR F 201 9.36 -31.08 24.44
N GLU F 202 9.71 -31.78 25.54
CA GLU F 202 10.05 -31.16 26.82
C GLU F 202 11.44 -30.53 26.71
N VAL F 203 12.39 -31.23 26.04
CA VAL F 203 13.75 -30.72 25.84
C VAL F 203 13.66 -29.41 25.04
N ASP F 204 12.79 -29.40 24.03
CA ASP F 204 12.53 -28.27 23.14
C ASP F 204 11.95 -27.09 23.87
N ARG F 205 10.91 -27.33 24.69
CA ARG F 205 10.20 -26.34 25.50
C ARG F 205 11.11 -25.69 26.55
N LEU F 206 11.82 -26.52 27.33
CA LEU F 206 12.60 -26.07 28.49
C LEU F 206 14.06 -25.69 28.26
N GLY F 207 14.72 -26.37 27.31
CA GLY F 207 16.16 -26.22 27.11
C GLY F 207 16.78 -27.29 27.99
N ILE F 208 17.99 -27.74 27.65
CA ILE F 208 18.67 -28.83 28.36
C ILE F 208 19.13 -28.41 29.79
N GLY F 209 19.26 -27.10 30.04
CA GLY F 209 19.63 -26.58 31.35
C GLY F 209 18.58 -26.93 32.39
N LYS F 210 17.32 -26.58 32.06
CA LYS F 210 16.11 -26.83 32.83
C LYS F 210 15.78 -28.31 32.92
N VAL F 211 15.96 -29.07 31.83
CA VAL F 211 15.75 -30.52 31.80
C VAL F 211 16.59 -31.18 32.92
N MET F 212 17.89 -30.82 32.99
CA MET F 212 18.86 -31.32 33.96
C MET F 212 18.61 -30.82 35.36
N GLU F 213 18.20 -29.55 35.52
CA GLU F 213 17.80 -28.96 36.80
C GLU F 213 16.58 -29.76 37.35
N GLU F 214 15.55 -29.98 36.50
CA GLU F 214 14.35 -30.73 36.89
C GLU F 214 14.62 -32.23 37.13
N THR F 215 15.52 -32.86 36.36
CA THR F 215 15.83 -34.30 36.52
C THR F 215 16.52 -34.61 37.85
N LEU F 216 17.54 -33.82 38.20
CA LEU F 216 18.33 -34.04 39.41
C LEU F 216 17.57 -33.59 40.67
N SER F 217 16.80 -32.50 40.62
CA SER F 217 16.00 -32.06 41.76
C SER F 217 14.91 -33.09 42.12
N TYR F 218 14.26 -33.69 41.08
CA TYR F 218 13.22 -34.71 41.23
C TYR F 218 13.80 -35.99 41.87
N LEU F 219 14.93 -36.50 41.36
CA LEU F 219 15.54 -37.73 41.91
C LEU F 219 16.28 -37.54 43.23
N LEU F 220 17.09 -36.48 43.34
CA LEU F 220 17.96 -36.21 44.49
C LEU F 220 17.44 -35.14 45.49
N GLY F 221 16.15 -34.84 45.43
CA GLY F 221 15.52 -33.85 46.31
C GLY F 221 15.42 -34.30 47.76
N ARG F 222 14.94 -35.54 47.98
CA ARG F 222 14.77 -36.17 49.30
C ARG F 222 16.12 -36.38 50.01
N LYS F 223 17.12 -36.92 49.27
CA LYS F 223 18.50 -37.19 49.72
C LYS F 223 19.47 -37.52 48.56
N LYS F 224 20.80 -37.44 48.83
CA LYS F 224 21.90 -37.73 47.91
C LYS F 224 21.96 -39.25 47.64
N ARG F 225 21.15 -39.73 46.69
CA ARG F 225 21.07 -41.15 46.32
C ARG F 225 21.95 -41.52 45.10
N PRO F 226 22.52 -42.77 45.04
CA PRO F 226 23.33 -43.15 43.89
C PRO F 226 22.54 -43.13 42.58
N ILE F 227 23.17 -42.67 41.51
CA ILE F 227 22.59 -42.52 40.18
C ILE F 227 23.06 -43.61 39.23
N HIS F 228 22.14 -44.20 38.50
CA HIS F 228 22.45 -45.16 37.48
C HIS F 228 22.01 -44.55 36.16
N LEU F 229 22.97 -44.18 35.32
CA LEU F 229 22.68 -43.63 34.00
C LEU F 229 22.71 -44.77 33.00
N SER F 230 21.57 -45.03 32.33
CA SER F 230 21.47 -46.03 31.29
C SER F 230 21.35 -45.28 29.95
N PHE F 231 22.51 -45.08 29.28
CA PHE F 231 22.66 -44.31 28.06
C PHE F 231 22.64 -45.15 26.79
N ASP F 232 21.58 -44.98 26.01
CA ASP F 232 21.41 -45.60 24.71
C ASP F 232 21.90 -44.54 23.75
N VAL F 233 22.89 -44.88 22.90
CA VAL F 233 23.46 -43.95 21.89
C VAL F 233 22.39 -43.44 20.92
N ASP F 234 21.24 -44.13 20.76
CA ASP F 234 20.20 -43.64 19.86
C ASP F 234 19.36 -42.50 20.48
N GLY F 235 19.69 -42.12 21.72
CA GLY F 235 19.09 -40.98 22.39
C GLY F 235 19.59 -39.70 21.74
N LEU F 236 20.80 -39.78 21.14
CA LEU F 236 21.45 -38.71 20.37
C LEU F 236 21.03 -38.80 18.94
N ASP F 237 20.90 -37.66 18.28
CA ASP F 237 20.50 -37.56 16.87
C ASP F 237 21.37 -38.43 15.94
N PRO F 238 20.76 -39.05 14.90
CA PRO F 238 21.54 -39.90 13.98
C PRO F 238 22.69 -39.21 13.27
N SER F 239 22.72 -37.85 13.26
CA SER F 239 23.84 -37.09 12.69
C SER F 239 25.12 -37.26 13.54
N PHE F 240 24.96 -37.66 14.83
CA PHE F 240 26.05 -37.87 15.80
C PHE F 240 26.38 -39.33 16.12
N THR F 241 25.36 -40.21 16.15
CA THR F 241 25.55 -41.65 16.43
C THR F 241 24.81 -42.50 15.37
N PRO F 242 25.19 -42.43 14.06
CA PRO F 242 24.45 -43.20 13.04
C PRO F 242 24.59 -44.73 13.09
N ALA F 243 25.68 -45.27 13.68
CA ALA F 243 25.91 -46.73 13.74
C ALA F 243 25.23 -47.35 14.95
N THR F 244 23.90 -47.47 14.84
CA THR F 244 22.99 -47.95 15.88
C THR F 244 21.80 -48.65 15.22
N GLY F 245 21.22 -49.61 15.95
CA GLY F 245 20.10 -50.42 15.47
C GLY F 245 18.80 -49.73 15.16
N THR F 246 18.37 -48.80 16.04
CA THR F 246 17.09 -48.10 15.87
C THR F 246 17.24 -46.57 15.87
N PRO F 247 17.84 -45.93 14.83
CA PRO F 247 17.94 -44.47 14.84
C PRO F 247 16.61 -43.78 14.59
N VAL F 248 16.38 -42.64 15.29
CA VAL F 248 15.18 -41.81 15.14
C VAL F 248 15.67 -40.36 15.04
N VAL F 249 15.22 -39.65 13.97
CA VAL F 249 15.58 -38.25 13.69
C VAL F 249 15.09 -37.29 14.79
N GLY F 250 15.69 -36.11 14.83
CA GLY F 250 15.37 -35.02 15.74
C GLY F 250 15.74 -35.29 17.18
N GLY F 251 16.90 -35.93 17.37
CA GLY F 251 17.39 -36.30 18.69
C GLY F 251 18.24 -35.27 19.40
N LEU F 252 18.74 -35.65 20.57
CA LEU F 252 19.62 -34.81 21.40
C LEU F 252 20.89 -34.54 20.62
N THR F 253 21.35 -33.28 20.64
CA THR F 253 22.59 -32.86 19.98
C THR F 253 23.80 -33.40 20.72
N TYR F 254 25.01 -33.31 20.09
CA TYR F 254 26.30 -33.70 20.68
C TYR F 254 26.47 -32.93 22.00
N ARG F 255 26.20 -31.59 21.98
CA ARG F 255 26.31 -30.66 23.10
C ARG F 255 25.40 -31.07 24.25
N GLU F 256 24.12 -31.39 23.95
CA GLU F 256 23.13 -31.79 24.95
C GLU F 256 23.53 -33.04 25.71
N GLY F 257 24.00 -34.05 25.00
CA GLY F 257 24.48 -35.31 25.56
C GLY F 257 25.63 -35.05 26.52
N LEU F 258 26.60 -34.19 26.09
CA LEU F 258 27.73 -33.78 26.93
C LEU F 258 27.24 -32.99 28.16
N TYR F 259 26.26 -32.09 27.98
CA TYR F 259 25.71 -31.32 29.08
C TYR F 259 25.09 -32.21 30.15
N ILE F 260 24.26 -33.19 29.73
CA ILE F 260 23.59 -34.17 30.58
C ILE F 260 24.62 -34.87 31.45
N THR F 261 25.64 -35.46 30.83
CA THR F 261 26.67 -36.26 31.46
C THR F 261 27.57 -35.39 32.35
N GLU F 262 27.82 -34.13 31.95
CA GLU F 262 28.56 -33.17 32.77
C GLU F 262 27.82 -32.81 34.06
N GLU F 263 26.48 -32.68 34.01
CA GLU F 263 25.67 -32.33 35.18
C GLU F 263 25.56 -33.50 36.15
N ILE F 264 25.46 -34.74 35.61
CA ILE F 264 25.43 -35.98 36.38
C ILE F 264 26.81 -36.15 37.07
N TYR F 265 27.94 -35.95 36.32
CA TYR F 265 29.27 -36.03 36.93
C TYR F 265 29.37 -35.10 38.15
N LYS F 266 28.94 -33.83 37.96
CA LYS F 266 28.92 -32.74 38.92
C LYS F 266 28.19 -33.05 40.24
N THR F 267 27.24 -34.00 40.24
CA THR F 267 26.51 -34.43 41.45
C THR F 267 27.47 -35.25 42.36
N GLY F 268 28.39 -35.96 41.74
CA GLY F 268 29.32 -36.86 42.43
C GLY F 268 28.58 -38.08 42.93
N LEU F 269 27.40 -38.35 42.35
CA LEU F 269 26.52 -39.45 42.75
C LEU F 269 26.39 -40.56 41.69
N LEU F 270 27.10 -40.44 40.53
CA LEU F 270 27.11 -41.48 39.50
C LEU F 270 27.68 -42.74 40.16
N SER F 271 27.00 -43.87 40.01
CA SER F 271 27.35 -45.12 40.67
C SER F 271 27.36 -46.27 39.66
N GLY F 272 26.55 -46.13 38.62
CA GLY F 272 26.42 -47.11 37.54
C GLY F 272 26.26 -46.41 36.20
N LEU F 273 26.86 -47.00 35.14
CA LEU F 273 26.79 -46.44 33.79
C LEU F 273 26.66 -47.55 32.72
N ASP F 274 25.80 -47.31 31.71
CA ASP F 274 25.54 -48.22 30.58
C ASP F 274 25.81 -47.48 29.27
N ILE F 275 26.71 -48.00 28.42
CA ILE F 275 27.02 -47.43 27.10
C ILE F 275 26.49 -48.44 26.08
N MET F 276 25.24 -48.24 25.66
CA MET F 276 24.47 -49.19 24.87
C MET F 276 24.09 -48.79 23.46
N GLU F 277 23.90 -49.83 22.62
CA GLU F 277 23.39 -49.86 21.24
C GLU F 277 24.38 -49.37 20.18
N VAL F 278 25.68 -49.40 20.46
CA VAL F 278 26.71 -49.06 19.45
C VAL F 278 26.88 -50.30 18.57
N ASN F 279 26.37 -50.24 17.32
CA ASN F 279 26.53 -51.36 16.39
C ASN F 279 27.51 -50.94 15.26
N PRO F 280 28.79 -51.37 15.34
CA PRO F 280 29.79 -50.96 14.33
C PRO F 280 29.60 -51.52 12.91
N SER F 281 28.58 -52.37 12.70
CA SER F 281 28.31 -52.90 11.35
C SER F 281 27.12 -52.17 10.72
N LEU F 282 26.55 -51.19 11.43
CA LEU F 282 25.40 -50.44 10.91
C LEU F 282 25.75 -49.02 10.41
N GLY F 283 27.04 -48.76 10.21
CA GLY F 283 27.50 -47.51 9.64
C GLY F 283 27.53 -47.61 8.12
N LYS F 284 26.99 -46.60 7.42
CA LYS F 284 26.93 -46.54 5.96
C LYS F 284 28.31 -46.33 5.32
N THR F 285 29.25 -45.79 6.10
CA THR F 285 30.64 -45.52 5.71
C THR F 285 31.52 -45.93 6.89
N PRO F 286 32.85 -46.13 6.71
CA PRO F 286 33.71 -46.39 7.88
C PRO F 286 33.71 -45.20 8.85
N GLU F 287 33.61 -43.96 8.31
CA GLU F 287 33.57 -42.68 9.02
C GLU F 287 32.39 -42.60 10.02
N GLU F 288 31.20 -43.10 9.63
CA GLU F 288 30.01 -43.09 10.48
C GLU F 288 30.23 -43.93 11.73
N VAL F 289 30.96 -45.05 11.58
CA VAL F 289 31.32 -45.94 12.69
C VAL F 289 32.24 -45.15 13.62
N THR F 290 33.32 -44.52 13.07
CA THR F 290 34.27 -43.72 13.87
C THR F 290 33.58 -42.55 14.57
N ARG F 291 32.58 -41.94 13.90
CA ARG F 291 31.79 -40.84 14.43
C ARG F 291 30.98 -41.31 15.63
N THR F 292 30.20 -42.41 15.49
CA THR F 292 29.34 -43.01 16.53
C THR F 292 30.16 -43.37 17.75
N VAL F 293 31.30 -44.08 17.54
CA VAL F 293 32.25 -44.51 18.58
C VAL F 293 32.89 -43.31 19.26
N ASN F 294 33.33 -42.29 18.49
CA ASN F 294 33.92 -41.12 19.14
C ASN F 294 32.89 -40.38 20.00
N THR F 295 31.60 -40.39 19.60
CA THR F 295 30.55 -39.74 20.38
C THR F 295 30.30 -40.53 21.67
N ALA F 296 30.22 -41.86 21.56
CA ALA F 296 30.04 -42.74 22.72
C ALA F 296 31.23 -42.60 23.70
N VAL F 297 32.45 -42.41 23.19
CA VAL F 297 33.66 -42.20 24.01
C VAL F 297 33.59 -40.85 24.76
N ALA F 298 33.23 -39.75 24.06
CA ALA F 298 33.14 -38.42 24.68
C ALA F 298 32.07 -38.33 25.77
N ILE F 299 30.89 -38.96 25.54
CA ILE F 299 29.79 -39.04 26.51
C ILE F 299 30.31 -39.68 27.81
N THR F 300 31.02 -40.83 27.67
CA THR F 300 31.63 -41.60 28.74
C THR F 300 32.69 -40.79 29.49
N LEU F 301 33.54 -40.00 28.77
CA LEU F 301 34.60 -39.18 29.39
C LEU F 301 34.02 -38.07 30.25
N ALA F 302 32.96 -37.39 29.76
CA ALA F 302 32.25 -36.35 30.50
C ALA F 302 31.60 -36.95 31.77
N CYS F 303 31.20 -38.25 31.75
CA CYS F 303 30.63 -38.92 32.93
C CYS F 303 31.67 -38.99 34.06
N PHE F 304 32.98 -39.08 33.71
CA PHE F 304 34.03 -39.25 34.71
C PHE F 304 34.99 -38.04 34.86
N GLY F 305 34.50 -36.83 34.64
CA GLY F 305 35.33 -35.65 34.92
C GLY F 305 35.50 -34.59 33.87
N LEU F 306 35.90 -35.00 32.64
CA LEU F 306 36.20 -34.11 31.50
C LEU F 306 35.14 -33.05 31.24
N ALA F 307 35.50 -31.78 31.47
CA ALA F 307 34.61 -30.64 31.29
C ALA F 307 35.01 -29.77 30.10
N ARG F 308 34.02 -29.21 29.39
CA ARG F 308 34.34 -28.35 28.24
C ARG F 308 35.03 -27.04 28.65
N GLU F 309 34.82 -26.55 29.89
CA GLU F 309 35.48 -25.31 30.37
C GLU F 309 36.97 -25.55 30.62
N GLY F 310 37.33 -26.83 30.75
CA GLY F 310 38.69 -27.29 30.94
C GLY F 310 38.84 -28.10 32.20
N ASN F 311 40.06 -28.60 32.45
CA ASN F 311 40.44 -29.37 33.63
C ASN F 311 41.90 -29.08 33.97
N HIS F 312 42.23 -29.06 35.27
CA HIS F 312 43.58 -28.87 35.79
C HIS F 312 43.78 -29.61 37.12
N LYS F 313 44.99 -30.14 37.35
CA LYS F 313 45.37 -30.83 38.59
C LYS F 313 45.49 -29.79 39.75
N PRO F 314 45.36 -30.18 41.05
CA PRO F 314 45.47 -29.17 42.14
C PRO F 314 46.91 -28.75 42.46
N ILE F 315 47.55 -28.09 41.47
CA ILE F 315 48.92 -27.59 41.50
C ILE F 315 48.94 -26.17 40.92
N ASP F 316 50.06 -25.44 41.11
CA ASP F 316 50.23 -24.09 40.60
C ASP F 316 50.92 -24.19 39.25
N TYR F 317 50.15 -23.99 38.17
CA TYR F 317 50.66 -24.02 36.80
C TYR F 317 51.48 -22.79 36.46
N LEU F 318 51.29 -21.68 37.21
CA LEU F 318 52.03 -20.43 37.01
C LEU F 318 53.40 -20.40 37.76
N ASN F 319 53.78 -21.55 38.40
CA ASN F 319 55.03 -21.75 39.14
C ASN F 319 56.00 -22.58 38.30
#